data_7P7P
#
_entry.id   7P7P
#
_cell.length_a   75.342
_cell.length_b   134.618
_cell.length_c   129.137
_cell.angle_alpha   90.000
_cell.angle_beta   90.478
_cell.angle_gamma   90.000
#
_symmetry.space_group_name_H-M   'P 1 21 1'
#
loop_
_entity.id
_entity.type
_entity.pdbx_description
1 polymer 'Endoplasmic reticulum aminopeptidase 2'
2 branched alpha-D-mannopyranose-(1-3)-beta-D-mannopyranose-(1-4)-2-acetamido-2-deoxy-beta-D-glucopyranose-(1-4)-2-acetamido-2-deoxy-beta-D-glucopyranose
3 branched alpha-D-mannopyranose-(1-6)-beta-D-mannopyranose-(1-4)-2-acetamido-2-deoxy-beta-D-glucopyranose-(1-4)-2-acetamido-2-deoxy-beta-D-glucopyranose
4 branched 2-acetamido-2-deoxy-beta-D-glucopyranose-(1-4)-2-acetamido-2-deoxy-beta-D-glucopyranose
5 branched beta-D-mannopyranose-(1-4)-2-acetamido-2-deoxy-beta-D-glucopyranose-(1-4)-2-acetamido-2-deoxy-beta-D-glucopyranose
6 branched alpha-D-mannopyranose-(1-3)-[alpha-D-mannopyranose-(1-6)]beta-D-mannopyranose-(1-4)-2-acetamido-2-deoxy-beta-D-glucopyranose-(1-4)-2-acetamido-2-deoxy-beta-D-glucopyranose
7 non-polymer '[(2~{S})-3-[[(2~{S})-1-azanyl-1-oxidanylidene-3-phenyl-propan-2-yl]amino]-2-[[3-(2-hydroxyphenyl)-1,2-oxazol-5-yl]methyl]-3-oxidanylidene-propyl]-[(1~{R})-1-azanyl-3-phenyl-propyl]phosphinic acid'
8 non-polymer 2-acetamido-2-deoxy-beta-D-glucopyranose
9 non-polymer DI(HYDROXYETHYL)ETHER
10 non-polymer 'TRIETHYLENE GLYCOL'
11 non-polymer '2-(N-MORPHOLINO)-ETHANESULFONIC ACID'
12 non-polymer 1,2-ETHANEDIOL
13 non-polymer 1,3-PROPANDIOL
14 non-polymer IMIDAZOLE
15 non-polymer 'ZINC ION'
16 water water
#
_entity_poly.entity_id   1
_entity_poly.type   'polypeptide(L)'
_entity_poly.pdbx_seq_one_letter_code
;MFHSSAMVNSHRKPMFNIHRGFYCLTAILPQICICSQFSVPSSYHFTEDPGAFPVATNGERFPWQELRLPSVVIPLHYDL
FVHPNLTSLDFVASEKIEVLVSNATQFIILHSKDLEITNATLQSEEDSRYMKPGKELKVLSYPAHEQIALLVPEKLTPHL
KYYVAMDFQAKLGDGFEGFYKSTYRTLGGETRILAVTDFEPTQARMAFPCFDEPLFKANFSIKIRRESRHIALSNMPKVK
TIELEGGLLEDHFETTVKMSTYLVAYIVCDFHSLSGFTSSGVKVSIYASPDKRNQTHYALQASLKLLDFYEKYFDIYYPL
SKLDLIAIPDFAPGAMENWGLITYRETSLLFDPKTSSASDKLWVTRVIAHELAHQWFGNLVTMEWWNDIWLNEGFAKYME
LIAVNATYPELQFDDYFLNVCFEVITKDSLNSSRPISKPAETPTQIQEMFDEVSYNKGACILNMLKDFLGEEKFQKGIIQ
YLKKFSYRNAKNDDLWSSLSNSCLESDFTSGGVCHSDPKMTSNMLAFLGENAEVKEMMTTWTLQKGIPLLVVKQDGCSLR
LQQERFLQGVFQEDPEWRALQERYLWHIPLTYSTSSSNVIHRHILKSKTDTLDLPEKTSWVKFNVDSNGYYIVHYEGHGW
DQLITQLNQNHTLLRPKDRVGLIHDVFQLVGAGRLTLDKALDMTYYLQHETSSPALLEGLSYLESFYHMMDRRNISDISE
NLKRYLLQYFKPVIDRQSWSDKGSVWDRMLRSALLKLACDLNHAPCIQKAAELFSQWMESSGKLNIPTDVLKIVYSVGAQ
TTAGWNYLLEQYELSMSSAEQNKILYALSTSKHQEKLLKLIELGMEGKVIKTQNLAALLHAIARRPKGQQLAWDFVRENW
THLLKKFDLGSYDIRMIISGTTAHFSSKDKLQEVKLFFESLEAQGSHLDIFQTVLETITKNIKWLEKNLPTLRTWLMVNT
RH
;
_entity_poly.pdbx_strand_id   A,B
#
# COMPACT_ATOMS: atom_id res chain seq x y z
N PRO A 50 -1.81 54.45 -8.23
CA PRO A 50 -2.32 53.32 -7.43
C PRO A 50 -3.29 52.41 -8.20
N GLY A 51 -3.34 52.58 -9.53
CA GLY A 51 -4.13 51.74 -10.40
C GLY A 51 -3.40 50.67 -11.19
N ALA A 52 -2.29 51.04 -11.86
CA ALA A 52 -1.45 50.08 -12.57
C ALA A 52 -0.72 49.15 -11.61
N PHE A 53 -0.74 49.47 -10.32
CA PHE A 53 -0.23 48.59 -9.29
C PHE A 53 -1.05 47.29 -9.27
N PRO A 54 -0.42 46.18 -8.93
CA PRO A 54 -1.16 44.93 -8.79
C PRO A 54 -2.05 44.98 -7.58
N VAL A 55 -3.02 44.07 -7.55
CA VAL A 55 -4.06 44.03 -6.53
C VAL A 55 -3.86 42.77 -5.70
N ALA A 56 -3.74 42.93 -4.38
CA ALA A 56 -3.70 41.79 -3.50
C ALA A 56 -5.10 41.19 -3.34
N THR A 57 -5.16 39.96 -2.85
CA THR A 57 -6.45 39.43 -2.43
C THR A 57 -6.87 40.18 -1.19
N ASN A 58 -8.18 40.44 -1.08
CA ASN A 58 -8.85 41.51 -0.34
C ASN A 58 -8.97 42.82 -1.13
N GLY A 59 -8.36 42.94 -2.31
CA GLY A 59 -8.46 44.17 -3.07
C GLY A 59 -7.70 45.35 -2.50
N GLU A 60 -6.38 45.36 -2.55
CA GLU A 60 -5.63 46.57 -2.20
C GLU A 60 -4.47 46.75 -3.17
N ARG A 61 -3.79 47.90 -3.11
CA ARG A 61 -2.60 48.15 -3.92
C ARG A 61 -1.36 47.56 -3.25
N PHE A 62 -0.76 46.56 -3.90
CA PHE A 62 0.46 45.95 -3.39
C PHE A 62 1.65 46.88 -3.59
N PRO A 63 2.41 47.16 -2.53
CA PRO A 63 3.42 48.23 -2.62
C PRO A 63 4.53 48.00 -3.63
N TRP A 64 4.76 46.77 -4.11
CA TRP A 64 6.04 46.52 -4.79
C TRP A 64 5.94 46.20 -6.28
N GLN A 65 5.26 45.12 -6.66
CA GLN A 65 4.96 44.82 -8.07
C GLN A 65 6.15 44.33 -8.91
N GLU A 66 7.30 44.04 -8.31
CA GLU A 66 8.44 43.54 -9.08
C GLU A 66 8.80 42.13 -8.63
N LEU A 67 9.42 41.38 -9.54
CA LEU A 67 9.62 39.95 -9.29
C LEU A 67 10.61 39.71 -8.17
N ARG A 68 11.65 40.55 -8.10
CA ARG A 68 12.62 40.41 -7.03
C ARG A 68 12.12 41.12 -5.79
N LEU A 69 12.91 41.03 -4.74
CA LEU A 69 12.60 41.69 -3.49
C LEU A 69 13.44 42.94 -3.35
N PRO A 70 13.13 43.76 -2.36
CA PRO A 70 13.90 44.99 -2.14
C PRO A 70 15.08 44.84 -1.18
N SER A 71 16.20 45.47 -1.54
CA SER A 71 17.44 45.37 -0.78
C SER A 71 17.56 46.49 0.26
N VAL A 72 16.49 46.67 1.01
CA VAL A 72 16.41 47.73 2.00
C VAL A 72 16.16 47.19 3.39
N VAL A 73 15.53 46.03 3.48
CA VAL A 73 15.29 45.32 4.72
C VAL A 73 16.05 44.01 4.56
N ILE A 74 17.16 43.89 5.28
CA ILE A 74 18.14 42.82 5.12
C ILE A 74 18.00 41.84 6.29
N PRO A 75 17.58 40.60 6.06
CA PRO A 75 17.46 39.66 7.17
C PRO A 75 18.82 39.22 7.69
N LEU A 76 18.94 39.17 9.01
CA LEU A 76 20.14 38.80 9.74
C LEU A 76 20.01 37.46 10.46
N HIS A 77 18.87 37.17 11.08
CA HIS A 77 18.74 35.97 11.91
C HIS A 77 17.27 35.54 11.97
N TYR A 78 17.01 34.25 11.72
CA TYR A 78 15.67 33.71 11.81
C TYR A 78 15.54 32.79 13.02
N ASP A 79 14.53 33.05 13.85
CA ASP A 79 14.09 32.14 14.93
C ASP A 79 12.87 31.42 14.39
N LEU A 80 13.01 30.13 14.16
CA LEU A 80 12.00 29.32 13.48
C LEU A 80 11.50 28.21 14.39
N PHE A 81 10.22 28.22 14.66
CA PHE A 81 9.59 27.19 15.46
C PHE A 81 8.53 26.47 14.62
N VAL A 82 8.76 25.18 14.37
CA VAL A 82 7.88 24.34 13.55
C VAL A 82 7.35 23.20 14.40
N HIS A 83 6.03 22.97 14.32
CA HIS A 83 5.35 21.95 15.13
C HIS A 83 4.41 21.17 14.22
N PRO A 84 4.92 20.15 13.54
CA PRO A 84 4.05 19.35 12.66
C PRO A 84 3.32 18.23 13.39
N ASN A 85 2.06 17.96 12.97
CA ASN A 85 1.35 16.75 13.41
C ASN A 85 1.29 15.74 12.28
N LEU A 86 1.88 14.58 12.51
CA LEU A 86 1.92 13.52 11.51
C LEU A 86 0.67 12.65 11.52
N THR A 87 -0.22 12.82 12.49
CA THR A 87 -1.56 12.25 12.40
C THR A 87 -2.52 13.19 11.68
N SER A 88 -2.56 14.46 12.08
CA SER A 88 -3.33 15.46 11.35
C SER A 88 -2.77 15.74 9.95
N LEU A 89 -1.48 15.44 9.68
CA LEU A 89 -0.80 15.89 8.47
C LEU A 89 -0.89 17.42 8.32
N ASP A 90 -0.72 18.10 9.46
CA ASP A 90 -0.79 19.54 9.66
C ASP A 90 0.58 20.05 10.05
N PHE A 91 0.78 21.36 9.90
CA PHE A 91 1.79 21.99 10.73
C PHE A 91 1.37 23.37 11.20
N VAL A 92 1.65 23.64 12.49
CA VAL A 92 1.58 24.96 13.11
C VAL A 92 3.00 25.49 13.41
N ALA A 93 3.27 26.75 13.04
CA ALA A 93 4.62 27.28 13.18
C ALA A 93 4.61 28.81 13.38
N SER A 94 5.74 29.32 13.87
CA SER A 94 5.92 30.74 14.19
C SER A 94 7.37 31.15 14.00
N GLU A 95 7.61 32.43 13.66
CA GLU A 95 8.98 32.87 13.34
C GLU A 95 9.22 34.35 13.70
N LYS A 96 10.45 34.65 14.14
CA LYS A 96 10.93 36.00 14.43
C LYS A 96 12.19 36.28 13.62
N ILE A 97 12.10 37.22 12.68
CA ILE A 97 13.22 37.53 11.80
C ILE A 97 13.86 38.81 12.31
N GLU A 98 15.14 38.74 12.66
CA GLU A 98 15.86 39.94 13.07
C GLU A 98 16.38 40.58 11.80
N VAL A 99 15.86 41.77 11.48
CA VAL A 99 16.13 42.43 10.21
C VAL A 99 16.86 43.74 10.46
N LEU A 100 17.52 44.21 9.42
CA LEU A 100 18.21 45.48 9.45
C LEU A 100 17.66 46.31 8.31
N VAL A 101 17.50 47.61 8.56
CA VAL A 101 16.93 48.53 7.59
C VAL A 101 18.02 49.47 7.10
N SER A 102 18.27 49.46 5.79
CA SER A 102 19.28 50.33 5.24
C SER A 102 18.72 51.68 4.80
N ASN A 103 17.41 51.76 4.56
CA ASN A 103 16.72 52.89 3.93
C ASN A 103 15.30 52.93 4.46
N ALA A 104 14.79 54.14 4.71
CA ALA A 104 13.50 54.30 5.37
C ALA A 104 12.34 53.77 4.52
N THR A 105 11.49 52.94 5.14
CA THR A 105 10.42 52.19 4.47
C THR A 105 9.14 52.25 5.27
N GLN A 106 8.03 51.92 4.61
CA GLN A 106 6.72 51.86 5.22
C GLN A 106 6.14 50.46 5.16
N PHE A 107 6.73 49.58 4.37
CA PHE A 107 6.10 48.37 3.89
C PHE A 107 7.20 47.33 3.78
N ILE A 108 6.97 46.14 4.32
CA ILE A 108 7.95 45.07 4.32
C ILE A 108 7.51 44.03 3.30
N ILE A 109 8.44 43.57 2.45
CA ILE A 109 8.12 42.59 1.40
C ILE A 109 8.91 41.30 1.61
N LEU A 110 8.19 40.19 1.63
CA LEU A 110 8.74 38.86 1.84
C LEU A 110 8.18 37.90 0.78
N HIS A 111 8.63 36.65 0.84
CA HIS A 111 8.03 35.57 0.06
C HIS A 111 7.20 34.73 1.01
N SER A 112 5.99 34.38 0.60
CA SER A 112 5.22 33.32 1.22
C SER A 112 4.34 32.72 0.13
N LYS A 113 4.06 31.42 0.26
CA LYS A 113 3.25 30.68 -0.70
C LYS A 113 2.55 29.53 0.01
N ASP A 114 1.25 29.45 -0.23
CA ASP A 114 0.35 28.47 0.37
C ASP A 114 0.57 28.37 1.88
N LEU A 115 0.71 29.52 2.52
CA LEU A 115 0.82 29.59 3.97
C LEU A 115 -0.19 30.58 4.52
N GLU A 116 -1.02 30.15 5.48
CA GLU A 116 -1.99 31.03 6.15
C GLU A 116 -1.32 31.73 7.32
N ILE A 117 -0.96 33.01 7.13
CA ILE A 117 -0.40 33.83 8.20
C ILE A 117 -1.51 34.36 9.10
N THR A 118 -1.34 34.16 10.41
CA THR A 118 -2.39 34.35 11.41
C THR A 118 -2.25 35.63 12.23
N ASN A 119 -1.06 36.22 12.24
CA ASN A 119 -0.63 37.20 13.23
C ASN A 119 0.66 37.83 12.74
N ALA A 120 0.77 39.14 12.86
CA ALA A 120 1.95 39.83 12.36
C ALA A 120 2.27 40.99 13.27
N THR A 121 3.47 41.00 13.85
CA THR A 121 3.89 42.02 14.79
C THR A 121 5.27 42.54 14.38
N LEU A 122 5.69 43.63 15.03
CA LEU A 122 7.01 44.21 14.82
C LEU A 122 7.51 44.84 16.10
N GLN A 123 8.71 44.46 16.55
CA GLN A 123 9.28 44.96 17.79
C GLN A 123 10.66 45.53 17.52
N SER A 124 11.23 46.18 18.51
CA SER A 124 12.62 46.59 18.39
C SER A 124 13.18 46.91 19.77
N GLU A 125 14.49 46.74 19.89
CA GLU A 125 15.24 47.18 21.05
C GLU A 125 16.12 48.38 20.75
N GLU A 126 16.18 48.82 19.50
CA GLU A 126 16.89 50.04 19.14
C GLU A 126 15.93 51.18 18.84
N ASP A 127 14.83 50.90 18.15
CA ASP A 127 13.80 51.90 17.85
C ASP A 127 12.73 51.79 18.93
N SER A 128 12.65 52.82 19.78
CA SER A 128 11.79 52.76 20.95
C SER A 128 10.34 52.50 20.57
N ARG A 129 9.90 53.11 19.46
CA ARG A 129 8.48 53.16 19.12
C ARG A 129 7.89 51.76 19.04
N TYR A 130 8.64 50.84 18.47
CA TYR A 130 8.25 49.45 18.47
C TYR A 130 8.85 48.72 19.68
N MET A 131 8.67 49.33 20.85
CA MET A 131 9.09 48.70 22.09
C MET A 131 8.14 47.56 22.44
N LYS A 132 8.63 46.67 23.28
CA LYS A 132 7.86 45.51 23.72
C LYS A 132 6.50 45.97 24.23
N PRO A 133 5.40 45.28 23.89
CA PRO A 133 5.30 44.11 23.03
C PRO A 133 5.11 44.43 21.55
N GLY A 134 5.63 45.57 21.10
CA GLY A 134 5.60 45.94 19.69
C GLY A 134 4.20 46.29 19.20
N LYS A 135 4.07 46.34 17.87
CA LYS A 135 2.80 46.69 17.23
C LYS A 135 2.39 45.61 16.24
N GLU A 136 1.08 45.48 16.06
CA GLU A 136 0.53 44.58 15.05
C GLU A 136 0.68 45.15 13.63
N LEU A 137 0.97 44.27 12.69
CA LEU A 137 1.15 44.59 11.29
C LEU A 137 -0.06 44.16 10.49
N LYS A 138 -0.31 44.87 9.39
CA LYS A 138 -1.35 44.49 8.46
C LYS A 138 -0.70 43.77 7.29
N VAL A 139 -1.32 42.67 6.89
CA VAL A 139 -0.76 41.72 5.94
C VAL A 139 -1.57 41.82 4.64
N LEU A 140 -0.86 41.98 3.53
CA LEU A 140 -1.42 41.94 2.17
C LEU A 140 -0.75 40.83 1.37
N SER A 141 -1.53 39.89 0.83
CA SER A 141 -0.98 38.79 0.03
C SER A 141 -1.19 39.01 -1.47
N TYR A 142 -0.13 38.75 -2.27
CA TYR A 142 -0.19 38.91 -3.73
C TYR A 142 0.35 37.66 -4.42
N PRO A 143 -0.46 36.60 -4.53
CA PRO A 143 0.09 35.27 -4.83
C PRO A 143 0.84 35.18 -6.15
N ALA A 144 0.40 35.96 -7.13
CA ALA A 144 1.00 35.96 -8.46
C ALA A 144 2.52 36.10 -8.43
N HIS A 145 3.08 36.84 -7.48
CA HIS A 145 4.53 36.96 -7.40
C HIS A 145 5.11 36.27 -6.16
N GLU A 146 4.31 35.40 -5.53
CA GLU A 146 4.69 34.63 -4.34
C GLU A 146 5.24 35.55 -3.24
N GLN A 147 4.72 36.77 -3.19
CA GLN A 147 5.19 37.80 -2.28
C GLN A 147 4.08 38.12 -1.29
N ILE A 148 4.52 38.50 -0.09
CA ILE A 148 3.67 38.86 1.03
C ILE A 148 4.12 40.24 1.47
N ALA A 149 3.20 41.17 1.66
CA ALA A 149 3.60 42.52 2.04
C ALA A 149 3.00 42.86 3.41
N LEU A 150 3.88 43.24 4.34
CA LEU A 150 3.50 43.75 5.66
C LEU A 150 3.68 45.26 5.71
N LEU A 151 2.65 45.96 6.13
CA LEU A 151 2.67 47.41 6.26
C LEU A 151 2.84 47.80 7.72
N VAL A 152 3.67 48.82 7.97
CA VAL A 152 3.88 49.34 9.32
C VAL A 152 3.13 50.65 9.51
N PRO A 153 2.69 50.97 10.74
CA PRO A 153 1.96 52.22 10.93
C PRO A 153 2.82 53.48 10.83
N GLU A 154 4.15 53.38 10.94
CA GLU A 154 5.03 54.54 10.73
C GLU A 154 6.38 54.10 10.16
N LYS A 155 6.90 54.89 9.21
CA LYS A 155 8.13 54.56 8.49
C LYS A 155 9.26 54.24 9.47
N LEU A 156 10.16 53.36 9.03
CA LEU A 156 11.20 52.84 9.89
C LEU A 156 12.52 53.60 9.68
N THR A 157 13.53 53.28 10.51
CA THR A 157 14.71 54.10 10.64
C THR A 157 15.94 53.40 10.08
N PRO A 158 16.75 54.09 9.29
CA PRO A 158 17.98 53.49 8.77
C PRO A 158 18.95 53.13 9.90
N HIS A 159 19.67 52.03 9.69
CA HIS A 159 20.70 51.51 10.59
C HIS A 159 20.15 51.00 11.92
N LEU A 160 18.86 50.67 11.97
CA LEU A 160 18.20 50.20 13.18
C LEU A 160 17.56 48.85 12.92
N LYS A 161 17.85 47.88 13.79
CA LYS A 161 17.40 46.50 13.62
C LYS A 161 16.03 46.31 14.27
N TYR A 162 15.15 45.57 13.59
CA TYR A 162 13.81 45.28 14.07
C TYR A 162 13.56 43.79 14.12
N TYR A 163 12.50 43.41 14.82
CA TYR A 163 12.10 42.01 14.88
C TYR A 163 10.70 41.85 14.28
N VAL A 164 10.62 41.06 13.21
CA VAL A 164 9.36 40.70 12.54
C VAL A 164 8.95 39.33 13.02
N ALA A 165 7.70 39.21 13.46
CA ALA A 165 7.16 37.96 13.97
C ALA A 165 5.88 37.62 13.25
N MET A 166 5.71 36.33 12.94
CA MET A 166 4.47 35.87 12.34
C MET A 166 4.12 34.48 12.88
N ASP A 167 2.82 34.21 12.94
CA ASP A 167 2.26 32.90 13.21
C ASP A 167 1.57 32.44 11.94
N PHE A 168 1.93 31.25 11.47
CA PHE A 168 1.40 30.74 10.20
C PHE A 168 1.13 29.25 10.32
N GLN A 169 0.39 28.73 9.35
CA GLN A 169 0.01 27.33 9.39
C GLN A 169 -0.25 26.84 7.98
N ALA A 170 -0.15 25.51 7.80
CA ALA A 170 -0.51 24.88 6.53
C ALA A 170 -0.64 23.38 6.70
N LYS A 171 -1.06 22.72 5.63
CA LYS A 171 -0.96 21.27 5.52
C LYS A 171 0.41 20.86 4.95
N LEU A 172 0.88 19.68 5.37
CA LEU A 172 2.05 19.07 4.74
C LEU A 172 1.72 18.76 3.30
N GLY A 173 2.66 19.07 2.40
CA GLY A 173 2.42 18.93 0.98
C GLY A 173 2.20 17.48 0.58
N ASP A 174 1.51 17.31 -0.53
CA ASP A 174 1.38 16.02 -1.18
C ASP A 174 2.23 15.96 -2.42
N GLY A 175 3.15 16.89 -2.56
CA GLY A 175 4.05 16.90 -3.68
C GLY A 175 5.44 16.49 -3.26
N PHE A 176 6.44 16.97 -3.99
CA PHE A 176 7.82 16.73 -3.62
C PHE A 176 8.53 18.00 -3.20
N GLU A 177 7.80 19.03 -2.79
CA GLU A 177 8.44 20.29 -2.42
C GLU A 177 7.78 20.86 -1.18
N GLY A 178 8.49 21.82 -0.57
CA GLY A 178 8.03 22.48 0.63
C GLY A 178 8.32 21.59 1.82
N PHE A 179 7.46 21.70 2.82
CA PHE A 179 7.40 20.75 3.92
C PHE A 179 6.35 19.69 3.60
N TYR A 180 6.79 18.55 3.06
CA TYR A 180 5.84 17.59 2.52
C TYR A 180 5.82 16.28 3.30
N LYS A 181 4.91 15.39 2.88
CA LYS A 181 4.69 14.09 3.50
C LYS A 181 5.29 12.96 2.64
N SER A 182 6.02 12.07 3.30
CA SER A 182 6.68 10.92 2.70
C SER A 182 6.30 9.68 3.47
N THR A 183 6.47 8.54 2.81
CA THR A 183 5.90 7.33 3.33
C THR A 183 6.75 6.14 2.91
N TYR A 184 6.97 5.20 3.82
CA TYR A 184 7.71 4.01 3.46
C TYR A 184 7.06 2.74 3.99
N ARG A 185 7.51 1.60 3.43
CA ARG A 185 7.09 0.25 3.82
C ARG A 185 8.16 -0.40 4.68
N THR A 186 7.71 -1.05 5.77
CA THR A 186 8.64 -1.80 6.61
C THR A 186 8.74 -3.23 6.10
N LEU A 187 9.57 -3.99 6.77
CA LEU A 187 9.73 -5.40 6.49
C LEU A 187 8.54 -6.22 6.95
N GLY A 188 7.84 -5.76 7.99
CA GLY A 188 6.63 -6.39 8.42
C GLY A 188 5.47 -6.13 7.50
N GLY A 189 5.57 -5.10 6.68
CA GLY A 189 4.47 -4.62 5.87
C GLY A 189 3.70 -3.47 6.46
N GLU A 190 4.21 -2.86 7.53
CA GLU A 190 3.62 -1.63 8.05
C GLU A 190 3.95 -0.47 7.11
N THR A 191 3.19 0.59 7.24
CA THR A 191 3.40 1.82 6.49
C THR A 191 3.58 2.96 7.48
N ARG A 192 4.70 3.68 7.37
CA ARG A 192 4.98 4.80 8.25
C ARG A 192 5.13 6.10 7.49
N ILE A 193 5.00 7.18 8.22
CA ILE A 193 5.07 8.51 7.65
C ILE A 193 6.25 9.24 8.27
N LEU A 194 6.77 10.19 7.49
CA LEU A 194 7.70 11.19 8.02
C LEU A 194 7.40 12.51 7.33
N ALA A 195 7.94 13.58 7.88
CA ALA A 195 7.85 14.91 7.29
C ALA A 195 9.24 15.37 6.90
N VAL A 196 9.38 15.91 5.69
CA VAL A 196 10.68 16.22 5.15
C VAL A 196 10.58 17.53 4.38
N THR A 197 11.74 18.20 4.18
CA THR A 197 11.81 19.49 3.48
C THR A 197 12.60 19.33 2.20
N ASP A 198 12.13 19.93 1.11
CA ASP A 198 12.96 20.19 -0.06
C ASP A 198 12.65 21.57 -0.61
N PHE A 199 13.65 22.46 -0.59
CA PHE A 199 13.39 23.85 -0.91
C PHE A 199 14.06 24.38 -2.15
N GLU A 200 15.21 23.86 -2.56
CA GLU A 200 15.86 24.43 -3.75
C GLU A 200 15.03 24.18 -4.99
N PRO A 201 14.83 25.22 -5.83
CA PRO A 201 15.41 26.56 -5.60
C PRO A 201 14.58 27.58 -4.82
N THR A 202 13.25 27.59 -4.99
CA THR A 202 12.42 28.65 -4.41
C THR A 202 11.18 28.11 -3.73
N GLN A 203 11.29 27.00 -2.98
CA GLN A 203 10.14 26.47 -2.26
C GLN A 203 10.32 26.56 -0.76
N ALA A 204 11.45 27.10 -0.30
CA ALA A 204 11.60 27.48 1.10
C ALA A 204 10.40 28.28 1.57
N ARG A 205 9.90 29.18 0.72
CA ARG A 205 8.77 30.03 1.04
C ARG A 205 7.45 29.27 1.18
N MET A 206 7.41 27.98 0.83
CA MET A 206 6.20 27.20 1.09
C MET A 206 6.18 26.61 2.51
N ALA A 207 7.25 26.80 3.27
CA ALA A 207 7.30 26.30 4.63
C ALA A 207 7.24 27.39 5.66
N PHE A 208 7.92 28.50 5.42
CA PHE A 208 7.84 29.62 6.31
C PHE A 208 8.03 30.87 5.50
N PRO A 209 7.43 31.99 5.89
CA PRO A 209 7.64 33.24 5.16
C PRO A 209 9.10 33.64 5.30
N CYS A 210 9.67 34.16 4.24
CA CYS A 210 11.09 34.49 4.32
C CYS A 210 11.51 35.24 3.07
N PHE A 211 12.74 35.76 3.12
CA PHE A 211 13.36 36.45 1.98
C PHE A 211 14.04 35.40 1.11
N ASP A 212 13.22 34.69 0.35
CA ASP A 212 13.64 33.53 -0.42
C ASP A 212 14.48 33.88 -1.66
N GLU A 213 15.63 34.54 -1.44
CA GLU A 213 16.67 34.72 -2.48
C GLU A 213 18.07 34.45 -1.95
N PRO A 214 18.94 33.81 -2.74
CA PRO A 214 20.16 33.21 -2.17
C PRO A 214 21.13 34.19 -1.53
N LEU A 215 21.02 35.49 -1.86
CA LEU A 215 21.93 36.50 -1.31
C LEU A 215 21.52 36.93 0.11
N PHE A 216 20.23 36.78 0.45
CA PHE A 216 19.70 37.12 1.76
C PHE A 216 20.12 36.05 2.77
N LYS A 217 21.43 35.96 3.01
CA LYS A 217 21.95 34.94 3.91
C LYS A 217 21.77 35.39 5.34
N ALA A 218 21.35 34.44 6.18
CA ALA A 218 21.06 34.70 7.58
C ALA A 218 21.50 33.51 8.43
N ASN A 219 21.57 33.70 9.75
CA ASN A 219 21.58 32.58 10.68
C ASN A 219 20.18 32.09 10.96
N PHE A 220 20.08 30.79 11.28
CA PHE A 220 18.80 30.12 11.54
C PHE A 220 18.87 29.34 12.84
N SER A 221 17.91 29.60 13.70
CA SER A 221 17.75 28.92 14.97
C SER A 221 16.42 28.20 14.95
N ILE A 222 16.45 26.88 14.92
CA ILE A 222 15.29 26.04 14.69
C ILE A 222 14.94 25.22 15.94
N LYS A 223 13.72 25.41 16.47
CA LYS A 223 13.12 24.50 17.45
C LYS A 223 12.00 23.69 16.79
N ILE A 224 11.95 22.39 17.11
CA ILE A 224 11.02 21.46 16.48
C ILE A 224 10.34 20.67 17.58
N ARG A 225 9.03 20.43 17.44
CA ARG A 225 8.25 19.70 18.44
C ARG A 225 7.83 18.32 17.93
N ARG A 226 7.99 17.29 18.75
CA ARG A 226 7.82 15.92 18.27
C ARG A 226 7.07 15.11 19.32
N GLU A 227 6.43 14.03 18.85
CA GLU A 227 6.03 12.98 19.76
C GLU A 227 7.26 12.16 20.15
N SER A 228 7.14 11.46 21.29
CA SER A 228 8.16 10.48 21.71
C SER A 228 8.40 9.38 20.68
N ARG A 229 7.43 9.12 19.81
CA ARG A 229 7.56 8.09 18.78
C ARG A 229 8.61 8.43 17.73
N HIS A 230 8.82 9.72 17.46
CA HIS A 230 9.70 10.22 16.41
C HIS A 230 11.00 10.80 16.97
N ILE A 231 11.88 11.14 16.03
CA ILE A 231 13.02 12.03 16.22
C ILE A 231 12.87 13.17 15.22
N ALA A 232 13.63 14.24 15.46
CA ALA A 232 13.69 15.40 14.57
C ALA A 232 15.12 15.74 14.20
N LEU A 233 15.38 15.90 12.91
CA LEU A 233 16.69 16.32 12.47
C LEU A 233 16.56 17.70 11.81
N SER A 234 17.68 18.43 11.78
CA SER A 234 17.75 19.73 11.12
C SER A 234 19.22 20.01 10.80
N ASN A 235 19.54 21.23 10.37
CA ASN A 235 20.86 21.42 9.78
C ASN A 235 21.96 21.26 10.82
N MET A 236 21.69 21.59 12.06
CA MET A 236 22.73 21.62 13.06
C MET A 236 22.46 20.67 14.21
N PRO A 237 23.49 20.38 15.02
CA PRO A 237 23.34 19.49 16.16
C PRO A 237 22.29 19.93 17.17
N LYS A 238 21.67 18.94 17.82
CA LYS A 238 20.67 19.21 18.86
C LYS A 238 21.39 19.57 20.16
N VAL A 239 21.02 20.69 20.77
CA VAL A 239 21.70 21.06 22.01
C VAL A 239 20.86 20.70 23.22
N LYS A 240 19.54 20.59 23.06
CA LYS A 240 18.66 20.48 24.21
C LYS A 240 17.41 19.75 23.74
N THR A 241 16.77 19.03 24.65
CA THR A 241 15.45 18.46 24.42
C THR A 241 14.66 18.60 25.71
N ILE A 242 13.54 19.29 25.68
CA ILE A 242 12.86 19.69 26.90
C ILE A 242 11.54 18.95 27.00
N GLU A 243 11.30 18.32 28.15
CA GLU A 243 10.02 17.66 28.40
C GLU A 243 8.87 18.67 28.43
N LEU A 244 7.78 18.36 27.75
CA LEU A 244 6.66 19.31 27.74
C LEU A 244 5.46 18.77 28.51
N GLU A 245 4.54 19.69 28.83
CA GLU A 245 3.45 19.41 29.76
C GLU A 245 2.66 18.16 29.39
N GLY A 246 2.04 18.16 28.21
CA GLY A 246 1.26 17.00 27.82
C GLY A 246 2.08 15.71 27.78
N GLY A 247 3.29 15.78 27.25
CA GLY A 247 4.07 14.59 27.01
C GLY A 247 4.92 14.70 25.76
N LEU A 248 4.74 15.77 24.99
CA LEU A 248 5.54 16.02 23.80
C LEU A 248 6.91 16.59 24.19
N LEU A 249 7.85 16.55 23.24
CA LEU A 249 9.19 17.06 23.48
C LEU A 249 9.50 18.18 22.49
N GLU A 250 10.45 19.02 22.90
CA GLU A 250 10.90 20.15 22.12
C GLU A 250 12.40 20.06 21.91
N ASP A 251 12.80 19.93 20.65
CA ASP A 251 14.19 19.88 20.24
C ASP A 251 14.66 21.28 19.85
N HIS A 252 15.67 21.77 20.56
CA HIS A 252 16.34 23.02 20.23
C HIS A 252 17.64 22.69 19.51
N PHE A 253 17.79 23.20 18.30
CA PHE A 253 19.02 22.97 17.56
C PHE A 253 19.93 24.18 17.64
N GLU A 254 21.23 23.90 17.58
CA GLU A 254 22.25 24.94 17.55
C GLU A 254 21.94 25.91 16.43
N THR A 255 22.11 27.19 16.72
CA THR A 255 21.83 28.20 15.71
C THR A 255 22.84 28.07 14.55
N THR A 256 22.38 28.22 13.31
CA THR A 256 23.28 27.97 12.17
C THR A 256 24.22 29.16 11.94
N VAL A 257 25.20 28.92 11.05
CA VAL A 257 26.05 29.93 10.45
C VAL A 257 25.23 30.68 9.41
N LYS A 258 25.79 31.71 8.79
CA LYS A 258 25.16 32.37 7.66
C LYS A 258 24.97 31.40 6.50
N MET A 259 23.76 31.38 5.94
CA MET A 259 23.48 30.49 4.81
C MET A 259 22.20 30.95 4.10
N SER A 260 22.08 30.54 2.82
CA SER A 260 20.90 30.88 2.03
C SER A 260 19.68 30.08 2.50
N THR A 261 18.50 30.67 2.32
CA THR A 261 17.26 30.01 2.73
C THR A 261 17.11 28.61 2.15
N TYR A 262 17.51 28.41 0.89
CA TYR A 262 17.10 27.17 0.21
C TYR A 262 17.69 25.92 0.85
N LEU A 263 18.73 26.08 1.67
CA LEU A 263 19.43 24.99 2.32
C LEU A 263 18.83 24.57 3.65
N VAL A 264 17.89 25.35 4.21
CA VAL A 264 17.33 25.01 5.52
C VAL A 264 16.62 23.67 5.47
N ALA A 265 16.77 22.89 6.54
CA ALA A 265 16.16 21.56 6.51
C ALA A 265 15.68 21.17 7.88
N TYR A 266 14.59 20.43 7.91
CA TYR A 266 14.17 19.78 9.15
C TYR A 266 13.29 18.58 8.85
N ILE A 267 13.45 17.55 9.65
CA ILE A 267 12.80 16.27 9.38
C ILE A 267 12.27 15.67 10.68
N VAL A 268 11.09 15.07 10.58
CA VAL A 268 10.50 14.32 11.67
C VAL A 268 10.20 12.94 11.16
N CYS A 269 10.67 11.94 11.88
CA CYS A 269 10.59 10.59 11.33
C CYS A 269 10.99 9.55 12.39
N ASP A 270 11.19 8.35 11.90
CA ASP A 270 11.28 7.07 12.57
C ASP A 270 12.67 6.46 12.57
N PHE A 271 13.64 7.07 11.87
CA PHE A 271 14.75 6.37 11.23
C PHE A 271 15.79 5.91 12.25
N HIS A 272 16.70 5.03 11.78
CA HIS A 272 17.86 4.57 12.53
C HIS A 272 19.14 5.08 11.84
N SER A 273 20.28 5.06 12.54
CA SER A 273 21.46 5.70 12.01
C SER A 273 22.71 4.85 12.27
N LEU A 274 23.77 5.13 11.50
CA LEU A 274 25.12 4.59 11.72
C LEU A 274 26.12 5.74 11.77
N SER A 275 26.92 5.80 12.83
CA SER A 275 27.82 6.92 13.02
C SER A 275 29.29 6.55 12.87
N GLY A 276 30.07 7.55 12.46
CA GLY A 276 31.52 7.54 12.42
C GLY A 276 32.05 8.95 12.46
N PHE A 277 33.32 9.05 12.81
CA PHE A 277 34.04 10.31 12.85
C PHE A 277 35.14 10.36 11.79
N THR A 278 35.31 11.56 11.24
CA THR A 278 36.33 11.87 10.25
C THR A 278 37.63 12.16 10.98
N SER A 279 38.71 12.33 10.23
CA SER A 279 39.95 12.76 10.85
C SER A 279 39.84 14.16 11.40
N SER A 280 38.96 15.00 10.85
CA SER A 280 38.77 16.33 11.42
C SER A 280 37.80 16.34 12.58
N GLY A 281 37.22 15.20 12.92
CA GLY A 281 36.32 15.14 14.05
C GLY A 281 34.87 15.50 13.76
N VAL A 282 34.40 15.29 12.53
CA VAL A 282 32.98 15.46 12.21
C VAL A 282 32.26 14.13 12.46
N LYS A 283 31.13 14.20 13.15
CA LYS A 283 30.32 13.00 13.35
C LYS A 283 29.42 12.83 12.12
N VAL A 284 29.71 11.85 11.35
CA VAL A 284 28.93 11.57 10.17
C VAL A 284 27.90 10.51 10.50
N SER A 285 26.68 10.65 9.98
CA SER A 285 25.65 9.66 10.28
C SER A 285 24.78 9.36 9.07
N ILE A 286 24.52 8.10 8.85
CA ILE A 286 23.73 7.67 7.71
C ILE A 286 22.41 7.17 8.28
N TYR A 287 21.32 7.77 7.82
CA TYR A 287 19.99 7.53 8.34
C TYR A 287 19.12 6.83 7.31
N ALA A 288 18.33 5.87 7.75
CA ALA A 288 17.40 5.18 6.86
C ALA A 288 16.28 4.57 7.71
N SER A 289 15.25 4.02 7.04
CA SER A 289 14.25 3.33 7.81
C SER A 289 14.93 2.19 8.57
N PRO A 290 14.30 1.74 9.66
CA PRO A 290 15.00 0.82 10.59
C PRO A 290 15.43 -0.50 9.94
N ASP A 291 14.57 -1.15 9.15
CA ASP A 291 14.94 -2.41 8.52
C ASP A 291 16.02 -2.26 7.46
N LYS A 292 16.36 -1.04 7.06
CA LYS A 292 17.31 -0.81 5.98
C LYS A 292 18.70 -0.37 6.48
N ARG A 293 18.93 -0.37 7.79
CA ARG A 293 20.21 0.04 8.34
C ARG A 293 21.36 -0.87 7.87
N ASN A 294 21.15 -2.20 7.70
CA ASN A 294 22.09 -2.97 6.84
C ASN A 294 22.64 -2.22 5.66
N GLN A 295 21.80 -1.60 4.82
CA GLN A 295 22.31 -1.12 3.53
C GLN A 295 23.08 0.20 3.63
N THR A 296 23.26 0.67 4.83
CA THR A 296 23.68 2.01 5.08
C THR A 296 25.19 2.07 5.33
N HIS A 297 25.90 0.93 5.22
CA HIS A 297 27.29 0.82 5.69
C HIS A 297 28.30 1.42 4.71
N TYR A 298 28.10 1.26 3.39
CA TYR A 298 29.08 1.79 2.45
C TYR A 298 28.98 3.30 2.30
N ALA A 299 27.76 3.83 2.41
CA ALA A 299 27.57 5.27 2.42
C ALA A 299 28.37 5.91 3.55
N LEU A 300 28.45 5.27 4.70
CA LEU A 300 29.26 5.82 5.78
C LEU A 300 30.75 5.72 5.48
N GLN A 301 31.18 4.58 4.93
CA GLN A 301 32.60 4.41 4.65
C GLN A 301 33.07 5.39 3.59
N ALA A 302 32.29 5.54 2.53
CA ALA A 302 32.69 6.42 1.45
C ALA A 302 32.57 7.90 1.80
N SER A 303 31.63 8.27 2.67
CA SER A 303 31.48 9.68 2.97
C SER A 303 32.57 10.17 3.93
N LEU A 304 32.99 9.30 4.85
CA LEU A 304 34.15 9.59 5.68
C LEU A 304 35.40 9.85 4.84
N LYS A 305 35.71 8.97 3.88
CA LYS A 305 36.88 9.14 3.02
C LYS A 305 36.75 10.42 2.17
N LEU A 306 35.53 10.71 1.76
CA LEU A 306 35.30 11.82 0.87
C LEU A 306 35.35 13.15 1.64
N LEU A 307 34.73 13.22 2.81
CA LEU A 307 34.84 14.47 3.56
C LEU A 307 36.28 14.76 3.93
N ASP A 308 37.06 13.69 4.18
CA ASP A 308 38.48 13.82 4.42
C ASP A 308 39.18 14.41 3.20
N PHE A 309 38.87 13.88 2.00
CA PHE A 309 39.56 14.36 0.81
C PHE A 309 39.27 15.84 0.58
N TYR A 310 38.02 16.23 0.76
CA TYR A 310 37.63 17.59 0.44
C TYR A 310 38.31 18.60 1.38
N GLU A 311 38.33 18.30 2.68
CA GLU A 311 38.97 19.22 3.61
C GLU A 311 40.44 19.44 3.28
N LYS A 312 41.18 18.37 2.96
CA LYS A 312 42.59 18.59 2.62
C LYS A 312 42.72 19.28 1.27
N TYR A 313 41.88 18.92 0.29
CA TYR A 313 41.99 19.50 -1.04
C TYR A 313 41.67 20.98 -1.05
N PHE A 314 40.58 21.37 -0.37
CA PHE A 314 40.23 22.79 -0.33
C PHE A 314 40.98 23.57 0.75
N ASP A 315 41.70 22.89 1.65
CA ASP A 315 42.42 23.58 2.71
C ASP A 315 41.43 24.38 3.57
N ILE A 316 40.23 23.86 3.72
CA ILE A 316 39.15 24.50 4.48
C ILE A 316 38.42 23.42 5.26
N TYR A 317 38.35 23.55 6.59
CA TYR A 317 37.60 22.55 7.33
C TYR A 317 36.10 22.72 7.09
N TYR A 318 35.39 21.58 7.08
CA TYR A 318 33.94 21.59 7.16
C TYR A 318 33.51 22.23 8.49
N PRO A 319 32.60 23.21 8.48
CA PRO A 319 32.45 24.04 9.68
C PRO A 319 31.47 23.50 10.72
N LEU A 320 30.53 22.64 10.34
CA LEU A 320 29.62 22.17 11.37
C LEU A 320 30.25 21.01 12.15
N SER A 321 29.66 20.68 13.28
CA SER A 321 30.16 19.56 14.06
C SER A 321 29.71 18.20 13.50
N LYS A 322 28.56 18.14 12.84
CA LYS A 322 28.01 16.89 12.35
C LYS A 322 27.74 17.03 10.86
N LEU A 323 27.52 15.87 10.23
CA LEU A 323 27.01 15.81 8.86
C LEU A 323 26.15 14.57 8.77
N ASP A 324 24.96 14.73 8.21
CA ASP A 324 23.96 13.68 8.16
C ASP A 324 23.58 13.41 6.72
N LEU A 325 23.49 12.13 6.41
CA LEU A 325 22.99 11.65 5.13
C LEU A 325 21.79 10.78 5.44
N ILE A 326 20.65 11.09 4.82
CA ILE A 326 19.41 10.43 5.15
C ILE A 326 18.77 10.02 3.84
N ALA A 327 18.25 8.80 3.80
CA ALA A 327 17.66 8.24 2.59
C ALA A 327 16.15 8.43 2.68
N ILE A 328 15.63 9.40 1.92
CA ILE A 328 14.22 9.71 1.95
C ILE A 328 13.48 8.80 0.98
N PRO A 329 12.42 8.12 1.43
CA PRO A 329 11.67 7.23 0.52
C PRO A 329 11.05 7.97 -0.65
N ASP A 330 10.42 9.13 -0.44
CA ASP A 330 9.76 9.89 -1.51
C ASP A 330 10.60 11.12 -1.89
N PHE A 331 11.42 10.99 -2.94
CA PHE A 331 12.39 12.06 -3.23
C PHE A 331 12.52 12.35 -4.71
N ALA A 332 12.04 13.55 -5.14
CA ALA A 332 12.08 13.90 -6.56
C ALA A 332 13.50 14.08 -7.07
N PRO A 333 14.28 15.04 -6.61
CA PRO A 333 15.66 15.11 -7.09
C PRO A 333 16.43 13.86 -6.68
N GLY A 334 17.60 13.67 -7.27
CA GLY A 334 18.43 12.55 -6.87
C GLY A 334 18.96 12.68 -5.45
N ALA A 335 19.40 13.89 -5.08
CA ALA A 335 19.84 14.20 -3.72
C ALA A 335 19.74 15.70 -3.48
N MET A 336 19.78 16.15 -2.22
CA MET A 336 19.93 17.59 -2.01
C MET A 336 20.85 17.84 -0.81
N GLU A 337 21.69 18.85 -0.97
CA GLU A 337 22.89 19.23 -0.27
C GLU A 337 22.66 20.07 0.98
N ASN A 338 21.48 20.03 1.62
CA ASN A 338 21.21 20.94 2.74
C ASN A 338 22.35 20.84 3.75
N TRP A 339 22.83 21.99 4.25
CA TRP A 339 24.04 22.01 5.06
C TRP A 339 23.88 21.20 6.35
N GLY A 340 24.65 20.11 6.47
CA GLY A 340 24.55 19.18 7.56
C GLY A 340 23.36 18.22 7.54
N LEU A 341 22.43 18.34 6.55
CA LEU A 341 21.35 17.36 6.47
C LEU A 341 21.02 17.08 5.00
N ILE A 342 21.78 16.14 4.42
CA ILE A 342 21.75 15.86 2.99
C ILE A 342 20.81 14.71 2.77
N THR A 343 19.83 14.95 1.90
CA THR A 343 18.77 14.00 1.60
C THR A 343 19.05 13.30 0.26
N TYR A 344 18.66 12.02 0.19
CA TYR A 344 18.85 11.20 -1.00
C TYR A 344 17.61 10.37 -1.26
N ARG A 345 17.49 9.97 -2.52
CA ARG A 345 16.75 8.76 -2.80
C ARG A 345 17.52 7.58 -2.27
N GLU A 346 16.77 6.56 -1.81
CA GLU A 346 17.38 5.33 -1.36
C GLU A 346 18.32 4.76 -2.43
N THR A 347 17.95 4.91 -3.71
CA THR A 347 18.85 4.49 -4.79
C THR A 347 20.15 5.29 -4.81
N SER A 348 20.12 6.56 -4.39
CA SER A 348 21.33 7.37 -4.43
C SER A 348 22.31 6.99 -3.34
N LEU A 349 21.83 6.43 -2.22
CA LEU A 349 22.63 6.42 -1.00
C LEU A 349 22.78 5.03 -0.39
N LEU A 350 21.74 4.20 -0.51
CA LEU A 350 21.71 2.87 0.08
C LEU A 350 22.29 1.85 -0.88
N PHE A 351 23.18 1.01 -0.40
CA PHE A 351 23.76 -0.05 -1.20
C PHE A 351 23.60 -1.36 -0.44
N ASP A 352 23.05 -2.36 -1.10
CA ASP A 352 22.96 -3.74 -0.62
C ASP A 352 23.82 -4.66 -1.48
N PRO A 353 24.66 -5.51 -0.88
CA PRO A 353 25.64 -6.25 -1.68
C PRO A 353 25.04 -7.41 -2.48
N LYS A 354 23.89 -7.96 -2.06
CA LYS A 354 23.32 -9.09 -2.79
C LYS A 354 22.61 -8.65 -4.08
N THR A 355 22.11 -7.39 -4.12
CA THR A 355 21.29 -6.90 -5.21
C THR A 355 21.76 -5.61 -5.87
N SER A 356 22.88 -5.04 -5.46
CA SER A 356 23.40 -3.85 -6.13
C SER A 356 24.61 -4.24 -6.97
N SER A 357 24.72 -3.69 -8.17
CA SER A 357 25.87 -4.06 -9.02
C SER A 357 27.08 -3.18 -8.68
N ALA A 358 28.21 -3.46 -9.33
CA ALA A 358 29.34 -2.56 -9.16
C ALA A 358 29.03 -1.21 -9.80
N SER A 359 28.32 -1.22 -10.93
CA SER A 359 27.94 0.05 -11.52
C SER A 359 27.03 0.82 -10.58
N ASP A 360 26.17 0.09 -9.87
CA ASP A 360 25.37 0.68 -8.80
C ASP A 360 26.26 1.31 -7.75
N LYS A 361 27.34 0.62 -7.37
CA LYS A 361 28.23 1.20 -6.38
C LYS A 361 28.86 2.48 -6.91
N LEU A 362 29.26 2.49 -8.17
CA LEU A 362 29.88 3.69 -8.72
C LEU A 362 28.90 4.86 -8.72
N TRP A 363 27.60 4.58 -8.88
CA TRP A 363 26.64 5.68 -8.87
C TRP A 363 26.44 6.21 -7.46
N VAL A 364 26.34 5.31 -6.47
CA VAL A 364 26.11 5.75 -5.10
C VAL A 364 27.27 6.59 -4.61
N THR A 365 28.48 6.22 -5.01
CA THR A 365 29.67 6.91 -4.56
C THR A 365 29.82 8.27 -5.26
N ARG A 366 29.19 8.46 -6.41
CA ARG A 366 29.32 9.72 -7.14
C ARG A 366 28.38 10.78 -6.61
N VAL A 367 27.17 10.39 -6.24
CA VAL A 367 26.24 11.33 -5.62
C VAL A 367 26.79 11.82 -4.28
N ILE A 368 27.28 10.90 -3.44
CA ILE A 368 27.89 11.30 -2.17
C ILE A 368 29.03 12.27 -2.42
N ALA A 369 29.91 11.93 -3.36
CA ALA A 369 30.91 12.84 -3.89
C ALA A 369 30.33 14.21 -4.21
N HIS A 370 29.26 14.23 -5.03
CA HIS A 370 28.66 15.49 -5.48
C HIS A 370 28.06 16.27 -4.32
N GLU A 371 27.22 15.61 -3.52
CA GLU A 371 26.58 16.33 -2.44
C GLU A 371 27.64 16.90 -1.50
N LEU A 372 28.67 16.12 -1.23
CA LEU A 372 29.69 16.61 -0.30
C LEU A 372 30.46 17.77 -0.91
N ALA A 373 30.63 17.78 -2.22
CA ALA A 373 31.28 18.94 -2.80
C ALA A 373 30.42 20.18 -2.71
N HIS A 374 29.12 20.02 -2.47
CA HIS A 374 28.25 21.18 -2.38
C HIS A 374 28.49 21.95 -1.07
N GLN A 375 28.98 21.27 -0.02
CA GLN A 375 29.11 21.92 1.28
C GLN A 375 30.06 23.10 1.21
N TRP A 376 31.01 23.07 0.28
CA TRP A 376 31.89 24.20 -0.06
C TRP A 376 31.34 24.99 -1.24
N PHE A 377 31.10 24.33 -2.37
CA PHE A 377 30.56 24.99 -3.55
C PHE A 377 29.04 24.92 -3.48
N GLY A 378 28.44 25.97 -2.95
CA GLY A 378 26.99 26.02 -2.85
C GLY A 378 26.49 26.37 -1.47
N ASN A 379 27.21 25.96 -0.43
CA ASN A 379 26.84 26.27 0.94
C ASN A 379 27.81 27.23 1.61
N LEU A 380 29.11 26.90 1.59
CA LEU A 380 30.16 27.86 1.96
C LEU A 380 30.23 29.06 1.03
N VAL A 381 30.02 28.86 -0.27
CA VAL A 381 30.00 29.95 -1.26
C VAL A 381 28.79 29.76 -2.15
N THR A 382 27.79 30.62 -2.02
CA THR A 382 26.59 30.46 -2.82
C THR A 382 26.66 31.50 -3.94
N MET A 383 26.18 31.14 -5.13
CA MET A 383 26.17 32.07 -6.25
C MET A 383 25.27 33.25 -5.93
N GLU A 384 25.58 34.40 -6.53
CA GLU A 384 24.83 35.62 -6.21
C GLU A 384 23.36 35.47 -6.58
N TRP A 385 23.10 34.94 -7.78
CA TRP A 385 21.73 34.73 -8.25
C TRP A 385 21.71 33.52 -9.18
N TRP A 386 20.52 32.91 -9.31
CA TRP A 386 20.24 31.74 -10.14
C TRP A 386 20.82 31.82 -11.56
N ASN A 387 21.07 33.03 -12.06
CA ASN A 387 21.68 33.13 -13.37
C ASN A 387 23.05 32.45 -13.44
N ASP A 388 23.78 32.40 -12.33
CA ASP A 388 25.12 31.81 -12.29
C ASP A 388 25.09 30.50 -11.51
N ILE A 389 23.96 29.79 -11.60
CA ILE A 389 23.80 28.51 -10.91
C ILE A 389 24.90 27.53 -11.23
N TRP A 390 25.49 27.65 -12.43
CA TRP A 390 26.61 26.79 -12.79
C TRP A 390 27.75 26.92 -11.79
N LEU A 391 27.80 28.05 -11.06
CA LEU A 391 28.83 28.22 -10.03
C LEU A 391 28.71 27.15 -8.97
N ASN A 392 27.49 26.70 -8.70
CA ASN A 392 27.30 25.60 -7.77
C ASN A 392 27.43 24.28 -8.51
N GLU A 393 26.58 24.07 -9.52
CA GLU A 393 26.37 22.71 -10.01
C GLU A 393 27.55 22.25 -10.87
N GLY A 394 28.01 23.11 -11.78
CA GLY A 394 29.16 22.78 -12.60
C GLY A 394 30.41 22.48 -11.79
N PHE A 395 30.63 23.23 -10.71
CA PHE A 395 31.80 22.97 -9.89
C PHE A 395 31.61 21.68 -9.08
N ALA A 396 30.44 21.53 -8.46
CA ALA A 396 30.14 20.29 -7.75
C ALA A 396 30.32 19.10 -8.68
N LYS A 397 29.72 19.17 -9.89
CA LYS A 397 29.87 18.04 -10.80
C LYS A 397 31.32 17.79 -11.14
N TYR A 398 32.13 18.85 -11.20
CA TYR A 398 33.50 18.65 -11.59
C TYR A 398 34.27 17.94 -10.47
N MET A 399 33.95 18.26 -9.23
CA MET A 399 34.64 17.63 -8.13
C MET A 399 34.23 16.18 -7.93
N GLU A 400 33.07 15.75 -8.47
CA GLU A 400 32.80 14.31 -8.46
C GLU A 400 33.99 13.60 -9.09
N LEU A 401 34.42 14.07 -10.27
CA LEU A 401 35.55 13.50 -10.99
C LEU A 401 36.80 13.47 -10.13
N ILE A 402 37.25 14.63 -9.67
CA ILE A 402 38.59 14.63 -9.10
C ILE A 402 38.59 13.89 -7.74
N ALA A 403 37.48 13.95 -7.00
CA ALA A 403 37.49 13.31 -5.68
C ALA A 403 37.26 11.80 -5.80
N VAL A 404 36.34 11.37 -6.66
CA VAL A 404 36.14 9.92 -6.82
C VAL A 404 37.41 9.30 -7.39
N ASN A 405 38.06 10.02 -8.28
CA ASN A 405 39.34 9.57 -8.79
C ASN A 405 40.40 9.59 -7.71
N ALA A 406 40.28 10.49 -6.74
CA ALA A 406 41.26 10.55 -5.66
C ALA A 406 41.10 9.40 -4.68
N THR A 407 39.87 9.11 -4.27
CA THR A 407 39.61 8.23 -3.16
C THR A 407 39.15 6.85 -3.57
N TYR A 408 38.61 6.69 -4.77
CA TYR A 408 38.19 5.39 -5.25
C TYR A 408 38.68 5.22 -6.69
N PRO A 409 39.99 5.20 -6.89
CA PRO A 409 40.50 4.90 -8.22
C PRO A 409 39.99 3.59 -8.75
N GLU A 410 39.89 2.58 -7.85
CA GLU A 410 39.44 1.24 -8.21
C GLU A 410 38.17 1.29 -9.04
N LEU A 411 37.26 2.21 -8.70
CA LEU A 411 36.01 2.40 -9.44
C LEU A 411 36.23 2.96 -10.85
N GLN A 412 37.47 3.30 -11.21
CA GLN A 412 37.84 3.62 -12.60
C GLN A 412 36.91 4.66 -13.20
N PHE A 413 36.71 5.75 -12.45
CA PHE A 413 35.76 6.76 -12.88
C PHE A 413 36.37 7.75 -13.89
N ASP A 414 37.67 8.06 -13.79
CA ASP A 414 38.43 8.85 -14.77
C ASP A 414 38.08 8.45 -16.21
N ASP A 415 37.97 7.14 -16.46
CA ASP A 415 37.74 6.67 -17.83
C ASP A 415 36.33 6.99 -18.32
N TYR A 416 35.38 7.22 -17.41
CA TYR A 416 34.02 7.52 -17.83
C TYR A 416 33.67 9.00 -17.74
N PHE A 417 34.60 9.87 -17.33
CA PHE A 417 34.24 11.28 -17.25
C PHE A 417 33.99 11.93 -18.62
N LEU A 418 34.71 11.51 -19.67
CA LEU A 418 34.48 12.08 -21.00
C LEU A 418 33.03 11.92 -21.45
N ASN A 419 32.32 10.91 -20.93
CA ASN A 419 30.90 10.75 -21.23
C ASN A 419 30.07 11.97 -20.79
N VAL A 420 30.49 12.64 -19.72
CA VAL A 420 29.79 13.84 -19.25
C VAL A 420 29.84 14.92 -20.31
N CYS A 421 31.00 15.07 -20.96
CA CYS A 421 31.16 16.09 -21.99
C CYS A 421 30.37 15.75 -23.24
N PHE A 422 30.48 14.50 -23.69
CA PHE A 422 29.79 14.09 -24.91
C PHE A 422 28.27 14.27 -24.80
N GLU A 423 27.72 14.01 -23.62
CA GLU A 423 26.27 14.13 -23.44
C GLU A 423 25.78 15.55 -23.61
N VAL A 424 26.57 16.53 -23.23
CA VAL A 424 26.12 17.89 -23.44
C VAL A 424 26.43 18.35 -24.84
N ILE A 425 27.46 17.78 -25.46
CA ILE A 425 27.87 18.23 -26.79
C ILE A 425 26.75 18.02 -27.81
N THR A 426 25.97 16.95 -27.64
CA THR A 426 24.83 16.75 -28.54
C THR A 426 23.82 17.87 -28.41
N LYS A 427 23.62 18.38 -27.20
CA LYS A 427 22.68 19.48 -27.07
C LYS A 427 23.30 20.82 -27.41
N ASP A 428 24.62 20.94 -27.33
CA ASP A 428 25.25 22.21 -27.61
C ASP A 428 25.56 22.35 -29.12
N SER A 429 25.30 21.29 -29.87
CA SER A 429 25.36 21.31 -31.32
C SER A 429 24.07 21.78 -31.95
N LEU A 430 23.01 21.92 -31.16
CA LEU A 430 21.74 22.44 -31.63
C LEU A 430 21.63 23.92 -31.31
N ASN A 431 20.89 24.63 -32.13
CA ASN A 431 20.77 26.05 -31.87
C ASN A 431 19.82 26.37 -30.70
N SER A 432 19.06 25.40 -30.19
CA SER A 432 18.23 25.70 -29.05
C SER A 432 19.02 25.72 -27.74
N SER A 433 20.35 25.71 -27.77
CA SER A 433 21.03 25.69 -26.49
C SER A 433 21.15 27.11 -25.96
N ARG A 434 21.86 27.22 -24.84
CA ARG A 434 22.04 28.45 -24.09
C ARG A 434 23.50 28.63 -23.71
N PRO A 435 23.90 29.87 -23.40
CA PRO A 435 25.19 30.08 -22.75
C PRO A 435 25.09 29.61 -21.31
N ILE A 436 26.25 29.28 -20.72
CA ILE A 436 26.25 28.78 -19.35
C ILE A 436 25.52 29.73 -18.41
N SER A 437 25.98 30.97 -18.31
CA SER A 437 25.24 31.94 -17.51
C SER A 437 24.27 32.71 -18.41
N LYS A 438 23.12 33.01 -17.86
CA LYS A 438 22.02 33.52 -18.65
C LYS A 438 20.93 33.96 -17.68
N PRO A 439 20.17 34.98 -17.99
CA PRO A 439 19.19 35.46 -17.02
C PRO A 439 18.09 34.45 -16.75
N ALA A 440 17.49 34.58 -15.57
CA ALA A 440 16.37 33.75 -15.14
C ALA A 440 15.60 34.54 -14.10
N GLU A 441 14.26 34.56 -14.21
CA GLU A 441 13.53 35.35 -13.23
C GLU A 441 12.37 34.61 -12.57
N THR A 442 11.51 33.92 -13.32
CA THR A 442 10.37 33.25 -12.72
C THR A 442 10.77 31.89 -12.14
N PRO A 443 9.94 31.34 -11.25
CA PRO A 443 10.30 30.05 -10.64
C PRO A 443 10.47 28.93 -11.65
N THR A 444 9.77 29.02 -12.80
CA THR A 444 9.88 27.96 -13.79
C THR A 444 11.19 28.08 -14.57
N GLN A 445 11.59 29.30 -14.88
CA GLN A 445 12.85 29.51 -15.58
C GLN A 445 14.02 29.06 -14.72
N ILE A 446 14.03 29.46 -13.46
CA ILE A 446 15.06 29.02 -12.53
C ILE A 446 15.20 27.51 -12.57
N GLN A 447 14.08 26.79 -12.58
CA GLN A 447 14.15 25.33 -12.60
C GLN A 447 14.80 24.87 -13.89
N GLU A 448 14.49 25.54 -14.99
CA GLU A 448 15.05 25.17 -16.29
C GLU A 448 16.58 25.21 -16.27
N MET A 449 17.17 26.08 -15.43
CA MET A 449 18.61 26.28 -15.43
C MET A 449 19.39 25.07 -14.93
N PHE A 450 18.73 24.08 -14.33
CA PHE A 450 19.41 22.87 -13.86
C PHE A 450 19.44 21.85 -15.00
N ASP A 451 20.38 22.04 -15.93
CA ASP A 451 20.41 21.18 -17.07
C ASP A 451 21.84 20.77 -17.36
N GLU A 452 22.00 20.09 -18.50
CA GLU A 452 23.28 19.61 -18.99
C GLU A 452 24.28 20.74 -19.18
N VAL A 453 23.80 21.95 -19.37
CA VAL A 453 24.68 23.09 -19.56
C VAL A 453 25.35 23.49 -18.25
N SER A 454 24.55 23.82 -17.24
CA SER A 454 25.14 24.28 -15.98
C SER A 454 25.97 23.19 -15.35
N TYR A 455 25.55 21.94 -15.50
CA TYR A 455 26.20 20.80 -14.85
C TYR A 455 27.39 20.31 -15.64
N ASN A 456 27.12 19.83 -16.84
CA ASN A 456 28.14 19.10 -17.57
C ASN A 456 29.07 20.06 -18.27
N LYS A 457 28.52 21.01 -19.03
CA LYS A 457 29.39 21.96 -19.73
C LYS A 457 30.26 22.70 -18.73
N GLY A 458 29.66 23.17 -17.63
CA GLY A 458 30.43 23.81 -16.58
C GLY A 458 31.59 22.97 -16.10
N ALA A 459 31.36 21.66 -15.95
CA ALA A 459 32.45 20.78 -15.52
C ALA A 459 33.48 20.56 -16.63
N CYS A 460 33.05 20.53 -17.91
CA CYS A 460 34.03 20.25 -18.95
C CYS A 460 34.91 21.46 -19.25
N ILE A 461 34.37 22.68 -19.13
CA ILE A 461 35.21 23.85 -19.27
C ILE A 461 36.13 23.98 -18.07
N LEU A 462 35.69 23.62 -16.87
CA LEU A 462 36.63 23.59 -15.75
C LEU A 462 37.78 22.60 -16.03
N ASN A 463 37.44 21.36 -16.41
CA ASN A 463 38.48 20.36 -16.68
C ASN A 463 39.38 20.77 -17.83
N MET A 464 38.83 21.49 -18.81
CA MET A 464 39.70 22.05 -19.84
C MET A 464 40.64 23.07 -19.21
N LEU A 465 40.10 23.99 -18.40
CA LEU A 465 40.95 25.02 -17.78
C LEU A 465 42.03 24.43 -16.88
N LYS A 466 41.73 23.36 -16.16
CA LYS A 466 42.75 22.74 -15.31
C LYS A 466 43.91 22.21 -16.13
N ASP A 467 43.64 21.55 -17.26
CA ASP A 467 44.71 21.04 -18.11
C ASP A 467 45.61 22.19 -18.55
N PHE A 468 45.00 23.35 -18.78
CA PHE A 468 45.76 24.54 -19.13
C PHE A 468 46.72 24.95 -18.01
N LEU A 469 46.20 25.13 -16.79
CA LEU A 469 46.98 25.67 -15.68
C LEU A 469 47.73 24.61 -14.87
N GLY A 470 47.24 23.39 -14.84
CA GLY A 470 47.86 22.40 -13.97
C GLY A 470 47.17 22.34 -12.62
N GLU A 471 47.08 21.11 -12.08
CA GLU A 471 46.46 20.89 -10.77
C GLU A 471 46.99 21.86 -9.73
N GLU A 472 48.30 22.10 -9.71
CA GLU A 472 48.89 22.93 -8.67
C GLU A 472 48.33 24.35 -8.73
N LYS A 473 48.27 24.94 -9.94
CA LYS A 473 47.70 26.28 -10.08
C LYS A 473 46.18 26.26 -9.96
N PHE A 474 45.55 25.19 -10.44
CA PHE A 474 44.09 25.08 -10.35
C PHE A 474 43.60 24.94 -8.91
N GLN A 475 44.21 24.06 -8.12
CA GLN A 475 43.88 23.94 -6.71
C GLN A 475 44.02 25.27 -5.98
N LYS A 476 45.22 25.86 -5.99
CA LYS A 476 45.45 27.12 -5.29
C LYS A 476 44.47 28.21 -5.74
N GLY A 477 43.99 28.15 -6.97
CA GLY A 477 42.97 29.08 -7.40
C GLY A 477 41.62 28.82 -6.75
N ILE A 478 41.25 27.55 -6.58
CA ILE A 478 39.94 27.33 -5.98
C ILE A 478 39.99 27.57 -4.48
N ILE A 479 41.12 27.31 -3.83
CA ILE A 479 41.24 27.63 -2.40
C ILE A 479 41.15 29.13 -2.15
N GLN A 480 41.76 29.94 -3.01
CA GLN A 480 41.62 31.38 -2.90
C GLN A 480 40.17 31.82 -3.12
N TYR A 481 39.49 31.21 -4.09
CA TYR A 481 38.08 31.54 -4.31
C TYR A 481 37.27 31.23 -3.06
N LEU A 482 37.38 30.00 -2.55
CA LEU A 482 36.50 29.55 -1.47
C LEU A 482 36.79 30.28 -0.17
N LYS A 483 38.06 30.57 0.13
CA LYS A 483 38.38 31.32 1.35
C LYS A 483 37.87 32.74 1.25
N LYS A 484 37.97 33.34 0.06
CA LYS A 484 37.62 34.75 -0.09
C LYS A 484 36.12 34.97 -0.06
N PHE A 485 35.33 34.03 -0.53
CA PHE A 485 33.89 34.26 -0.63
C PHE A 485 33.10 33.45 0.40
N SER A 486 33.78 32.86 1.40
CA SER A 486 33.11 32.05 2.40
C SER A 486 32.00 32.83 3.10
N TYR A 487 30.83 32.21 3.21
CA TYR A 487 29.71 32.79 3.93
C TYR A 487 29.13 34.02 3.23
N ARG A 488 29.42 34.23 1.95
CA ARG A 488 28.76 35.27 1.17
C ARG A 488 28.69 34.79 -0.27
N ASN A 489 28.08 35.60 -1.14
CA ASN A 489 27.84 35.13 -2.51
C ASN A 489 28.93 35.57 -3.50
N ALA A 490 28.91 34.97 -4.68
CA ALA A 490 29.83 35.32 -5.75
C ALA A 490 29.06 35.41 -7.07
N LYS A 491 29.57 36.20 -8.00
CA LYS A 491 29.01 36.22 -9.34
C LYS A 491 30.04 35.62 -10.28
N ASN A 492 29.58 35.39 -11.52
CA ASN A 492 30.39 34.72 -12.53
C ASN A 492 31.77 35.35 -12.64
N ASP A 493 31.81 36.68 -12.85
CA ASP A 493 33.06 37.40 -12.99
C ASP A 493 33.98 37.23 -11.80
N ASP A 494 33.43 37.01 -10.60
CA ASP A 494 34.28 36.86 -9.42
C ASP A 494 35.17 35.64 -9.55
N LEU A 495 34.64 34.56 -10.11
CA LEU A 495 35.37 33.30 -10.13
C LEU A 495 36.58 33.40 -11.05
N TRP A 496 36.36 33.93 -12.26
CA TRP A 496 37.43 33.96 -13.25
C TRP A 496 38.60 34.80 -12.76
N SER A 497 38.33 35.85 -11.98
CA SER A 497 39.42 36.63 -11.40
C SER A 497 40.27 35.77 -10.45
N SER A 498 39.61 35.05 -9.53
CA SER A 498 40.36 34.24 -8.58
C SER A 498 41.10 33.08 -9.26
N LEU A 499 40.50 32.47 -10.29
CA LEU A 499 41.21 31.43 -11.03
C LEU A 499 42.29 32.00 -11.93
N SER A 500 42.07 33.22 -12.46
CA SER A 500 43.07 33.83 -13.33
C SER A 500 44.29 34.27 -12.53
N ASN A 501 44.07 34.83 -11.33
CA ASN A 501 45.13 35.27 -10.44
C ASN A 501 45.57 34.18 -9.48
N SER A 502 45.50 32.92 -9.87
CA SER A 502 45.99 31.85 -9.01
C SER A 502 47.49 31.92 -8.87
N CYS A 503 47.95 31.68 -7.64
CA CYS A 503 49.37 31.69 -7.27
C CYS A 503 49.87 30.25 -7.24
N LEU A 504 50.89 29.98 -8.07
CA LEU A 504 51.30 28.60 -8.35
C LEU A 504 51.68 27.84 -7.09
N GLU A 505 52.33 28.50 -6.14
CA GLU A 505 52.77 27.82 -4.94
C GLU A 505 52.50 28.72 -3.73
N SER A 506 52.82 28.20 -2.54
CA SER A 506 52.84 29.01 -1.33
C SER A 506 53.61 30.30 -1.60
N ASP A 507 53.01 31.41 -1.20
CA ASP A 507 53.45 32.73 -1.65
C ASP A 507 54.88 32.99 -1.16
N PHE A 508 55.84 32.88 -2.07
CA PHE A 508 57.26 32.94 -1.73
C PHE A 508 57.62 34.35 -1.33
N THR A 509 57.54 34.70 -0.04
CA THR A 509 57.61 36.12 0.39
C THR A 509 58.76 36.88 -0.26
N SER A 510 59.93 36.23 -0.36
CA SER A 510 61.12 36.83 -0.94
C SER A 510 61.77 35.89 -1.94
N GLY A 511 62.09 36.40 -3.11
CA GLY A 511 61.38 37.52 -3.66
C GLY A 511 60.36 36.78 -4.48
N GLY A 512 59.07 37.11 -4.32
CA GLY A 512 58.01 36.29 -4.87
C GLY A 512 57.54 36.78 -6.22
N VAL A 513 56.49 36.13 -6.70
CA VAL A 513 55.72 36.59 -7.85
C VAL A 513 54.31 37.01 -7.46
N CYS A 514 53.92 36.81 -6.19
CA CYS A 514 52.56 37.09 -5.75
C CYS A 514 52.44 38.22 -4.74
N HIS A 515 53.08 38.12 -3.58
CA HIS A 515 52.73 38.97 -2.45
C HIS A 515 53.97 39.28 -1.60
N SER A 516 53.77 40.22 -0.68
CA SER A 516 54.68 40.65 0.37
C SER A 516 55.85 41.53 -0.06
N ASP A 517 56.12 41.64 -1.36
CA ASP A 517 57.29 42.39 -1.87
C ASP A 517 57.00 43.03 -3.23
N LYS A 519 58.77 41.00 -6.16
CA LYS A 519 59.78 41.62 -7.02
C LYS A 519 59.24 42.00 -8.41
N MET A 520 60.01 42.80 -9.12
CA MET A 520 59.61 43.35 -10.42
C MET A 520 60.52 42.80 -11.53
N THR A 521 60.03 41.78 -12.24
CA THR A 521 60.85 41.12 -13.24
C THR A 521 60.09 40.96 -14.56
N SER A 522 60.79 40.42 -15.55
CA SER A 522 60.17 40.13 -16.84
C SER A 522 59.12 39.04 -16.70
N ASN A 523 59.37 38.05 -15.82
CA ASN A 523 58.33 37.08 -15.48
C ASN A 523 57.10 37.78 -14.95
N MET A 524 57.31 38.74 -14.03
CA MET A 524 56.19 39.43 -13.40
C MET A 524 55.25 40.09 -14.44
N LEU A 525 55.80 40.68 -15.51
CA LEU A 525 54.94 41.19 -16.59
C LEU A 525 54.29 40.05 -17.41
N ALA A 526 54.79 38.82 -17.32
CA ALA A 526 54.18 37.72 -18.07
C ALA A 526 53.15 36.98 -17.25
N PHE A 527 53.42 36.80 -15.95
CA PHE A 527 52.41 36.28 -15.05
C PHE A 527 51.18 37.19 -15.02
N LEU A 528 51.38 38.47 -14.69
CA LEU A 528 50.30 39.46 -14.78
C LEU A 528 49.65 39.45 -16.16
N GLY A 529 50.46 39.30 -17.21
CA GLY A 529 49.96 39.30 -18.57
C GLY A 529 49.24 38.04 -18.96
N GLU A 530 49.74 36.88 -18.55
CA GLU A 530 49.05 35.62 -18.82
C GLU A 530 47.78 35.49 -17.98
N ASN A 531 47.75 36.12 -16.80
CA ASN A 531 46.54 36.13 -15.97
C ASN A 531 45.34 36.70 -16.71
N ALA A 532 45.50 37.87 -17.32
CA ALA A 532 44.37 38.43 -18.06
C ALA A 532 44.17 37.75 -19.40
N GLU A 533 45.13 36.92 -19.83
CA GLU A 533 44.88 36.10 -21.01
C GLU A 533 43.86 35.02 -20.71
N VAL A 534 43.97 34.40 -19.52
CA VAL A 534 43.06 33.32 -19.14
C VAL A 534 41.67 33.87 -18.79
N LYS A 535 41.58 34.94 -18.00
CA LYS A 535 40.27 35.51 -17.70
C LYS A 535 39.51 35.96 -18.97
N GLU A 536 40.23 36.49 -19.98
CA GLU A 536 39.52 36.81 -21.21
C GLU A 536 39.00 35.56 -21.89
N MET A 537 39.79 34.49 -21.85
CA MET A 537 39.46 33.27 -22.57
C MET A 537 38.20 32.66 -22.02
N MET A 538 38.22 32.37 -20.72
CA MET A 538 37.11 31.68 -20.07
C MET A 538 35.81 32.44 -20.23
N THR A 539 35.85 33.76 -20.25
CA THR A 539 34.59 34.48 -20.27
C THR A 539 33.85 34.27 -21.57
N THR A 540 34.54 34.03 -22.70
CA THR A 540 33.76 33.78 -23.90
C THR A 540 33.13 32.38 -23.91
N TRP A 541 33.73 31.39 -23.23
CA TRP A 541 33.08 30.08 -23.10
C TRP A 541 31.81 30.20 -22.27
N THR A 542 31.84 31.10 -21.29
CA THR A 542 30.74 31.33 -20.36
C THR A 542 29.56 32.04 -20.98
N LEU A 543 29.77 32.89 -21.99
CA LEU A 543 28.70 33.71 -22.50
C LEU A 543 28.33 33.40 -23.93
N GLN A 544 29.06 32.53 -24.59
CA GLN A 544 28.75 32.04 -25.91
C GLN A 544 28.11 30.66 -25.79
N LYS A 545 26.84 30.57 -26.20
CA LYS A 545 26.30 29.25 -26.44
C LYS A 545 27.06 28.57 -27.59
N GLY A 546 27.08 27.26 -27.56
CA GLY A 546 27.65 26.51 -28.65
C GLY A 546 29.02 25.97 -28.32
N ILE A 547 29.57 25.27 -29.29
CA ILE A 547 30.85 24.62 -29.11
C ILE A 547 31.62 24.69 -30.42
N PRO A 548 32.92 24.96 -30.40
CA PRO A 548 33.65 25.17 -31.66
C PRO A 548 34.05 23.87 -32.35
N LEU A 549 34.29 24.01 -33.67
CA LEU A 549 34.88 23.00 -34.55
C LEU A 549 36.19 23.51 -35.15
N LEU A 550 37.30 22.92 -34.72
CA LEU A 550 38.61 23.21 -35.28
C LEU A 550 38.84 22.34 -36.50
N VAL A 551 39.08 22.98 -37.64
CA VAL A 551 39.37 22.32 -38.90
C VAL A 551 40.86 22.43 -39.17
N VAL A 552 41.49 21.32 -39.51
CA VAL A 552 42.95 21.18 -39.61
C VAL A 552 43.28 20.60 -40.98
N LYS A 553 43.95 21.40 -41.82
CA LYS A 553 44.44 20.97 -43.13
C LYS A 553 45.96 20.89 -43.08
N GLN A 554 46.50 19.70 -43.32
CA GLN A 554 47.93 19.44 -43.22
C GLN A 554 48.57 19.77 -44.57
N ASP A 555 49.39 20.83 -44.59
CA ASP A 555 50.11 21.22 -45.79
C ASP A 555 51.43 20.45 -45.87
N GLY A 556 52.33 20.86 -46.75
CA GLY A 556 53.70 20.40 -46.65
C GLY A 556 54.25 20.60 -45.25
N CYS A 557 54.05 21.80 -44.69
CA CYS A 557 54.23 22.05 -43.28
C CYS A 557 53.19 23.04 -42.82
N LEU A 559 50.01 23.49 -41.51
CA LEU A 559 48.77 23.28 -40.76
C LEU A 559 47.89 24.53 -40.66
N ARG A 560 46.91 24.67 -41.55
CA ARG A 560 45.98 25.79 -41.52
C ARG A 560 44.82 25.42 -40.61
N LEU A 561 44.46 26.34 -39.72
CA LEU A 561 43.41 26.16 -38.73
C LEU A 561 42.23 27.08 -39.01
N GLN A 562 41.04 26.53 -39.07
CA GLN A 562 39.82 27.32 -39.14
C GLN A 562 38.91 26.96 -37.97
N GLN A 563 38.13 27.94 -37.52
CA GLN A 563 37.23 27.77 -36.39
C GLN A 563 35.80 28.09 -36.82
N GLU A 564 34.87 27.22 -36.43
CA GLU A 564 33.46 27.34 -36.77
C GLU A 564 32.62 26.99 -35.56
N ARG A 565 31.34 27.33 -35.65
CA ARG A 565 30.38 26.91 -34.64
C ARG A 565 29.85 25.55 -35.05
N PHE A 566 30.14 24.52 -34.26
CA PHE A 566 29.65 23.20 -34.62
C PHE A 566 28.14 23.14 -34.61
N LEU A 567 27.57 22.45 -35.59
CA LEU A 567 26.12 22.47 -35.76
C LEU A 567 25.61 21.16 -36.35
N GLN A 568 24.45 20.74 -35.88
CA GLN A 568 23.95 19.46 -36.32
C GLN A 568 22.49 19.62 -36.78
N GLY A 569 22.09 18.74 -37.69
CA GLY A 569 20.97 19.09 -38.54
C GLY A 569 21.58 19.78 -39.73
N VAL A 570 21.63 21.11 -39.64
CA VAL A 570 22.23 22.02 -40.61
C VAL A 570 23.58 21.60 -41.20
N PHE A 571 23.64 21.52 -42.53
CA PHE A 571 24.84 21.23 -43.31
C PHE A 571 25.49 22.55 -43.74
N GLN A 572 26.73 22.45 -44.23
CA GLN A 572 27.49 23.66 -44.56
C GLN A 572 26.87 24.42 -45.74
N GLU A 573 26.33 23.70 -46.72
CA GLU A 573 25.72 24.31 -47.91
C GLU A 573 24.34 24.90 -47.63
N ASP A 574 23.74 24.54 -46.50
CA ASP A 574 22.35 24.88 -46.18
C ASP A 574 22.17 26.41 -46.14
N PRO A 575 20.96 26.88 -46.44
CA PRO A 575 20.72 28.34 -46.42
C PRO A 575 21.01 29.00 -45.10
N GLU A 576 20.75 28.32 -43.98
CA GLU A 576 20.89 28.96 -42.69
C GLU A 576 22.18 28.58 -41.97
N TRP A 577 23.15 28.00 -42.68
CA TRP A 577 24.41 27.67 -42.02
C TRP A 577 25.31 28.90 -41.84
N ARG A 578 25.37 29.77 -42.84
CA ARG A 578 26.19 30.97 -42.68
C ARG A 578 25.52 31.98 -41.75
N ALA A 579 24.20 31.86 -41.57
CA ALA A 579 23.47 32.78 -40.71
C ALA A 579 23.73 32.51 -39.23
N LEU A 580 23.97 31.24 -38.88
CA LEU A 580 24.21 30.81 -37.50
C LEU A 580 25.68 30.76 -37.12
N GLN A 581 26.60 31.10 -38.04
CA GLN A 581 28.03 31.25 -37.76
C GLN A 581 28.40 32.68 -37.41
N GLU A 582 27.44 33.59 -37.41
CA GLU A 582 27.58 34.98 -37.02
C GLU A 582 28.30 35.16 -35.68
N ARG A 583 29.39 35.93 -35.69
CA ARG A 583 29.94 36.58 -34.51
C ARG A 583 30.56 35.62 -33.51
N TYR A 584 30.54 34.32 -33.76
CA TYR A 584 31.03 33.33 -32.81
C TYR A 584 32.54 33.21 -32.94
N LEU A 585 33.23 33.33 -31.81
CA LEU A 585 34.68 33.15 -31.80
C LEU A 585 35.09 32.75 -30.39
N TRP A 586 36.03 31.81 -30.29
CA TRP A 586 36.49 31.28 -29.01
C TRP A 586 38.00 31.40 -28.91
N HIS A 587 38.49 31.65 -27.67
CA HIS A 587 39.92 31.57 -27.37
C HIS A 587 40.21 30.13 -26.94
N ILE A 588 40.38 29.28 -27.93
CA ILE A 588 40.48 27.85 -27.67
C ILE A 588 41.93 27.49 -27.31
N PRO A 589 42.17 26.93 -26.14
CA PRO A 589 43.51 26.45 -25.80
C PRO A 589 43.82 25.08 -26.39
N LEU A 590 44.38 25.05 -27.60
CA LEU A 590 44.56 23.78 -28.28
C LEU A 590 45.76 23.00 -27.77
N THR A 591 45.84 21.79 -28.28
CA THR A 591 46.89 20.84 -28.02
C THR A 591 47.04 20.01 -29.27
N TYR A 592 48.23 19.48 -29.47
CA TYR A 592 48.39 18.56 -30.57
C TYR A 592 49.64 17.74 -30.37
N SER A 593 49.60 16.53 -30.89
CA SER A 593 50.76 15.66 -30.91
C SER A 593 50.81 15.03 -32.30
N THR A 594 51.97 14.53 -32.67
CA THR A 594 52.18 14.06 -34.03
C THR A 594 52.67 12.62 -34.04
N SER A 595 52.70 12.06 -35.24
CA SER A 595 53.19 10.71 -35.46
C SER A 595 54.64 10.53 -35.01
N SER A 596 55.44 11.61 -35.06
CA SER A 596 56.88 11.47 -34.81
C SER A 596 57.25 11.49 -33.32
N SER A 597 56.51 12.19 -32.47
CA SER A 597 56.90 12.32 -31.07
C SER A 597 55.68 12.44 -30.17
N ASN A 598 55.84 11.95 -28.93
CA ASN A 598 54.83 12.08 -27.88
C ASN A 598 54.72 13.47 -27.29
N VAL A 599 55.62 14.39 -27.64
CA VAL A 599 55.59 15.71 -27.03
C VAL A 599 54.29 16.41 -27.39
N ILE A 600 53.63 16.93 -26.37
CA ILE A 600 52.39 17.67 -26.53
C ILE A 600 52.76 19.14 -26.65
N HIS A 601 52.30 19.78 -27.72
CA HIS A 601 52.48 21.21 -27.92
C HIS A 601 51.16 21.92 -27.64
N ARG A 602 51.23 23.04 -26.94
CA ARG A 602 50.05 23.79 -26.55
C ARG A 602 50.06 25.17 -27.21
N HIS A 603 48.96 25.51 -27.87
CA HIS A 603 48.89 26.73 -28.68
C HIS A 603 47.52 27.37 -28.52
N ILE A 604 47.43 28.46 -27.74
CA ILE A 604 46.19 29.21 -27.73
C ILE A 604 45.94 29.80 -29.12
N LEU A 605 44.67 29.88 -29.47
CA LEU A 605 44.22 30.45 -30.73
C LEU A 605 43.11 31.44 -30.43
N LYS A 606 43.29 32.70 -30.86
CA LYS A 606 42.37 33.77 -30.51
C LYS A 606 41.77 34.43 -31.74
N SER A 607 41.84 33.78 -32.91
CA SER A 607 41.34 34.34 -34.16
C SER A 607 40.63 33.26 -34.97
N LYS A 608 39.91 33.71 -36.01
CA LYS A 608 39.12 32.80 -36.84
C LYS A 608 40.00 31.93 -37.74
N THR A 609 41.18 32.41 -38.11
CA THR A 609 42.12 31.66 -38.92
C THR A 609 43.52 31.79 -38.35
N ASP A 610 44.30 30.73 -38.52
CA ASP A 610 45.67 30.73 -38.04
C ASP A 610 46.40 29.59 -38.70
N THR A 611 47.72 29.59 -38.60
CA THR A 611 48.48 28.54 -39.23
C THR A 611 49.79 28.30 -38.50
N LEU A 612 50.17 27.02 -38.38
CA LEU A 612 51.29 26.55 -37.58
C LEU A 612 52.25 25.75 -38.45
N ASP A 613 53.56 25.83 -38.14
CA ASP A 613 54.58 25.18 -38.96
C ASP A 613 55.05 23.87 -38.32
N LEU A 614 54.91 22.77 -39.06
CA LEU A 614 55.26 21.44 -38.57
C LEU A 614 56.71 21.13 -38.92
N PRO A 615 57.58 20.85 -37.92
CA PRO A 615 59.00 20.57 -38.23
C PRO A 615 59.30 19.22 -38.87
N GLU A 616 58.83 18.12 -38.28
CA GLU A 616 59.26 16.82 -38.78
C GLU A 616 58.34 16.23 -39.84
N LYS A 617 57.24 16.92 -40.17
CA LYS A 617 56.35 16.59 -41.29
C LYS A 617 55.94 15.10 -41.27
N THR A 618 55.34 14.67 -40.14
CA THR A 618 55.13 13.26 -39.87
C THR A 618 53.87 12.72 -40.56
N SER A 619 53.55 11.46 -40.24
CA SER A 619 52.49 10.75 -40.93
C SER A 619 51.11 11.35 -40.66
N TRP A 620 50.83 11.69 -39.40
CA TRP A 620 49.56 12.30 -39.06
C TRP A 620 49.75 13.24 -37.89
N VAL A 621 48.74 14.09 -37.70
CA VAL A 621 48.67 14.96 -36.54
C VAL A 621 47.34 14.70 -35.85
N LYS A 622 47.36 14.73 -34.52
CA LYS A 622 46.13 14.58 -33.75
C LYS A 622 45.98 15.76 -32.78
N PHE A 623 44.94 16.55 -32.97
CA PHE A 623 44.62 17.66 -32.11
C PHE A 623 43.71 17.21 -30.96
N ASN A 624 43.59 18.08 -29.95
CA ASN A 624 42.80 17.85 -28.74
C ASN A 624 43.24 16.59 -27.99
N VAL A 625 44.46 16.61 -27.46
CA VAL A 625 45.01 15.39 -26.86
C VAL A 625 44.23 14.97 -25.62
N ASP A 626 43.87 13.69 -25.55
CA ASP A 626 43.05 13.16 -24.48
C ASP A 626 41.67 13.82 -24.40
N SER A 627 41.30 14.57 -25.43
CA SER A 627 40.00 15.20 -25.55
C SER A 627 39.72 16.12 -24.36
N ASN A 628 40.79 16.65 -23.78
CA ASN A 628 40.68 17.54 -22.64
C ASN A 628 40.10 18.90 -23.00
N GLY A 629 39.85 19.19 -24.27
CA GLY A 629 39.38 20.50 -24.63
C GLY A 629 38.00 20.48 -25.25
N TYR A 630 37.15 21.41 -24.83
CA TYR A 630 35.77 21.42 -25.30
C TYR A 630 35.66 21.90 -26.76
N TYR A 631 36.06 21.05 -27.71
CA TYR A 631 35.98 21.33 -29.16
C TYR A 631 36.11 20.03 -29.95
N ILE A 632 35.72 20.10 -31.22
CA ILE A 632 35.75 18.97 -32.15
C ILE A 632 36.71 19.30 -33.28
N VAL A 633 37.60 18.37 -33.63
CA VAL A 633 38.55 18.55 -34.73
C VAL A 633 38.15 17.69 -35.93
N HIS A 634 38.08 18.33 -37.10
CA HIS A 634 37.82 17.72 -38.39
C HIS A 634 39.04 17.93 -39.28
N TYR A 635 39.60 16.82 -39.78
CA TYR A 635 40.78 16.88 -40.63
C TYR A 635 40.37 16.84 -42.09
N GLU A 636 41.00 17.69 -42.91
CA GLU A 636 40.69 17.74 -44.33
C GLU A 636 41.76 17.00 -45.14
N GLY A 637 41.30 16.23 -46.13
CA GLY A 637 42.18 15.69 -47.15
C GLY A 637 43.21 14.65 -46.78
N HIS A 638 42.78 13.41 -46.54
CA HIS A 638 43.69 12.30 -46.26
C HIS A 638 44.38 12.47 -44.89
N GLY A 639 43.69 13.10 -43.94
CA GLY A 639 44.23 13.20 -42.59
C GLY A 639 43.35 12.43 -41.64
N TRP A 640 42.05 12.47 -41.95
CA TRP A 640 41.10 11.51 -41.40
C TRP A 640 41.45 10.09 -41.84
N ASP A 641 41.77 9.94 -43.14
CA ASP A 641 42.20 8.64 -43.64
C ASP A 641 43.51 8.21 -42.99
N GLN A 642 44.40 9.18 -42.75
CA GLN A 642 45.68 8.88 -42.13
C GLN A 642 45.49 8.24 -40.74
N LEU A 643 44.63 8.84 -39.91
CA LEU A 643 44.42 8.36 -38.55
C LEU A 643 43.69 7.03 -38.50
N ILE A 644 42.70 6.84 -39.37
CA ILE A 644 42.03 5.53 -39.44
C ILE A 644 43.01 4.45 -39.85
N THR A 645 43.95 4.78 -40.73
CA THR A 645 44.99 3.83 -41.06
C THR A 645 45.71 3.36 -39.81
N GLN A 646 46.06 4.31 -38.92
CA GLN A 646 46.77 3.94 -37.70
C GLN A 646 45.96 3.00 -36.83
N LEU A 647 44.66 3.29 -36.66
CA LEU A 647 43.81 2.50 -35.78
C LEU A 647 43.72 1.05 -36.24
N ASN A 648 43.82 0.81 -37.54
CA ASN A 648 43.75 -0.57 -38.01
C ASN A 648 45.11 -1.27 -38.01
N GLN A 649 46.25 -0.54 -37.96
CA GLN A 649 47.52 -1.25 -37.85
C GLN A 649 48.00 -1.48 -36.41
N ASN A 650 48.61 -0.47 -35.78
CA ASN A 650 48.87 -0.43 -34.34
C ASN A 650 47.93 0.61 -33.80
N HIS A 651 46.85 0.20 -33.14
CA HIS A 651 46.02 1.23 -32.58
C HIS A 651 46.64 1.80 -31.32
N THR A 652 47.67 1.15 -30.79
CA THR A 652 48.32 1.53 -29.55
C THR A 652 49.24 2.74 -29.70
N LEU A 653 49.40 3.26 -30.91
CA LEU A 653 50.21 4.45 -31.10
C LEU A 653 49.40 5.72 -30.88
N LEU A 654 48.17 5.60 -30.38
CA LEU A 654 47.38 6.74 -29.92
C LEU A 654 46.88 6.41 -28.54
N ARG A 655 47.05 7.36 -27.63
CA ARG A 655 46.64 7.13 -26.25
C ARG A 655 45.13 6.91 -26.19
N PRO A 656 44.66 6.15 -25.20
CA PRO A 656 43.29 5.63 -25.27
C PRO A 656 42.19 6.68 -25.18
N LYS A 657 42.46 7.82 -24.56
CA LYS A 657 41.48 8.90 -24.66
C LYS A 657 41.44 9.49 -26.08
N ASP A 658 42.58 9.51 -26.79
CA ASP A 658 42.55 9.90 -28.20
C ASP A 658 41.64 8.97 -29.00
N ARG A 659 41.69 7.67 -28.72
CA ARG A 659 40.85 6.77 -29.48
C ARG A 659 39.36 6.97 -29.17
N VAL A 660 38.99 7.09 -27.89
CA VAL A 660 37.58 7.39 -27.65
C VAL A 660 37.24 8.78 -28.14
N GLY A 661 38.22 9.67 -28.22
CA GLY A 661 37.96 11.02 -28.68
C GLY A 661 37.66 11.05 -30.16
N LEU A 662 38.43 10.30 -30.95
CA LEU A 662 38.21 10.25 -32.39
C LEU A 662 36.89 9.57 -32.68
N ILE A 663 36.63 8.43 -32.04
CA ILE A 663 35.41 7.68 -32.28
C ILE A 663 34.19 8.58 -32.12
N HIS A 664 34.19 9.41 -31.07
CA HIS A 664 33.08 10.35 -30.91
C HIS A 664 33.10 11.38 -32.03
N ASP A 665 34.26 12.01 -32.27
CA ASP A 665 34.36 13.07 -33.26
C ASP A 665 33.98 12.56 -34.64
N VAL A 666 34.40 11.33 -34.98
CA VAL A 666 34.10 10.77 -36.32
C VAL A 666 32.60 10.75 -36.55
N PHE A 667 31.85 10.18 -35.60
CA PHE A 667 30.44 10.00 -35.84
C PHE A 667 29.71 11.34 -35.80
N GLN A 668 30.15 12.25 -34.93
CA GLN A 668 29.49 13.55 -34.87
C GLN A 668 29.69 14.35 -36.15
N LEU A 669 30.80 14.13 -36.85
CA LEU A 669 31.01 14.81 -38.12
C LEU A 669 30.15 14.21 -39.23
N VAL A 670 29.83 12.92 -39.14
CA VAL A 670 28.82 12.34 -40.02
C VAL A 670 27.50 13.07 -39.81
N GLY A 671 27.12 13.29 -38.55
CA GLY A 671 26.00 14.18 -38.25
C GLY A 671 26.17 15.58 -38.84
N ALA A 672 27.41 16.08 -38.91
CA ALA A 672 27.62 17.42 -39.48
C ALA A 672 27.55 17.42 -40.99
N GLY A 673 27.56 16.25 -41.61
CA GLY A 673 27.62 16.16 -43.04
C GLY A 673 29.02 16.31 -43.63
N ARG A 674 30.03 16.65 -42.80
CA ARG A 674 31.41 16.86 -43.22
C ARG A 674 32.17 15.56 -43.45
N LEU A 675 31.45 14.44 -43.49
CA LEU A 675 32.06 13.12 -43.54
C LEU A 675 30.95 12.15 -43.95
N THR A 676 31.31 11.09 -44.67
CA THR A 676 30.31 10.12 -45.09
C THR A 676 30.30 8.96 -44.12
N LEU A 677 29.11 8.36 -43.92
CA LEU A 677 28.95 7.30 -42.95
C LEU A 677 29.88 6.12 -43.19
N ASP A 678 30.28 5.86 -44.43
CA ASP A 678 31.23 4.80 -44.72
C ASP A 678 32.53 4.96 -43.94
N LYS A 679 32.91 6.19 -43.56
CA LYS A 679 34.18 6.38 -42.87
C LYS A 679 34.08 6.02 -41.39
N ALA A 680 33.02 6.46 -40.73
CA ALA A 680 32.86 6.12 -39.32
C ALA A 680 32.69 4.61 -39.11
N LEU A 681 31.92 3.96 -39.99
CA LEU A 681 31.78 2.51 -39.92
C LEU A 681 33.10 1.82 -40.27
N ASP A 682 33.91 2.43 -41.14
CA ASP A 682 35.22 1.88 -41.45
C ASP A 682 36.16 1.92 -40.25
N MET A 683 35.89 2.81 -39.30
CA MET A 683 36.73 2.87 -38.10
C MET A 683 36.38 1.77 -37.13
N THR A 684 35.11 1.40 -37.02
CA THR A 684 34.73 0.35 -36.09
C THR A 684 35.37 -0.99 -36.43
N TYR A 685 35.90 -1.13 -37.65
CA TYR A 685 36.64 -2.33 -38.02
C TYR A 685 37.71 -2.62 -37.00
N TYR A 686 38.44 -1.59 -36.56
CA TYR A 686 39.57 -1.87 -35.68
C TYR A 686 39.11 -2.38 -34.31
N LEU A 687 37.84 -2.13 -33.92
CA LEU A 687 37.40 -2.40 -32.55
C LEU A 687 37.56 -3.85 -32.13
N GLN A 688 37.76 -4.78 -33.07
CA GLN A 688 37.90 -6.18 -32.68
C GLN A 688 39.22 -6.42 -32.00
N HIS A 689 40.21 -5.59 -32.31
CA HIS A 689 41.48 -5.62 -31.60
C HIS A 689 41.49 -4.69 -30.40
N GLU A 690 40.45 -3.89 -30.23
CA GLU A 690 40.42 -2.87 -29.19
C GLU A 690 40.51 -3.48 -27.80
N THR A 691 41.42 -2.96 -26.97
CA THR A 691 41.56 -3.37 -25.57
C THR A 691 41.06 -2.37 -24.53
N SER A 692 41.10 -1.07 -24.80
CA SER A 692 40.55 -0.10 -23.85
C SER A 692 39.04 -0.24 -23.87
N SER A 693 38.51 -0.93 -22.86
CA SER A 693 37.06 -1.06 -22.71
C SER A 693 36.28 0.22 -22.97
N PRO A 694 36.73 1.42 -22.57
CA PRO A 694 35.96 2.63 -22.92
C PRO A 694 35.80 2.83 -24.42
N ALA A 695 36.87 2.70 -25.20
CA ALA A 695 36.72 2.90 -26.64
C ALA A 695 35.82 1.83 -27.27
N LEU A 696 35.96 0.58 -26.81
CA LEU A 696 35.14 -0.50 -27.33
C LEU A 696 33.66 -0.21 -27.12
N LEU A 697 33.30 0.20 -25.91
CA LEU A 697 31.89 0.46 -25.59
C LEU A 697 31.39 1.76 -26.20
N GLU A 698 32.27 2.75 -26.39
CA GLU A 698 31.87 3.93 -27.14
C GLU A 698 31.49 3.53 -28.57
N GLY A 699 32.43 2.92 -29.28
CA GLY A 699 32.17 2.30 -30.58
C GLY A 699 30.87 1.49 -30.65
N LEU A 700 30.76 0.40 -29.88
CA LEU A 700 29.56 -0.43 -29.94
C LEU A 700 28.30 0.39 -29.71
N SER A 701 28.38 1.36 -28.80
CA SER A 701 27.21 2.16 -28.44
C SER A 701 26.60 2.82 -29.67
N TYR A 702 27.44 3.45 -30.49
CA TYR A 702 26.99 3.96 -31.77
C TYR A 702 26.33 2.88 -32.63
N LEU A 703 26.98 1.74 -32.82
CA LEU A 703 26.36 0.67 -33.58
C LEU A 703 25.03 0.23 -32.97
N GLU A 704 24.95 0.15 -31.65
CA GLU A 704 23.69 -0.26 -31.04
C GLU A 704 22.64 0.82 -31.14
N SER A 705 23.09 2.08 -31.10
CA SER A 705 22.23 3.22 -31.42
C SER A 705 21.49 2.99 -32.72
N PHE A 706 22.24 2.69 -33.78
CA PHE A 706 21.65 2.52 -35.10
C PHE A 706 20.59 1.42 -35.10
N TYR A 707 20.92 0.26 -34.51
CA TYR A 707 20.00 -0.87 -34.50
C TYR A 707 18.66 -0.48 -33.87
N HIS A 708 18.71 0.22 -32.72
CA HIS A 708 17.45 0.58 -32.08
C HIS A 708 16.70 1.62 -32.90
N MET A 709 17.41 2.48 -33.60
CA MET A 709 16.78 3.40 -34.54
C MET A 709 16.05 2.67 -35.65
N MET A 710 16.72 1.71 -36.31
CA MET A 710 16.08 0.97 -37.39
C MET A 710 14.87 0.20 -36.87
N ASP A 711 15.03 -0.44 -35.72
CA ASP A 711 13.99 -1.29 -35.19
C ASP A 711 12.72 -0.49 -34.93
N ARG A 712 12.86 0.75 -34.49
CA ARG A 712 11.69 1.56 -34.17
C ARG A 712 10.88 1.89 -35.42
N ARG A 713 11.57 2.08 -36.54
CA ARG A 713 10.99 2.43 -37.83
C ARG A 713 10.67 1.21 -38.67
N ASN A 714 10.79 0.01 -38.09
CA ASN A 714 10.42 -1.22 -38.74
C ASN A 714 11.33 -1.55 -39.92
N ILE A 715 12.54 -0.98 -39.98
CA ILE A 715 13.41 -1.18 -41.14
C ILE A 715 14.18 -2.49 -40.99
N SER A 716 13.49 -3.57 -41.31
CA SER A 716 13.97 -4.92 -41.07
C SER A 716 14.68 -5.41 -42.33
N ASP A 717 15.71 -4.69 -42.71
CA ASP A 717 16.72 -5.27 -43.55
C ASP A 717 18.00 -4.95 -42.83
N ILE A 718 18.05 -3.71 -42.36
CA ILE A 718 19.24 -3.11 -41.81
C ILE A 718 19.42 -3.55 -40.37
N SER A 719 18.35 -3.50 -39.60
CA SER A 719 18.43 -3.98 -38.24
C SER A 719 18.31 -5.48 -38.17
N GLU A 720 18.92 -6.18 -39.12
CA GLU A 720 19.05 -7.63 -39.09
C GLU A 720 20.46 -7.91 -39.50
N ASN A 721 20.97 -7.07 -40.40
CA ASN A 721 22.39 -7.10 -40.70
C ASN A 721 23.19 -6.40 -39.61
N LEU A 722 22.64 -5.32 -39.04
CA LEU A 722 23.20 -4.75 -37.82
C LEU A 722 23.28 -5.79 -36.73
N LYS A 723 22.19 -6.54 -36.54
CA LYS A 723 22.24 -7.65 -35.57
C LYS A 723 23.36 -8.60 -35.95
N ARG A 724 23.47 -8.95 -37.22
CA ARG A 724 24.49 -9.92 -37.61
C ARG A 724 25.88 -9.35 -37.43
N TYR A 725 26.09 -8.09 -37.80
CA TYR A 725 27.45 -7.56 -37.77
C TYR A 725 27.98 -7.51 -36.34
N LEU A 726 27.10 -7.27 -35.37
CA LEU A 726 27.54 -7.21 -33.99
C LEU A 726 27.86 -8.60 -33.47
N LEU A 727 26.93 -9.53 -33.64
CA LEU A 727 27.10 -10.88 -33.12
C LEU A 727 28.28 -11.60 -33.75
N GLN A 728 28.58 -11.32 -35.01
CA GLN A 728 29.60 -12.12 -35.66
C GLN A 728 30.96 -11.49 -35.48
N TYR A 729 31.03 -10.17 -35.64
CA TYR A 729 32.32 -9.50 -35.59
C TYR A 729 32.83 -9.39 -34.16
N PHE A 730 31.92 -9.34 -33.19
CA PHE A 730 32.30 -9.21 -31.79
C PHE A 730 32.02 -10.48 -31.01
N LYS A 731 31.83 -11.60 -31.70
CA LYS A 731 31.64 -12.90 -31.07
C LYS A 731 32.73 -13.31 -30.09
N PRO A 732 34.02 -13.16 -30.41
CA PRO A 732 35.08 -13.47 -29.43
C PRO A 732 34.92 -12.78 -28.09
N VAL A 733 34.78 -11.46 -28.10
CA VAL A 733 34.71 -10.71 -26.85
C VAL A 733 33.45 -11.08 -26.05
N ILE A 734 32.34 -11.35 -26.73
CA ILE A 734 31.13 -11.75 -26.01
C ILE A 734 31.32 -13.10 -25.33
N ASP A 735 31.92 -14.05 -26.02
CA ASP A 735 31.97 -15.39 -25.47
C ASP A 735 32.98 -15.54 -24.34
N ARG A 736 33.86 -14.56 -24.12
CA ARG A 736 34.82 -14.58 -23.00
C ARG A 736 34.15 -14.27 -21.66
N GLN A 737 32.92 -13.74 -21.68
CA GLN A 737 32.30 -13.21 -20.49
C GLN A 737 31.73 -14.31 -19.61
N SER A 738 31.85 -14.08 -18.30
CA SER A 738 31.27 -14.91 -17.26
C SER A 738 29.81 -14.57 -17.09
N TRP A 739 29.12 -15.35 -16.28
CA TRP A 739 27.80 -14.98 -15.81
C TRP A 739 27.89 -14.92 -14.30
N SER A 740 28.91 -14.17 -13.87
CA SER A 740 29.44 -14.06 -12.51
C SER A 740 29.68 -12.61 -12.11
N ASP A 741 30.25 -12.39 -10.92
CA ASP A 741 30.70 -11.05 -10.54
C ASP A 741 32.23 -10.98 -10.44
N LYS A 742 32.92 -11.80 -11.25
CA LYS A 742 34.25 -12.29 -10.91
C LYS A 742 35.37 -11.23 -11.04
N GLY A 743 35.29 -10.28 -11.94
CA GLY A 743 36.46 -9.47 -12.26
C GLY A 743 36.65 -8.22 -11.43
N SER A 744 37.30 -7.23 -12.06
CA SER A 744 37.47 -5.89 -11.54
C SER A 744 36.31 -5.00 -12.01
N VAL A 745 36.42 -3.69 -11.79
CA VAL A 745 35.25 -2.85 -12.05
C VAL A 745 35.04 -2.64 -13.54
N TRP A 746 36.11 -2.52 -14.32
CA TRP A 746 35.88 -2.39 -15.75
C TRP A 746 35.63 -3.75 -16.38
N ASP A 747 36.20 -4.83 -15.83
CA ASP A 747 35.75 -6.16 -16.22
C ASP A 747 34.26 -6.32 -15.97
N ARG A 748 33.83 -6.03 -14.74
CA ARG A 748 32.42 -6.19 -14.36
C ARG A 748 31.54 -5.29 -15.21
N MET A 749 31.91 -4.01 -15.31
CA MET A 749 31.11 -3.07 -16.07
C MET A 749 31.05 -3.45 -17.52
N LEU A 750 32.13 -4.04 -18.05
CA LEU A 750 32.12 -4.51 -19.42
C LEU A 750 31.29 -5.80 -19.60
N ARG A 751 31.22 -6.65 -18.57
CA ARG A 751 30.41 -7.87 -18.67
C ARG A 751 28.92 -7.55 -18.79
N SER A 752 28.41 -6.67 -17.93
CA SER A 752 27.00 -6.36 -17.99
C SER A 752 26.64 -5.73 -19.33
N ALA A 753 27.48 -4.82 -19.80
CA ALA A 753 27.31 -4.15 -21.07
C ALA A 753 27.11 -5.14 -22.21
N LEU A 754 28.11 -6.00 -22.45
CA LEU A 754 28.07 -6.90 -23.59
C LEU A 754 26.93 -7.90 -23.47
N LEU A 755 26.72 -8.47 -22.27
CA LEU A 755 25.68 -9.48 -22.13
C LEU A 755 24.31 -8.89 -22.41
N LYS A 756 24.07 -7.65 -21.95
CA LYS A 756 22.82 -6.97 -22.28
C LYS A 756 22.72 -6.74 -23.77
N LEU A 757 23.84 -6.36 -24.40
CA LEU A 757 23.86 -6.24 -25.85
C LEU A 757 23.42 -7.52 -26.53
N ALA A 758 24.01 -8.65 -26.15
CA ALA A 758 23.69 -9.92 -26.80
C ALA A 758 22.26 -10.36 -26.52
N CYS A 759 21.78 -10.16 -25.30
CA CYS A 759 20.42 -10.55 -25.00
C CYS A 759 19.41 -9.55 -25.56
N ASP A 760 19.84 -8.32 -25.87
CA ASP A 760 18.95 -7.39 -26.54
C ASP A 760 18.86 -7.66 -28.04
N LEU A 761 19.78 -8.44 -28.61
CA LEU A 761 19.75 -8.83 -30.02
C LEU A 761 19.23 -10.26 -30.19
N ASN A 762 18.57 -10.79 -29.16
CA ASN A 762 17.99 -12.15 -29.15
C ASN A 762 18.97 -13.24 -29.56
N HIS A 763 20.27 -13.00 -29.35
CA HIS A 763 21.29 -14.03 -29.49
C HIS A 763 20.81 -15.28 -28.77
N ALA A 764 20.55 -16.32 -29.55
CA ALA A 764 19.92 -17.53 -29.05
C ALA A 764 20.57 -18.05 -27.77
N PRO A 765 21.90 -18.17 -27.68
CA PRO A 765 22.51 -18.73 -26.45
C PRO A 765 22.28 -17.89 -25.21
N CYS A 766 22.56 -16.58 -25.31
CA CYS A 766 22.49 -15.66 -24.17
CA CYS A 766 22.53 -15.78 -24.11
C CYS A 766 21.11 -15.70 -23.53
N ILE A 767 20.09 -15.61 -24.39
CA ILE A 767 18.71 -15.64 -23.91
C ILE A 767 18.45 -16.95 -23.19
N GLN A 768 19.08 -18.03 -23.64
CA GLN A 768 18.86 -19.31 -23.00
C GLN A 768 19.46 -19.34 -21.60
N LYS A 769 20.71 -18.89 -21.44
CA LYS A 769 21.34 -18.90 -20.12
C LYS A 769 20.61 -18.01 -19.13
N ALA A 770 20.11 -16.86 -19.60
CA ALA A 770 19.38 -15.96 -18.72
C ALA A 770 18.05 -16.55 -18.26
N ALA A 771 17.31 -17.19 -19.16
CA ALA A 771 16.02 -17.75 -18.78
C ALA A 771 16.16 -18.92 -17.83
N GLU A 772 17.23 -19.71 -17.98
CA GLU A 772 17.53 -20.74 -16.97
C GLU A 772 17.67 -20.10 -15.61
N LEU A 773 18.62 -19.16 -15.49
CA LEU A 773 18.94 -18.52 -14.22
C LEU A 773 17.68 -17.95 -13.58
N PHE A 774 16.83 -17.34 -14.41
CA PHE A 774 15.58 -16.81 -13.90
C PHE A 774 14.71 -17.91 -13.33
N SER A 775 14.61 -19.04 -14.05
CA SER A 775 13.74 -20.11 -13.59
C SER A 775 14.21 -20.65 -12.24
N GLN A 776 15.51 -20.95 -12.13
CA GLN A 776 16.09 -21.39 -10.85
C GLN A 776 15.70 -20.45 -9.71
N TRP A 777 15.90 -19.14 -9.91
CA TRP A 777 15.52 -18.16 -8.90
C TRP A 777 14.02 -18.23 -8.61
N MET A 778 13.18 -18.37 -9.64
CA MET A 778 11.75 -18.40 -9.37
C MET A 778 11.37 -19.72 -8.69
N GLU A 779 11.90 -20.84 -9.18
CA GLU A 779 11.54 -22.16 -8.62
C GLU A 779 12.18 -22.40 -7.26
N SER A 780 13.18 -21.62 -6.88
CA SER A 780 13.73 -21.70 -5.54
C SER A 780 13.09 -20.70 -4.60
N SER A 781 12.00 -20.04 -5.00
CA SER A 781 11.30 -19.05 -4.16
C SER A 781 12.27 -18.02 -3.59
N GLY A 782 13.25 -17.61 -4.41
CA GLY A 782 14.26 -16.68 -3.97
C GLY A 782 15.32 -17.26 -3.07
N LYS A 783 15.36 -18.58 -2.90
CA LYS A 783 16.40 -19.18 -2.08
C LYS A 783 17.76 -19.09 -2.76
N LEU A 784 17.80 -19.15 -4.09
CA LEU A 784 19.03 -18.95 -4.83
C LEU A 784 19.22 -17.46 -5.14
N ASN A 785 20.42 -17.11 -5.57
CA ASN A 785 20.76 -15.72 -5.88
C ASN A 785 21.34 -15.64 -7.29
N ILE A 786 21.16 -14.47 -7.90
CA ILE A 786 21.62 -14.17 -9.25
C ILE A 786 22.76 -13.17 -9.15
N PRO A 787 23.82 -13.30 -9.94
CA PRO A 787 24.92 -12.32 -9.88
C PRO A 787 24.44 -10.93 -10.24
N THR A 788 24.93 -9.93 -9.51
CA THR A 788 24.33 -8.62 -9.66
C THR A 788 24.50 -8.07 -11.06
N ASP A 789 25.64 -8.38 -11.69
CA ASP A 789 25.91 -7.85 -13.02
C ASP A 789 24.86 -8.32 -14.02
N VAL A 790 24.35 -9.54 -13.89
CA VAL A 790 23.34 -10.02 -14.83
C VAL A 790 21.94 -9.99 -14.23
N LEU A 791 21.81 -9.44 -13.02
CA LEU A 791 20.51 -9.33 -12.36
C LEU A 791 19.50 -8.66 -13.27
N LYS A 792 19.88 -7.55 -13.91
CA LYS A 792 18.83 -6.87 -14.68
C LYS A 792 18.54 -7.65 -15.94
N ILE A 793 19.57 -8.18 -16.58
CA ILE A 793 19.38 -8.98 -17.78
C ILE A 793 18.44 -10.15 -17.49
N VAL A 794 18.69 -10.86 -16.39
CA VAL A 794 17.87 -12.02 -16.09
C VAL A 794 16.42 -11.61 -15.89
N TYR A 795 16.20 -10.54 -15.13
CA TYR A 795 14.82 -10.15 -14.82
C TYR A 795 14.03 -9.82 -16.09
N SER A 796 14.66 -9.13 -17.04
CA SER A 796 13.92 -8.78 -18.23
C SER A 796 13.73 -9.98 -19.14
N VAL A 797 14.65 -10.95 -19.13
CA VAL A 797 14.36 -12.23 -19.79
C VAL A 797 13.13 -12.88 -19.17
N GLY A 798 13.10 -12.97 -17.84
CA GLY A 798 11.95 -13.59 -17.18
C GLY A 798 10.66 -12.85 -17.45
N ALA A 799 10.73 -11.52 -17.54
CA ALA A 799 9.53 -10.71 -17.73
C ALA A 799 8.80 -11.02 -19.03
N GLN A 800 9.47 -11.74 -19.94
CA GLN A 800 8.92 -11.98 -21.26
C GLN A 800 7.81 -13.02 -21.27
N THR A 801 7.52 -13.70 -20.16
CA THR A 801 6.30 -14.48 -20.01
C THR A 801 5.47 -13.91 -18.88
N THR A 802 4.16 -14.17 -18.93
CA THR A 802 3.25 -13.67 -17.89
C THR A 802 3.61 -14.21 -16.52
N ALA A 803 4.14 -15.45 -16.48
CA ALA A 803 4.47 -16.06 -15.20
C ALA A 803 5.59 -15.28 -14.52
N GLY A 804 6.74 -15.15 -15.20
CA GLY A 804 7.82 -14.32 -14.69
C GLY A 804 7.39 -12.89 -14.47
N TRP A 805 6.67 -12.31 -15.43
CA TRP A 805 6.24 -10.93 -15.26
C TRP A 805 5.41 -10.75 -14.01
N ASN A 806 4.46 -11.65 -13.79
CA ASN A 806 3.58 -11.50 -12.64
C ASN A 806 4.32 -11.77 -11.34
N TYR A 807 5.21 -12.78 -11.34
CA TYR A 807 6.08 -13.00 -10.19
C TYR A 807 6.94 -11.78 -9.94
N LEU A 808 7.48 -11.20 -11.02
CA LEU A 808 8.36 -10.04 -10.91
C LEU A 808 7.63 -8.86 -10.30
N LEU A 809 6.39 -8.61 -10.75
CA LEU A 809 5.59 -7.56 -10.15
C LEU A 809 5.24 -7.86 -8.70
N GLU A 810 4.85 -9.10 -8.40
CA GLU A 810 4.47 -9.41 -7.03
C GLU A 810 5.67 -9.36 -6.09
N GLN A 811 6.85 -9.70 -6.59
CA GLN A 811 8.05 -9.63 -5.77
C GLN A 811 8.71 -8.26 -5.84
N TYR A 812 8.17 -7.36 -6.67
CA TYR A 812 8.53 -5.95 -6.55
C TYR A 812 7.94 -5.36 -5.28
N GLU A 813 6.71 -5.74 -4.93
CA GLU A 813 6.04 -5.15 -3.77
C GLU A 813 6.70 -5.55 -2.46
N LEU A 814 7.49 -6.63 -2.45
CA LEU A 814 8.06 -7.16 -1.21
C LEU A 814 9.55 -6.94 -1.10
N SER A 815 10.19 -6.37 -2.11
CA SER A 815 11.62 -6.21 -1.98
C SER A 815 11.95 -5.11 -1.00
N MET A 816 13.07 -5.30 -0.31
CA MET A 816 13.62 -4.34 0.62
C MET A 816 14.86 -3.66 0.08
N SER A 817 15.23 -3.95 -1.17
CA SER A 817 16.36 -3.31 -1.85
C SER A 817 15.78 -2.45 -2.97
N SER A 818 15.86 -1.12 -2.83
CA SER A 818 15.36 -0.26 -3.91
C SER A 818 16.27 -0.29 -5.14
N ALA A 819 17.52 -0.76 -5.01
CA ALA A 819 18.24 -1.11 -6.24
C ALA A 819 17.59 -2.28 -6.93
N GLU A 820 17.21 -3.29 -6.16
CA GLU A 820 16.65 -4.47 -6.77
C GLU A 820 15.32 -4.10 -7.43
N GLN A 821 14.54 -3.24 -6.78
CA GLN A 821 13.30 -2.78 -7.39
C GLN A 821 13.58 -2.06 -8.69
N ASN A 822 14.57 -1.17 -8.69
CA ASN A 822 14.80 -0.39 -9.89
C ASN A 822 15.13 -1.27 -11.06
N LYS A 823 15.97 -2.27 -10.83
CA LYS A 823 16.23 -3.27 -11.86
C LYS A 823 14.94 -4.00 -12.23
N ILE A 824 14.12 -4.33 -11.24
CA ILE A 824 12.91 -5.10 -11.53
C ILE A 824 11.99 -4.31 -12.42
N LEU A 825 11.79 -3.05 -12.08
CA LEU A 825 10.84 -2.25 -12.83
C LEU A 825 11.29 -2.09 -14.27
N TYR A 826 12.60 -1.97 -14.50
CA TYR A 826 13.08 -1.99 -15.88
C TYR A 826 12.62 -3.26 -16.60
N ALA A 827 12.96 -4.44 -16.05
CA ALA A 827 12.51 -5.73 -16.60
C ALA A 827 11.02 -5.74 -16.90
N LEU A 828 10.19 -5.27 -15.96
CA LEU A 828 8.77 -5.19 -16.23
C LEU A 828 8.52 -4.34 -17.47
N SER A 829 9.27 -3.23 -17.59
CA SER A 829 9.02 -2.35 -18.71
C SER A 829 9.45 -2.93 -20.06
N THR A 830 10.07 -4.12 -20.10
CA THR A 830 10.41 -4.71 -21.39
C THR A 830 9.34 -5.67 -21.87
N SER A 831 8.15 -5.64 -21.30
CA SER A 831 7.12 -6.54 -21.80
C SER A 831 6.75 -6.14 -23.22
N LYS A 832 6.32 -7.14 -23.99
CA LYS A 832 5.87 -6.88 -25.36
C LYS A 832 4.35 -6.75 -25.44
N HIS A 833 3.63 -7.11 -24.38
CA HIS A 833 2.18 -6.95 -24.31
C HIS A 833 1.83 -5.55 -23.86
N GLN A 834 1.18 -4.77 -24.73
CA GLN A 834 0.70 -3.45 -24.33
C GLN A 834 -0.30 -3.49 -23.17
N GLU A 835 -0.93 -4.64 -22.90
CA GLU A 835 -1.79 -4.75 -21.72
C GLU A 835 -1.00 -4.45 -20.45
N LYS A 836 0.24 -4.96 -20.37
CA LYS A 836 1.04 -4.92 -19.14
C LYS A 836 1.69 -3.55 -18.92
N LEU A 837 2.34 -3.01 -19.95
CA LEU A 837 2.94 -1.67 -19.92
C LEU A 837 1.94 -0.64 -19.37
N LEU A 838 0.71 -0.64 -19.90
CA LEU A 838 -0.35 0.26 -19.42
C LEU A 838 -0.62 0.11 -17.94
N LYS A 839 -0.66 -1.12 -17.44
CA LYS A 839 -0.79 -1.34 -16.00
C LYS A 839 0.32 -0.61 -15.27
N LEU A 840 1.57 -0.83 -15.71
CA LEU A 840 2.73 -0.22 -15.07
C LEU A 840 2.57 1.28 -14.96
N ILE A 841 2.25 1.92 -16.07
CA ILE A 841 2.05 3.37 -16.10
C ILE A 841 0.89 3.77 -15.20
N GLU A 842 -0.17 2.97 -15.16
CA GLU A 842 -1.29 3.37 -14.32
C GLU A 842 -0.93 3.23 -12.85
N LEU A 843 -0.24 2.15 -12.50
CA LEU A 843 0.29 1.97 -11.16
C LEU A 843 1.14 3.16 -10.72
N GLY A 844 1.94 3.70 -11.63
CA GLY A 844 2.73 4.88 -11.31
C GLY A 844 1.94 6.17 -11.20
N MET A 845 0.88 6.33 -12.01
CA MET A 845 -0.05 7.43 -11.78
C MET A 845 -0.62 7.36 -10.39
N GLU A 846 -1.17 6.19 -10.03
CA GLU A 846 -1.70 5.92 -8.69
C GLU A 846 -0.68 6.25 -7.62
N GLY A 847 0.47 5.58 -7.64
CA GLY A 847 1.54 5.89 -6.72
C GLY A 847 1.52 5.10 -5.44
N LYS A 848 0.59 4.14 -5.30
CA LYS A 848 0.50 3.35 -4.08
C LYS A 848 1.43 2.13 -4.13
N VAL A 849 1.59 1.51 -5.30
CA VAL A 849 2.48 0.36 -5.45
C VAL A 849 3.86 0.77 -5.98
N ILE A 850 3.88 1.31 -7.19
CA ILE A 850 5.06 1.90 -7.81
C ILE A 850 5.07 3.38 -7.49
N LYS A 851 6.02 3.83 -6.67
CA LYS A 851 6.00 5.21 -6.17
C LYS A 851 6.05 6.22 -7.30
N THR A 852 5.44 7.39 -7.07
CA THR A 852 5.31 8.42 -8.10
C THR A 852 6.65 9.05 -8.53
N GLN A 853 7.70 8.97 -7.73
CA GLN A 853 9.01 9.43 -8.15
C GLN A 853 9.64 8.53 -9.20
N ASN A 854 8.89 7.61 -9.76
CA ASN A 854 9.40 6.72 -10.77
C ASN A 854 8.58 6.77 -12.02
N LEU A 855 7.41 7.41 -11.97
CA LEU A 855 6.56 7.47 -13.14
C LEU A 855 7.27 8.13 -14.32
N ALA A 856 8.14 9.12 -14.03
CA ALA A 856 8.86 9.76 -15.11
C ALA A 856 9.81 8.79 -15.81
N ALA A 857 10.71 8.13 -15.05
CA ALA A 857 11.71 7.27 -15.70
C ALA A 857 11.08 6.00 -16.26
N LEU A 858 9.89 5.67 -15.76
CA LEU A 858 9.16 4.51 -16.26
C LEU A 858 8.69 4.75 -17.68
N LEU A 859 7.86 5.79 -17.85
CA LEU A 859 7.46 6.29 -19.17
C LEU A 859 8.59 6.34 -20.16
N HIS A 860 9.73 6.90 -19.75
CA HIS A 860 10.90 6.98 -20.60
C HIS A 860 11.36 5.58 -21.00
N ALA A 861 11.31 4.63 -20.08
CA ALA A 861 11.77 3.29 -20.40
C ALA A 861 10.86 2.64 -21.43
N ILE A 862 9.56 2.62 -21.12
CA ILE A 862 8.54 2.08 -22.03
C ILE A 862 8.73 2.67 -23.42
N ALA A 863 8.82 4.00 -23.50
CA ALA A 863 8.97 4.69 -24.77
C ALA A 863 10.19 4.23 -25.56
N ARG A 864 11.30 3.88 -24.87
CA ARG A 864 12.55 3.49 -25.52
C ARG A 864 12.32 2.38 -26.54
N ARG A 865 11.58 1.34 -26.14
CA ARG A 865 11.39 0.13 -26.89
C ARG A 865 10.21 0.27 -27.88
N PRO A 866 10.32 -0.35 -29.07
CA PRO A 866 9.29 -0.16 -30.11
C PRO A 866 7.86 -0.46 -29.70
N LYS A 867 7.61 -1.58 -28.99
CA LYS A 867 6.23 -1.92 -28.62
C LYS A 867 5.56 -0.87 -27.76
N GLY A 868 6.33 0.06 -27.19
CA GLY A 868 5.80 1.07 -26.30
C GLY A 868 5.99 2.53 -26.68
N GLN A 869 6.73 2.86 -27.77
CA GLN A 869 7.01 4.27 -28.08
C GLN A 869 5.73 5.06 -28.36
N GLN A 870 4.70 4.40 -28.91
CA GLN A 870 3.40 5.06 -29.14
C GLN A 870 2.64 5.22 -27.83
N LEU A 871 2.27 4.09 -27.19
CA LEU A 871 1.45 4.06 -25.97
C LEU A 871 1.89 5.13 -24.98
N ALA A 872 3.22 5.31 -24.85
CA ALA A 872 3.75 6.38 -24.03
C ALA A 872 3.37 7.74 -24.59
N TRP A 873 3.50 7.92 -25.91
CA TRP A 873 3.15 9.18 -26.57
C TRP A 873 1.65 9.48 -26.45
N ASP A 874 0.82 8.47 -26.75
CA ASP A 874 -0.62 8.62 -26.60
C ASP A 874 -0.99 8.99 -25.16
N PHE A 875 -0.42 8.27 -24.19
CA PHE A 875 -0.73 8.52 -22.78
C PHE A 875 -0.44 9.97 -22.40
N VAL A 876 0.76 10.44 -22.76
CA VAL A 876 1.21 11.76 -22.35
C VAL A 876 0.27 12.83 -22.90
N ARG A 877 -0.15 12.68 -24.16
CA ARG A 877 -1.00 13.71 -24.72
C ARG A 877 -2.43 13.62 -24.20
N GLU A 878 -2.86 12.44 -23.79
CA GLU A 878 -4.21 12.24 -23.28
C GLU A 878 -4.37 12.61 -21.82
N ASN A 879 -3.27 12.70 -21.04
CA ASN A 879 -3.34 13.07 -19.64
C ASN A 879 -2.40 14.21 -19.30
N TRP A 880 -2.13 15.10 -20.26
CA TRP A 880 -1.12 16.12 -19.98
C TRP A 880 -1.53 16.95 -18.78
N THR A 881 -2.82 17.16 -18.61
CA THR A 881 -3.25 18.01 -17.52
C THR A 881 -3.15 17.28 -16.18
N HIS A 882 -3.42 15.97 -16.17
CA HIS A 882 -3.18 15.20 -14.95
C HIS A 882 -1.72 15.23 -14.55
N LEU A 883 -0.82 15.06 -15.53
CA LEU A 883 0.60 15.01 -15.22
C LEU A 883 1.11 16.34 -14.68
N LEU A 884 0.43 17.45 -15.01
CA LEU A 884 0.76 18.73 -14.40
C LEU A 884 0.32 18.83 -12.94
N LYS A 885 -0.76 18.15 -12.56
CA LYS A 885 -1.19 18.23 -11.17
C LYS A 885 -0.31 17.41 -10.24
N LYS A 886 0.68 16.70 -10.75
CA LYS A 886 1.60 15.92 -9.95
C LYS A 886 3.02 16.48 -9.96
N PHE A 887 3.45 17.07 -11.06
CA PHE A 887 4.76 17.65 -11.16
C PHE A 887 4.67 19.11 -11.61
N ASP A 888 5.68 19.89 -11.22
CA ASP A 888 5.88 21.22 -11.76
C ASP A 888 6.15 21.16 -13.27
N LEU A 889 5.75 22.23 -13.96
CA LEU A 889 6.06 22.38 -15.39
C LEU A 889 7.57 22.51 -15.64
N GLY A 890 8.33 23.03 -14.68
CA GLY A 890 9.76 23.10 -14.87
C GLY A 890 10.52 21.96 -14.24
N SER A 891 9.81 20.98 -13.65
CA SER A 891 10.46 19.90 -12.95
C SER A 891 11.28 19.05 -13.92
N TYR A 892 12.28 18.36 -13.38
CA TYR A 892 13.01 17.42 -14.23
C TYR A 892 12.11 16.27 -14.63
N ASP A 893 11.08 15.99 -13.81
CA ASP A 893 10.18 14.89 -14.11
C ASP A 893 9.37 15.19 -15.37
N ILE A 894 9.09 16.45 -15.62
CA ILE A 894 8.34 16.81 -16.81
C ILE A 894 9.25 16.92 -18.02
N ARG A 895 10.43 17.54 -17.84
CA ARG A 895 11.37 17.68 -18.94
C ARG A 895 11.73 16.30 -19.46
N MET A 896 11.82 15.33 -18.56
CA MET A 896 12.16 13.98 -18.96
C MET A 896 10.96 13.21 -19.48
N ILE A 897 9.77 13.48 -18.96
CA ILE A 897 8.58 12.86 -19.52
C ILE A 897 8.38 13.32 -20.95
N ILE A 898 8.64 14.59 -21.22
CA ILE A 898 8.45 15.13 -22.56
C ILE A 898 9.46 14.53 -23.52
N SER A 899 10.75 14.77 -23.29
CA SER A 899 11.68 14.24 -24.28
C SER A 899 11.81 12.74 -24.20
N GLY A 900 11.42 12.14 -23.08
CA GLY A 900 11.48 10.70 -22.93
C GLY A 900 10.65 9.97 -23.96
N THR A 901 9.61 10.63 -24.48
CA THR A 901 8.66 10.01 -25.37
C THR A 901 8.59 10.63 -26.75
N THR A 902 9.30 11.72 -26.98
CA THR A 902 9.27 12.39 -28.27
C THR A 902 10.62 12.40 -28.96
N ALA A 903 11.69 12.66 -28.20
CA ALA A 903 12.99 12.96 -28.78
C ALA A 903 13.57 11.83 -29.64
N HIS A 904 13.05 10.61 -29.56
CA HIS A 904 13.53 9.51 -30.39
C HIS A 904 12.83 9.43 -31.73
N PHE A 905 11.76 10.20 -31.93
CA PHE A 905 11.05 10.25 -33.21
C PHE A 905 11.98 10.67 -34.34
N SER A 906 11.85 10.02 -35.50
CA SER A 906 12.71 10.28 -36.65
C SER A 906 11.96 10.23 -37.96
N SER A 907 10.72 10.65 -38.00
CA SER A 907 10.03 10.67 -39.28
C SER A 907 9.38 12.02 -39.44
N LYS A 908 9.23 12.44 -40.70
CA LYS A 908 8.60 13.73 -40.94
C LYS A 908 7.18 13.72 -40.38
N ASP A 909 6.54 12.57 -40.39
CA ASP A 909 5.14 12.49 -40.01
C ASP A 909 4.97 12.68 -38.48
N LYS A 910 5.90 12.14 -37.68
CA LYS A 910 5.77 12.25 -36.22
C LYS A 910 6.08 13.66 -35.74
N LEU A 911 7.01 14.35 -36.40
CA LEU A 911 7.37 15.70 -35.98
C LEU A 911 6.14 16.60 -35.94
N GLN A 912 5.27 16.48 -36.96
CA GLN A 912 4.11 17.35 -37.06
C GLN A 912 3.19 17.19 -35.86
N GLU A 913 2.96 15.94 -35.44
CA GLU A 913 2.20 15.71 -34.21
C GLU A 913 2.79 16.47 -33.05
N VAL A 914 4.11 16.41 -32.91
CA VAL A 914 4.74 16.93 -31.71
C VAL A 914 4.70 18.44 -31.71
N LYS A 915 5.06 19.04 -32.84
CA LYS A 915 4.98 20.50 -32.98
C LYS A 915 3.58 20.97 -32.66
N LEU A 916 2.59 20.20 -33.09
CA LEU A 916 1.20 20.48 -32.78
C LEU A 916 0.97 20.43 -31.27
N PHE A 917 1.33 19.30 -30.65
CA PHE A 917 1.15 19.16 -29.21
C PHE A 917 1.87 20.26 -28.44
N PHE A 918 3.06 20.65 -28.91
CA PHE A 918 3.80 21.67 -28.17
C PHE A 918 3.09 23.02 -28.30
N GLU A 919 2.62 23.33 -29.51
CA GLU A 919 1.83 24.54 -29.72
C GLU A 919 0.60 24.53 -28.84
N SER A 920 -0.07 23.37 -28.77
CA SER A 920 -1.26 23.27 -27.93
C SER A 920 -0.90 23.64 -26.50
N LEU A 921 0.28 23.25 -26.06
CA LEU A 921 0.72 23.57 -24.71
C LEU A 921 1.06 25.05 -24.57
N GLU A 922 1.84 25.61 -25.51
CA GLU A 922 2.21 27.01 -25.39
C GLU A 922 0.96 27.88 -25.42
N ALA A 923 -0.06 27.41 -26.13
CA ALA A 923 -1.36 28.03 -26.14
C ALA A 923 -2.01 28.08 -24.76
N GLN A 924 -1.71 27.14 -23.87
CA GLN A 924 -2.30 27.14 -22.53
C GLN A 924 -1.39 27.82 -21.52
N GLY A 925 -0.43 28.60 -21.98
CA GLY A 925 0.46 29.29 -21.08
C GLY A 925 1.67 28.50 -20.61
N SER A 926 1.84 27.27 -21.05
CA SER A 926 3.02 26.50 -20.69
C SER A 926 4.09 26.73 -21.76
N HIS A 927 5.22 27.33 -21.36
CA HIS A 927 6.40 27.39 -22.23
C HIS A 927 7.63 26.85 -21.50
N LEU A 928 8.37 25.96 -22.17
CA LEU A 928 9.64 25.41 -21.70
C LEU A 928 10.63 25.38 -22.85
N ASP A 929 11.91 25.69 -22.57
CA ASP A 929 12.92 25.61 -23.63
C ASP A 929 13.02 24.20 -24.21
N ILE A 930 12.71 23.18 -23.41
CA ILE A 930 12.76 21.80 -23.87
C ILE A 930 11.97 21.57 -25.14
N PHE A 931 10.93 22.39 -25.39
CA PHE A 931 10.09 22.26 -26.57
C PHE A 931 10.91 22.36 -27.84
N GLN A 932 11.58 23.50 -28.02
CA GLN A 932 12.39 23.71 -29.20
C GLN A 932 13.52 22.70 -29.30
N THR A 933 14.06 22.28 -28.15
CA THR A 933 15.18 21.36 -28.16
C THR A 933 14.79 20.03 -28.79
N VAL A 934 13.61 19.53 -28.42
CA VAL A 934 13.11 18.29 -28.98
C VAL A 934 12.97 18.41 -30.48
N LEU A 935 12.32 19.49 -30.94
CA LEU A 935 12.07 19.68 -32.37
C LEU A 935 13.37 19.71 -33.17
N GLU A 936 14.37 20.46 -32.71
CA GLU A 936 15.69 20.40 -33.35
C GLU A 936 16.23 18.97 -33.37
N THR A 937 16.22 18.29 -32.22
CA THR A 937 16.60 16.88 -32.15
C THR A 937 15.81 15.99 -33.12
N ILE A 938 14.48 16.08 -33.12
CA ILE A 938 13.69 15.24 -34.03
C ILE A 938 14.05 15.57 -35.47
N THR A 939 14.16 16.85 -35.77
CA THR A 939 14.61 17.31 -37.07
C THR A 939 15.95 16.71 -37.43
N LYS A 940 16.95 16.85 -36.55
CA LYS A 940 18.26 16.30 -36.86
C LYS A 940 18.21 14.80 -37.15
N ASN A 941 17.26 14.07 -36.52
CA ASN A 941 17.09 12.64 -36.81
C ASN A 941 16.60 12.41 -38.23
N ILE A 942 15.63 13.21 -38.65
CA ILE A 942 15.11 13.06 -40.00
C ILE A 942 16.19 13.30 -41.02
N LYS A 943 16.99 14.36 -40.85
CA LYS A 943 18.06 14.64 -41.81
C LYS A 943 19.08 13.51 -41.83
N TRP A 944 19.47 12.98 -40.67
CA TRP A 944 20.46 11.90 -40.62
C TRP A 944 19.99 10.67 -41.41
N LEU A 945 18.76 10.23 -41.16
CA LEU A 945 18.17 9.18 -42.00
C LEU A 945 18.15 9.54 -43.48
N GLU A 946 17.80 10.79 -43.82
CA GLU A 946 17.68 11.18 -45.22
C GLU A 946 19.02 11.16 -45.91
N LYS A 947 20.09 11.48 -45.19
CA LYS A 947 21.41 11.62 -45.77
C LYS A 947 22.25 10.34 -45.74
N ASN A 948 22.13 9.51 -44.69
CA ASN A 948 22.99 8.32 -44.58
C ASN A 948 22.27 6.98 -44.42
N LEU A 949 20.93 6.90 -44.46
CA LEU A 949 20.31 5.57 -44.45
C LEU A 949 20.76 4.71 -45.63
N PRO A 950 20.78 5.20 -46.88
CA PRO A 950 21.28 4.35 -47.96
C PRO A 950 22.71 3.89 -47.73
N THR A 951 23.56 4.78 -47.22
CA THR A 951 24.95 4.43 -46.99
C THR A 951 25.08 3.36 -45.92
N LEU A 952 24.27 3.45 -44.87
CA LEU A 952 24.32 2.43 -43.84
C LEU A 952 23.88 1.09 -44.41
N ARG A 953 22.75 1.09 -45.12
CA ARG A 953 22.23 -0.13 -45.74
C ARG A 953 23.27 -0.75 -46.64
N THR A 954 23.88 0.07 -47.48
CA THR A 954 24.86 -0.41 -48.45
C THR A 954 26.14 -0.88 -47.77
N TRP A 955 26.62 -0.15 -46.75
CA TRP A 955 27.82 -0.55 -46.01
C TRP A 955 27.68 -1.93 -45.37
N LEU A 956 26.48 -2.25 -44.88
CA LEU A 956 26.25 -3.50 -44.15
C LEU A 956 26.20 -4.69 -45.10
N MET A 957 25.62 -4.50 -46.28
CA MET A 957 25.60 -5.55 -47.29
C MET A 957 27.00 -5.84 -47.80
N VAL A 958 27.81 -4.80 -47.91
CA VAL A 958 29.18 -4.93 -48.39
C VAL A 958 30.01 -5.76 -47.44
N ASN A 959 29.74 -5.63 -46.15
CA ASN A 959 30.50 -6.37 -45.16
C ASN A 959 30.20 -7.86 -45.24
N THR A 960 28.93 -8.22 -45.50
CA THR A 960 28.55 -9.60 -45.81
C THR A 960 29.49 -10.26 -46.80
N ARG A 961 29.85 -9.54 -47.86
CA ARG A 961 30.63 -10.14 -48.95
C ARG A 961 32.02 -10.57 -48.51
N HIS A 962 32.75 -9.71 -47.79
CA HIS A 962 34.01 -10.16 -47.19
C HIS A 962 33.81 -11.12 -46.03
N GLY B 51 -1.28 -54.12 9.80
CA GLY B 51 -1.15 -53.68 11.19
C GLY B 51 -0.52 -52.30 11.23
N ALA B 52 -1.03 -51.42 12.10
CA ALA B 52 -0.64 -50.00 12.16
C ALA B 52 -0.67 -49.39 10.75
N PHE B 53 -1.88 -49.34 10.20
CA PHE B 53 -2.08 -49.11 8.77
C PHE B 53 -1.44 -47.83 8.20
N PRO B 54 -1.43 -46.67 8.89
CA PRO B 54 -0.95 -45.43 8.24
C PRO B 54 0.54 -45.13 8.41
N VAL B 55 1.11 -44.57 7.34
CA VAL B 55 2.54 -44.33 7.25
C VAL B 55 2.75 -42.90 6.76
N ALA B 56 3.57 -42.14 7.47
CA ALA B 56 3.77 -40.80 6.94
C ALA B 56 4.94 -40.11 7.60
N THR B 57 5.62 -39.30 6.77
CA THR B 57 6.63 -38.29 7.07
C THR B 57 7.96 -38.89 7.47
N ASN B 58 7.88 -40.06 8.06
CA ASN B 58 8.96 -40.98 8.30
C ASN B 58 8.68 -42.14 7.37
N GLY B 59 9.70 -42.94 7.12
CA GLY B 59 9.40 -44.26 6.61
C GLY B 59 8.47 -45.01 7.55
N GLU B 60 8.60 -44.77 8.85
CA GLU B 60 7.98 -45.61 9.86
C GLU B 60 6.47 -45.41 9.90
N ARG B 61 5.76 -46.45 10.30
CA ARG B 61 4.31 -46.44 10.30
C ARG B 61 3.76 -45.77 11.56
N PHE B 62 2.75 -44.91 11.39
CA PHE B 62 2.20 -44.17 12.52
C PHE B 62 1.46 -45.16 13.41
N PRO B 63 1.70 -45.13 14.72
CA PRO B 63 1.25 -46.25 15.56
C PRO B 63 -0.27 -46.30 15.75
N TRP B 64 -0.90 -45.18 16.07
CA TRP B 64 -2.34 -45.14 16.31
C TRP B 64 -2.98 -44.32 15.21
N GLN B 65 -4.01 -44.86 14.58
CA GLN B 65 -4.73 -44.01 13.65
C GLN B 65 -6.20 -44.44 13.63
N GLU B 66 -7.02 -43.74 14.41
CA GLU B 66 -8.46 -43.75 14.24
C GLU B 66 -9.02 -42.35 14.04
N LEU B 67 -8.18 -41.32 13.95
CA LEU B 67 -8.52 -39.92 13.74
C LEU B 67 -9.12 -39.29 15.01
N ARG B 68 -9.38 -40.08 16.03
CA ARG B 68 -9.78 -39.58 17.32
C ARG B 68 -8.65 -39.84 18.30
N LEU B 69 -8.60 -39.04 19.38
CA LEU B 69 -7.42 -39.18 20.22
C LEU B 69 -7.61 -40.34 21.17
N PRO B 70 -6.54 -41.05 21.51
CA PRO B 70 -6.64 -42.05 22.59
C PRO B 70 -6.92 -41.37 23.92
N SER B 71 -7.60 -42.10 24.80
CA SER B 71 -8.13 -41.61 26.06
C SER B 71 -7.24 -41.83 27.27
N VAL B 72 -6.00 -42.33 27.10
CA VAL B 72 -5.17 -42.78 28.22
C VAL B 72 -4.41 -41.64 28.90
N VAL B 73 -4.17 -40.54 28.19
CA VAL B 73 -3.08 -39.61 28.52
C VAL B 73 -3.52 -38.48 29.47
N ILE B 74 -4.65 -37.81 29.23
CA ILE B 74 -5.28 -36.91 30.20
C ILE B 74 -4.37 -35.79 30.73
N PRO B 75 -4.14 -34.72 29.95
CA PRO B 75 -3.37 -33.58 30.47
C PRO B 75 -4.08 -32.81 31.57
N LEU B 76 -3.28 -32.09 32.35
CA LEU B 76 -3.80 -31.32 33.47
C LEU B 76 -3.28 -29.88 33.51
N HIS B 77 -2.13 -29.63 32.90
CA HIS B 77 -1.55 -28.29 33.01
C HIS B 77 -0.66 -28.03 31.80
N TYR B 78 -1.05 -27.03 31.01
CA TYR B 78 -0.24 -26.51 29.91
C TYR B 78 0.55 -25.32 30.41
N ASP B 79 1.88 -25.43 30.31
CA ASP B 79 2.78 -24.31 30.49
C ASP B 79 3.20 -23.88 29.09
N LEU B 80 2.88 -22.63 28.73
CA LEU B 80 3.06 -22.17 27.37
C LEU B 80 3.79 -20.82 27.32
N PHE B 81 4.83 -20.73 26.48
CA PHE B 81 5.56 -19.48 26.22
C PHE B 81 5.64 -19.24 24.71
N VAL B 82 5.27 -18.05 24.27
CA VAL B 82 5.30 -17.68 22.86
C VAL B 82 6.11 -16.39 22.71
N HIS B 83 6.99 -16.36 21.69
CA HIS B 83 7.85 -15.22 21.40
C HIS B 83 7.63 -14.82 19.95
N PRO B 84 6.49 -14.19 19.67
CA PRO B 84 6.26 -13.67 18.32
C PRO B 84 7.07 -12.41 17.99
N ASN B 85 7.60 -12.39 16.78
CA ASN B 85 8.18 -11.21 16.19
C ASN B 85 7.23 -10.61 15.17
N LEU B 86 6.84 -9.37 15.38
CA LEU B 86 5.91 -8.79 14.43
C LEU B 86 6.60 -8.18 13.23
N THR B 87 7.94 -8.27 13.16
CA THR B 87 8.68 -7.81 11.99
C THR B 87 9.01 -8.98 11.07
N SER B 88 9.57 -10.06 11.63
CA SER B 88 9.73 -11.32 10.90
C SER B 88 8.39 -11.98 10.54
N LEU B 89 7.29 -11.59 11.20
CA LEU B 89 5.97 -12.21 11.02
C LEU B 89 6.00 -13.73 11.24
N ASP B 90 6.63 -14.16 12.34
CA ASP B 90 6.75 -15.55 12.74
C ASP B 90 6.99 -15.60 14.25
N PHE B 91 6.96 -16.80 14.82
CA PHE B 91 7.07 -16.90 16.26
C PHE B 91 7.89 -18.13 16.67
N VAL B 92 8.41 -18.07 17.87
CA VAL B 92 9.10 -19.17 18.52
C VAL B 92 8.40 -19.44 19.83
N ALA B 93 8.24 -20.71 20.16
CA ALA B 93 7.46 -21.03 21.35
C ALA B 93 7.94 -22.30 22.02
N SER B 94 7.70 -22.35 23.33
CA SER B 94 8.02 -23.47 24.21
C SER B 94 6.78 -23.86 24.99
N GLU B 95 6.60 -25.16 25.18
CA GLU B 95 5.51 -25.65 26.01
C GLU B 95 5.97 -26.83 26.84
N LYS B 96 5.25 -27.02 27.95
CA LYS B 96 5.45 -28.09 28.92
C LYS B 96 4.07 -28.50 29.43
N ILE B 97 3.61 -29.72 29.08
CA ILE B 97 2.32 -30.24 29.51
C ILE B 97 2.49 -31.21 30.69
N GLU B 98 1.48 -31.24 31.56
CA GLU B 98 1.44 -32.11 32.73
C GLU B 98 0.37 -33.19 32.51
N VAL B 99 0.80 -34.41 32.24
CA VAL B 99 -0.12 -35.51 31.93
C VAL B 99 0.18 -36.68 32.87
N LEU B 100 -0.87 -37.39 33.29
CA LEU B 100 -0.67 -38.60 34.07
C LEU B 100 -1.16 -39.80 33.25
N VAL B 101 -0.27 -40.76 33.01
CA VAL B 101 -0.66 -42.01 32.37
C VAL B 101 -1.66 -42.74 33.27
N SER B 102 -2.73 -43.26 32.67
CA SER B 102 -3.68 -44.12 33.38
C SER B 102 -3.68 -45.55 32.91
N ASN B 103 -3.42 -45.81 31.63
CA ASN B 103 -3.20 -47.15 31.10
C ASN B 103 -1.85 -47.17 30.38
N ALA B 104 -0.85 -47.80 31.00
CA ALA B 104 0.54 -47.79 30.54
C ALA B 104 0.67 -48.02 29.04
N THR B 105 1.40 -47.13 28.36
CA THR B 105 1.56 -47.15 26.92
C THR B 105 2.96 -46.66 26.53
N GLN B 106 3.41 -47.10 25.35
CA GLN B 106 4.71 -46.71 24.83
C GLN B 106 4.60 -45.69 23.70
N PHE B 107 3.51 -44.93 23.67
CA PHE B 107 3.42 -43.86 22.69
C PHE B 107 2.31 -42.88 23.10
N ILE B 108 2.67 -41.59 23.23
CA ILE B 108 1.73 -40.51 23.50
C ILE B 108 1.26 -39.95 22.16
N ILE B 109 -0.05 -39.72 22.02
CA ILE B 109 -0.62 -39.16 20.80
C ILE B 109 -1.35 -37.87 21.15
N LEU B 110 -1.30 -36.90 20.24
CA LEU B 110 -1.98 -35.61 20.35
C LEU B 110 -1.82 -34.88 19.02
N HIS B 111 -2.24 -33.61 18.97
CA HIS B 111 -2.42 -32.87 17.72
C HIS B 111 -1.38 -31.79 17.54
N SER B 112 -0.93 -31.62 16.30
CA SER B 112 -0.12 -30.48 15.90
C SER B 112 -0.26 -30.33 14.40
N LYS B 113 -0.57 -29.12 13.94
CA LYS B 113 -0.68 -28.87 12.51
C LYS B 113 0.19 -27.69 12.16
N ASP B 114 0.93 -27.84 11.05
CA ASP B 114 1.70 -26.75 10.45
C ASP B 114 2.64 -26.11 11.44
N LEU B 115 3.22 -26.92 12.32
CA LEU B 115 4.15 -26.48 13.35
C LEU B 115 5.39 -27.33 13.30
N GLU B 116 6.56 -26.69 13.24
CA GLU B 116 7.84 -27.38 13.21
C GLU B 116 8.25 -27.66 14.65
N ILE B 117 8.44 -28.93 14.98
CA ILE B 117 8.80 -29.34 16.32
C ILE B 117 10.29 -29.65 16.36
N THR B 118 11.06 -28.80 17.05
CA THR B 118 12.52 -28.95 17.16
C THR B 118 12.95 -29.86 18.31
N ASN B 119 12.43 -29.65 19.53
CA ASN B 119 12.81 -30.48 20.67
C ASN B 119 11.59 -31.09 21.35
N ALA B 120 11.74 -32.32 21.84
CA ALA B 120 10.69 -33.06 22.51
C ALA B 120 11.34 -33.95 23.57
N THR B 121 11.03 -33.69 24.86
CA THR B 121 11.67 -34.33 26.00
C THR B 121 10.63 -34.79 27.03
N LEU B 122 10.99 -35.81 27.83
CA LEU B 122 10.11 -36.29 28.89
C LEU B 122 10.79 -36.33 30.26
N GLN B 123 10.15 -35.68 31.22
CA GLN B 123 10.54 -35.64 32.62
C GLN B 123 9.42 -36.23 33.47
N SER B 124 9.73 -36.54 34.73
CA SER B 124 8.72 -37.06 35.65
C SER B 124 9.28 -36.98 37.06
N GLU B 125 8.37 -36.78 38.03
CA GLU B 125 8.63 -36.84 39.46
C GLU B 125 8.33 -38.24 40.02
N GLU B 126 7.08 -38.67 39.84
CA GLU B 126 6.66 -39.98 40.33
C GLU B 126 7.53 -41.08 39.74
N ASP B 127 7.91 -40.95 38.47
CA ASP B 127 8.86 -41.87 37.86
C ASP B 127 10.24 -41.21 37.83
N SER B 128 11.17 -41.74 38.61
CA SER B 128 12.51 -41.18 38.65
C SER B 128 13.36 -41.58 37.44
N ARG B 129 12.87 -42.47 36.57
CA ARG B 129 13.60 -42.79 35.33
C ARG B 129 13.66 -41.59 34.40
N TYR B 130 12.49 -41.10 33.96
CA TYR B 130 12.40 -39.83 33.26
C TYR B 130 12.46 -38.73 34.31
N MET B 131 13.64 -38.54 34.89
CA MET B 131 13.87 -37.49 35.85
C MET B 131 15.01 -36.65 35.30
N LYS B 132 15.04 -35.37 35.74
CA LYS B 132 15.91 -34.30 35.24
C LYS B 132 17.32 -34.81 34.97
N PRO B 133 17.83 -34.62 33.74
CA PRO B 133 17.33 -33.85 32.59
C PRO B 133 16.12 -34.46 31.83
N GLY B 134 15.96 -35.78 31.92
CA GLY B 134 14.95 -36.46 31.13
C GLY B 134 15.53 -37.06 29.87
N LYS B 135 14.65 -37.65 29.09
CA LYS B 135 15.03 -38.29 27.84
C LYS B 135 14.42 -37.52 26.68
N GLU B 136 15.05 -37.65 25.50
CA GLU B 136 14.47 -37.17 24.27
C GLU B 136 13.36 -38.11 23.78
N LEU B 137 12.46 -37.57 22.95
CA LEU B 137 11.33 -38.32 22.40
C LEU B 137 11.36 -38.27 20.88
N LYS B 138 11.48 -39.44 20.26
CA LYS B 138 11.37 -39.53 18.81
C LYS B 138 9.95 -39.18 18.38
N VAL B 139 9.83 -38.26 17.43
CA VAL B 139 8.53 -37.77 17.01
C VAL B 139 8.40 -38.04 15.52
N LEU B 140 7.38 -38.78 15.17
CA LEU B 140 6.87 -38.83 13.80
C LEU B 140 5.48 -38.23 13.81
N SER B 141 5.11 -37.62 12.71
CA SER B 141 3.84 -36.94 12.65
C SER B 141 3.00 -37.57 11.56
N TYR B 142 1.69 -37.32 11.66
CA TYR B 142 0.70 -37.78 10.69
C TYR B 142 -0.19 -36.62 10.29
N PRO B 143 -0.03 -36.06 9.10
CA PRO B 143 -0.84 -34.88 8.73
C PRO B 143 -2.31 -35.18 8.45
N ALA B 144 -2.67 -36.41 8.11
CA ALA B 144 -4.05 -36.65 7.70
C ALA B 144 -4.99 -36.60 8.90
N HIS B 145 -4.48 -36.84 10.08
CA HIS B 145 -5.24 -36.74 11.30
C HIS B 145 -4.76 -35.61 12.19
N GLU B 146 -3.85 -34.77 11.68
CA GLU B 146 -3.35 -33.57 12.36
C GLU B 146 -2.90 -33.91 13.79
N GLN B 147 -2.32 -35.10 13.92
CA GLN B 147 -1.73 -35.55 15.17
C GLN B 147 -0.26 -35.91 14.93
N ILE B 148 0.49 -35.97 16.01
CA ILE B 148 1.86 -36.48 15.99
C ILE B 148 1.94 -37.58 17.04
N ALA B 149 3.04 -38.33 17.01
CA ALA B 149 3.24 -39.44 17.93
C ALA B 149 4.58 -39.29 18.62
N LEU B 150 4.56 -39.39 19.95
CA LEU B 150 5.73 -39.27 20.81
C LEU B 150 6.11 -40.67 21.28
N LEU B 151 6.94 -41.36 20.50
CA LEU B 151 7.40 -42.68 20.87
C LEU B 151 8.26 -42.59 22.11
N VAL B 152 7.90 -43.33 23.16
CA VAL B 152 8.71 -43.23 24.38
C VAL B 152 9.80 -44.29 24.33
N PRO B 153 10.97 -44.01 24.94
CA PRO B 153 12.06 -44.98 24.88
C PRO B 153 11.79 -46.27 25.63
N GLU B 154 11.08 -46.23 26.77
CA GLU B 154 10.68 -47.52 27.34
C GLU B 154 9.19 -47.89 27.28
N LYS B 155 8.38 -47.30 28.16
CA LYS B 155 6.95 -47.55 28.26
C LYS B 155 6.46 -46.85 29.52
N LEU B 156 5.17 -46.53 29.59
CA LEU B 156 4.75 -45.67 30.69
C LEU B 156 4.46 -46.49 31.96
N THR B 157 4.26 -45.77 33.06
CA THR B 157 3.92 -46.37 34.35
C THR B 157 2.68 -45.68 34.95
N PRO B 158 1.52 -46.35 34.96
CA PRO B 158 0.26 -45.67 35.30
C PRO B 158 0.24 -45.04 36.69
N HIS B 159 -0.68 -44.08 36.84
CA HIS B 159 -0.94 -43.29 38.05
C HIS B 159 0.22 -42.35 38.39
N LEU B 160 1.29 -42.43 37.59
CA LEU B 160 2.46 -41.57 37.71
C LEU B 160 2.26 -40.31 36.88
N LYS B 161 3.07 -39.30 37.18
CA LYS B 161 3.03 -38.02 36.47
C LYS B 161 4.27 -37.88 35.60
N TYR B 162 4.06 -37.79 34.29
CA TYR B 162 5.08 -37.38 33.34
C TYR B 162 4.76 -35.96 32.86
N TYR B 163 5.79 -35.22 32.45
CA TYR B 163 5.63 -33.86 31.93
C TYR B 163 6.22 -33.81 30.53
N VAL B 164 5.43 -33.41 29.53
CA VAL B 164 5.88 -33.29 28.15
C VAL B 164 6.31 -31.86 27.86
N ALA B 165 7.53 -31.70 27.37
CA ALA B 165 8.08 -30.42 26.97
C ALA B 165 8.40 -30.43 25.49
N MET B 166 8.01 -29.37 24.79
CA MET B 166 8.29 -29.27 23.38
C MET B 166 8.69 -27.85 22.99
N ASP B 167 9.57 -27.80 21.97
CA ASP B 167 10.05 -26.58 21.33
C ASP B 167 9.53 -26.58 19.90
N PHE B 168 8.94 -25.47 19.50
CA PHE B 168 8.30 -25.43 18.19
C PHE B 168 8.30 -23.99 17.71
N GLN B 169 7.99 -23.84 16.43
CA GLN B 169 8.09 -22.56 15.72
C GLN B 169 7.32 -22.65 14.41
N ALA B 170 6.78 -21.52 13.98
CA ALA B 170 6.10 -21.42 12.69
C ALA B 170 6.07 -19.97 12.24
N LYS B 171 5.61 -19.76 11.02
CA LYS B 171 5.32 -18.38 10.62
C LYS B 171 3.98 -17.98 11.19
N LEU B 172 3.72 -16.68 11.22
CA LEU B 172 2.39 -16.23 11.62
C LEU B 172 1.37 -16.65 10.57
N GLY B 173 0.15 -16.92 11.04
CA GLY B 173 -0.89 -17.39 10.15
C GLY B 173 -1.16 -16.45 8.99
N ASP B 174 -1.33 -17.04 7.81
CA ASP B 174 -1.53 -16.28 6.59
C ASP B 174 -2.92 -15.67 6.54
N GLY B 175 -3.92 -16.42 6.95
CA GLY B 175 -5.21 -15.81 7.05
C GLY B 175 -6.23 -16.52 7.91
N PHE B 176 -6.76 -15.78 8.87
CA PHE B 176 -8.02 -15.96 9.57
C PHE B 176 -8.03 -17.04 10.66
N GLU B 177 -7.00 -17.88 10.82
CA GLU B 177 -7.10 -18.93 11.83
C GLU B 177 -5.73 -19.23 12.43
N GLY B 178 -5.76 -19.78 13.64
CA GLY B 178 -4.58 -20.04 14.45
C GLY B 178 -4.00 -18.78 15.04
N PHE B 179 -2.68 -18.73 15.15
CA PHE B 179 -1.96 -17.51 15.52
C PHE B 179 -1.64 -16.75 14.22
N TYR B 180 -2.48 -15.80 13.83
CA TYR B 180 -2.27 -15.10 12.58
C TYR B 180 -1.98 -13.60 12.77
N LYS B 181 -1.89 -12.90 11.65
CA LYS B 181 -1.60 -11.47 11.64
C LYS B 181 -2.71 -10.73 10.94
N SER B 182 -3.04 -9.56 11.48
CA SER B 182 -3.92 -8.62 10.83
C SER B 182 -3.33 -7.21 10.89
N THR B 183 -3.93 -6.32 10.08
CA THR B 183 -3.47 -4.96 9.89
C THR B 183 -4.58 -4.00 10.22
N TYR B 184 -4.20 -2.78 10.56
CA TYR B 184 -5.18 -1.70 10.63
C TYR B 184 -4.59 -0.43 10.06
N ARG B 185 -5.49 0.48 9.71
CA ARG B 185 -5.12 1.79 9.19
C ARG B 185 -5.31 2.82 10.29
N THR B 186 -4.31 3.68 10.48
CA THR B 186 -4.45 4.75 11.45
C THR B 186 -5.04 5.95 10.73
N LEU B 187 -5.41 6.97 11.50
CA LEU B 187 -5.91 8.20 10.92
C LEU B 187 -4.94 8.75 9.87
N GLY B 188 -3.64 8.65 10.11
CA GLY B 188 -2.66 9.22 9.20
C GLY B 188 -2.40 8.45 7.92
N GLY B 189 -2.95 7.24 7.78
CA GLY B 189 -2.63 6.39 6.65
C GLY B 189 -1.47 5.47 6.91
N GLU B 190 -0.91 5.47 8.12
CA GLU B 190 0.01 4.44 8.55
C GLU B 190 -0.72 3.12 8.71
N THR B 191 0.02 2.03 8.50
CA THR B 191 -0.45 0.67 8.71
C THR B 191 0.28 0.09 9.92
N ARG B 192 -0.48 -0.52 10.82
CA ARG B 192 0.09 -1.28 11.93
C ARG B 192 -0.40 -2.72 11.91
N ILE B 193 0.42 -3.57 12.52
CA ILE B 193 0.23 -5.01 12.49
C ILE B 193 -0.02 -5.50 13.91
N LEU B 194 -0.82 -6.56 14.03
CA LEU B 194 -1.01 -7.24 15.29
C LEU B 194 -1.15 -8.73 15.08
N ALA B 195 -0.82 -9.49 16.11
CA ALA B 195 -0.88 -10.95 16.10
C ALA B 195 -2.02 -11.40 17.00
N VAL B 196 -2.99 -12.13 16.43
CA VAL B 196 -4.20 -12.56 17.11
C VAL B 196 -4.32 -14.08 17.07
N THR B 197 -5.11 -14.65 17.97
CA THR B 197 -5.49 -16.06 17.86
C THR B 197 -6.97 -16.29 17.61
N ASP B 198 -7.28 -17.36 16.88
CA ASP B 198 -8.67 -17.83 16.76
C ASP B 198 -8.66 -19.34 16.56
N PHE B 199 -9.25 -20.06 17.53
CA PHE B 199 -9.01 -21.49 17.64
C PHE B 199 -10.23 -22.36 17.44
N GLU B 200 -11.40 -21.82 17.50
CA GLU B 200 -12.50 -22.77 17.41
C GLU B 200 -12.74 -23.16 15.96
N PRO B 201 -13.01 -24.45 15.71
CA PRO B 201 -12.97 -25.46 16.77
C PRO B 201 -11.74 -26.35 16.84
N THR B 202 -10.99 -26.51 15.75
CA THR B 202 -9.87 -27.46 15.77
C THR B 202 -8.55 -26.83 15.35
N GLN B 203 -8.37 -25.52 15.59
CA GLN B 203 -7.17 -24.83 15.15
C GLN B 203 -6.25 -24.40 16.29
N ALA B 204 -6.56 -24.76 17.55
CA ALA B 204 -5.57 -24.49 18.57
C ALA B 204 -4.30 -25.29 18.34
N ARG B 205 -4.37 -26.38 17.57
CA ARG B 205 -3.23 -27.22 17.26
C ARG B 205 -2.32 -26.62 16.20
N MET B 206 -2.72 -25.53 15.56
CA MET B 206 -1.86 -24.77 14.66
C MET B 206 -1.01 -23.75 15.41
N ALA B 207 -1.33 -23.48 16.68
CA ALA B 207 -0.57 -22.55 17.51
C ALA B 207 0.38 -23.22 18.48
N PHE B 208 0.05 -24.42 18.94
CA PHE B 208 0.92 -25.15 19.85
C PHE B 208 0.36 -26.54 19.90
N PRO B 209 1.21 -27.56 20.04
CA PRO B 209 0.70 -28.92 20.02
C PRO B 209 -0.02 -29.15 21.34
N CYS B 210 -1.07 -29.94 21.29
CA CYS B 210 -1.91 -30.12 22.46
C CYS B 210 -2.91 -31.20 22.11
N PHE B 211 -3.62 -31.66 23.13
CA PHE B 211 -4.78 -32.54 23.00
C PHE B 211 -5.98 -31.65 22.70
N ASP B 212 -6.27 -31.49 21.41
CA ASP B 212 -7.24 -30.50 20.95
C ASP B 212 -8.63 -31.12 20.85
N GLU B 213 -9.10 -31.61 22.01
CA GLU B 213 -10.47 -32.03 22.19
C GLU B 213 -11.08 -31.34 23.42
N PRO B 214 -12.35 -30.91 23.34
CA PRO B 214 -12.94 -30.13 24.45
C PRO B 214 -12.94 -30.87 25.78
N LEU B 215 -13.02 -32.21 25.72
CA LEU B 215 -12.98 -33.02 26.93
C LEU B 215 -11.67 -32.81 27.69
N PHE B 216 -10.57 -32.62 26.96
CA PHE B 216 -9.24 -32.56 27.57
C PHE B 216 -8.99 -31.14 28.10
N LYS B 217 -9.71 -30.80 29.18
CA LYS B 217 -9.57 -29.51 29.84
C LYS B 217 -8.38 -29.52 30.80
N ALA B 218 -7.83 -28.33 31.04
CA ALA B 218 -6.63 -28.18 31.84
C ALA B 218 -6.44 -26.70 32.14
N ASN B 219 -5.47 -26.41 33.00
CA ASN B 219 -5.04 -25.04 33.30
C ASN B 219 -3.98 -24.61 32.30
N PHE B 220 -3.71 -23.30 32.26
CA PHE B 220 -2.77 -22.77 31.27
C PHE B 220 -1.98 -21.63 31.89
N SER B 221 -0.68 -21.84 32.04
CA SER B 221 0.25 -20.76 32.34
C SER B 221 0.79 -20.19 31.01
N ILE B 222 0.41 -18.95 30.71
CA ILE B 222 0.84 -18.26 29.48
C ILE B 222 1.86 -17.17 29.84
N LYS B 223 2.98 -17.13 29.11
CA LYS B 223 3.96 -16.05 29.17
C LYS B 223 4.26 -15.61 27.74
N ILE B 224 4.34 -14.31 27.51
CA ILE B 224 4.44 -13.80 26.14
C ILE B 224 5.50 -12.72 26.04
N ARG B 225 6.37 -12.83 25.05
CA ARG B 225 7.51 -11.94 24.88
C ARG B 225 7.17 -10.88 23.83
N ARG B 226 7.48 -9.62 24.15
CA ARG B 226 6.98 -8.49 23.38
C ARG B 226 8.10 -7.45 23.22
N GLU B 227 7.83 -6.43 22.42
CA GLU B 227 8.66 -5.24 22.34
C GLU B 227 8.05 -4.15 23.23
N SER B 228 8.74 -3.02 23.35
CA SER B 228 8.23 -1.95 24.17
C SER B 228 7.10 -1.17 23.48
N ARG B 229 6.98 -1.27 22.17
CA ARG B 229 5.88 -0.61 21.48
C ARG B 229 4.58 -1.44 21.49
N HIS B 230 4.59 -2.64 22.06
CA HIS B 230 3.44 -3.51 22.11
C HIS B 230 3.04 -3.84 23.55
N ILE B 231 1.78 -4.25 23.68
CA ILE B 231 1.16 -4.85 24.85
C ILE B 231 0.75 -6.28 24.51
N ALA B 232 0.51 -7.06 25.54
CA ALA B 232 0.15 -8.46 25.32
C ALA B 232 -1.03 -8.77 26.22
N LEU B 233 -2.11 -9.27 25.62
CA LEU B 233 -3.29 -9.67 26.36
C LEU B 233 -3.45 -11.18 26.23
N SER B 234 -4.13 -11.77 27.21
CA SER B 234 -4.53 -13.18 27.21
C SER B 234 -5.84 -13.30 28.00
N ASN B 235 -6.17 -14.53 28.43
CA ASN B 235 -7.47 -14.74 29.08
C ASN B 235 -7.51 -14.08 30.44
N MET B 236 -6.51 -14.37 31.29
CA MET B 236 -6.31 -13.90 32.65
C MET B 236 -5.40 -12.70 32.64
N PRO B 237 -5.45 -11.87 33.68
CA PRO B 237 -4.62 -10.66 33.72
C PRO B 237 -3.17 -10.98 34.04
N LYS B 238 -2.30 -9.99 33.80
CA LYS B 238 -0.86 -10.19 33.88
C LYS B 238 -0.40 -9.85 35.28
N VAL B 239 0.38 -10.75 35.86
CA VAL B 239 0.93 -10.48 37.18
C VAL B 239 2.11 -9.49 37.08
N LYS B 240 3.07 -9.73 36.19
CA LYS B 240 4.24 -8.88 36.13
C LYS B 240 4.79 -8.87 34.71
N THR B 241 5.55 -7.82 34.39
CA THR B 241 6.42 -7.83 33.23
C THR B 241 7.86 -7.90 33.72
N ILE B 242 8.71 -8.54 32.95
CA ILE B 242 10.12 -8.74 33.28
C ILE B 242 10.95 -8.03 32.23
N GLU B 243 11.53 -6.89 32.58
CA GLU B 243 12.45 -6.22 31.67
C GLU B 243 13.59 -7.16 31.34
N LEU B 244 13.94 -7.27 30.07
CA LEU B 244 14.89 -8.26 29.62
C LEU B 244 16.16 -7.60 29.11
N GLU B 245 17.23 -8.38 29.08
CA GLU B 245 18.54 -7.82 28.73
C GLU B 245 18.48 -7.16 27.37
N GLY B 246 17.86 -7.81 26.40
CA GLY B 246 17.85 -7.25 25.06
C GLY B 246 17.20 -5.88 24.96
N GLY B 247 16.30 -5.55 25.86
CA GLY B 247 15.37 -4.46 25.64
C GLY B 247 13.94 -4.91 25.35
N LEU B 248 13.71 -6.22 25.24
CA LEU B 248 12.36 -6.73 25.15
C LEU B 248 11.73 -6.85 26.51
N LEU B 249 10.47 -7.25 26.51
CA LEU B 249 9.76 -7.49 27.73
C LEU B 249 9.13 -8.87 27.66
N GLU B 250 8.80 -9.39 28.83
CA GLU B 250 8.14 -10.68 28.94
C GLU B 250 7.05 -10.56 29.99
N ASP B 251 5.79 -10.76 29.58
CA ASP B 251 4.62 -10.65 30.46
C ASP B 251 4.17 -12.03 30.91
N HIS B 252 3.81 -12.15 32.18
CA HIS B 252 3.34 -13.41 32.74
C HIS B 252 1.90 -13.27 33.17
N PHE B 253 1.12 -14.31 32.95
CA PHE B 253 -0.32 -14.25 33.16
C PHE B 253 -0.69 -15.31 34.17
N GLU B 254 -1.77 -15.04 34.89
CA GLU B 254 -2.29 -15.94 35.91
C GLU B 254 -2.73 -17.26 35.26
N THR B 255 -2.58 -18.36 35.99
CA THR B 255 -3.06 -19.60 35.41
C THR B 255 -4.59 -19.59 35.25
N THR B 256 -5.06 -20.39 34.30
CA THR B 256 -6.46 -20.41 33.90
C THR B 256 -7.22 -21.44 34.72
N VAL B 257 -8.54 -21.37 34.64
CA VAL B 257 -9.38 -22.41 35.20
C VAL B 257 -9.42 -23.56 34.18
N LYS B 258 -9.88 -24.72 34.60
CA LYS B 258 -9.81 -25.87 33.70
C LYS B 258 -10.79 -25.67 32.52
N MET B 259 -10.23 -25.32 31.36
CA MET B 259 -10.99 -24.96 30.18
C MET B 259 -10.47 -25.74 28.99
N SER B 260 -11.21 -25.70 27.88
CA SER B 260 -10.81 -26.49 26.73
C SER B 260 -9.81 -25.70 25.89
N THR B 261 -9.08 -26.39 25.01
CA THR B 261 -7.99 -25.69 24.32
C THR B 261 -8.52 -24.63 23.36
N TYR B 262 -9.74 -24.77 22.85
CA TYR B 262 -10.14 -23.85 21.81
C TYR B 262 -10.40 -22.46 22.33
N LEU B 263 -10.38 -22.27 23.65
CA LEU B 263 -10.66 -20.99 24.28
C LEU B 263 -9.41 -20.25 24.71
N VAL B 264 -8.22 -20.85 24.56
CA VAL B 264 -6.99 -20.10 24.86
C VAL B 264 -6.88 -18.89 23.96
N ALA B 265 -6.45 -17.79 24.53
CA ALA B 265 -6.20 -16.63 23.69
C ALA B 265 -4.87 -16.03 24.08
N TYR B 266 -4.23 -15.41 23.11
CA TYR B 266 -3.19 -14.43 23.44
C TYR B 266 -3.08 -13.52 22.24
N ILE B 267 -2.63 -12.30 22.48
CA ILE B 267 -2.60 -11.30 21.42
C ILE B 267 -1.45 -10.36 21.70
N VAL B 268 -0.80 -9.86 20.66
CA VAL B 268 0.21 -8.82 20.80
C VAL B 268 -0.12 -7.72 19.82
N CYS B 269 -0.34 -6.51 20.33
CA CYS B 269 -0.88 -5.44 19.52
C CYS B 269 -0.51 -4.10 20.14
N ASP B 270 -1.00 -3.05 19.53
CA ASP B 270 -0.69 -1.68 19.87
C ASP B 270 -2.05 -0.98 19.96
N PHE B 271 -2.71 -1.09 21.13
CA PHE B 271 -4.13 -0.71 21.29
C PHE B 271 -4.42 0.05 22.57
N HIS B 272 -5.19 1.14 22.47
CA HIS B 272 -5.69 1.83 23.65
C HIS B 272 -7.11 1.35 24.01
N SER B 273 -7.52 1.63 25.25
CA SER B 273 -8.74 1.01 25.78
C SER B 273 -9.54 1.93 26.73
N LEU B 274 -10.72 1.43 27.12
CA LEU B 274 -11.67 2.02 28.05
C LEU B 274 -12.09 0.97 29.06
N SER B 275 -12.04 1.32 30.33
CA SER B 275 -12.20 0.32 31.39
C SER B 275 -13.34 0.69 32.32
N GLY B 276 -13.85 -0.35 32.97
CA GLY B 276 -15.02 -0.23 33.82
C GLY B 276 -15.09 -1.42 34.75
N PHE B 277 -15.86 -1.23 35.82
CA PHE B 277 -16.01 -2.25 36.84
C PHE B 277 -17.49 -2.58 37.01
N THR B 278 -17.76 -3.87 37.10
CA THR B 278 -19.10 -4.33 37.32
C THR B 278 -19.43 -4.29 38.80
N SER B 279 -20.70 -4.51 39.10
CA SER B 279 -21.12 -4.69 40.49
C SER B 279 -20.36 -5.84 41.14
N SER B 280 -20.27 -6.98 40.44
CA SER B 280 -19.61 -8.13 41.01
C SER B 280 -18.13 -7.90 41.25
N GLY B 281 -17.51 -6.94 40.60
CA GLY B 281 -16.10 -6.78 40.85
C GLY B 281 -15.18 -7.37 39.79
N VAL B 282 -15.47 -7.10 38.51
CA VAL B 282 -14.64 -7.54 37.38
C VAL B 282 -14.30 -6.32 36.53
N LYS B 283 -13.04 -6.22 36.13
CA LYS B 283 -12.60 -5.12 35.27
C LYS B 283 -12.96 -5.44 33.82
N VAL B 284 -13.95 -4.73 33.29
CA VAL B 284 -14.41 -4.85 31.92
C VAL B 284 -13.71 -3.79 31.08
N SER B 285 -13.02 -4.19 30.02
CA SER B 285 -12.28 -3.23 29.21
C SER B 285 -12.56 -3.48 27.73
N ILE B 286 -12.71 -2.39 26.96
CA ILE B 286 -13.00 -2.45 25.53
C ILE B 286 -11.77 -1.95 24.76
N TYR B 287 -11.04 -2.84 24.11
CA TYR B 287 -9.80 -2.49 23.45
C TYR B 287 -10.05 -2.26 21.97
N ALA B 288 -9.34 -1.30 21.38
CA ALA B 288 -9.41 -1.12 19.94
C ALA B 288 -8.22 -0.30 19.44
N SER B 289 -8.22 0.04 18.15
CA SER B 289 -7.21 0.89 17.57
C SER B 289 -7.20 2.21 18.32
N PRO B 290 -6.04 2.88 18.41
CA PRO B 290 -5.99 4.16 19.14
C PRO B 290 -6.89 5.21 18.51
N ASP B 291 -6.82 5.36 17.19
CA ASP B 291 -7.72 6.28 16.53
C ASP B 291 -9.19 5.85 16.58
N LYS B 292 -9.51 4.64 17.04
CA LYS B 292 -10.92 4.27 17.14
C LYS B 292 -11.41 4.20 18.59
N ARG B 293 -10.63 4.67 19.56
CA ARG B 293 -11.00 4.50 20.96
C ARG B 293 -12.32 5.19 21.32
N ASN B 294 -12.76 6.17 20.52
CA ASN B 294 -14.05 6.81 20.79
C ASN B 294 -15.22 5.86 20.59
N GLN B 295 -15.12 4.92 19.65
CA GLN B 295 -16.22 4.02 19.32
C GLN B 295 -16.52 2.96 20.42
N THR B 296 -15.69 2.81 21.45
CA THR B 296 -15.89 1.77 22.45
C THR B 296 -16.80 2.18 23.57
N HIS B 297 -17.49 3.32 23.44
CA HIS B 297 -18.24 3.84 24.56
C HIS B 297 -19.51 3.02 24.80
N TYR B 298 -20.26 2.77 23.73
CA TYR B 298 -21.47 1.96 23.89
C TYR B 298 -21.14 0.56 24.40
N ALA B 299 -20.13 -0.08 23.81
CA ALA B 299 -19.86 -1.47 24.19
C ALA B 299 -19.48 -1.57 25.67
N LEU B 300 -18.81 -0.57 26.22
CA LEU B 300 -18.56 -0.56 27.66
C LEU B 300 -19.86 -0.49 28.45
N GLN B 301 -20.76 0.43 28.06
CA GLN B 301 -22.03 0.56 28.76
C GLN B 301 -22.82 -0.74 28.69
N ALA B 302 -22.98 -1.27 27.47
CA ALA B 302 -23.81 -2.45 27.23
C ALA B 302 -23.17 -3.69 27.84
N SER B 303 -21.86 -3.77 27.77
CA SER B 303 -21.14 -4.86 28.40
C SER B 303 -21.35 -4.84 29.92
N LEU B 304 -21.29 -3.66 30.54
CA LEU B 304 -21.44 -3.57 31.98
C LEU B 304 -22.84 -3.99 32.43
N LYS B 305 -23.88 -3.42 31.80
CA LYS B 305 -25.26 -3.82 32.04
C LYS B 305 -25.44 -5.34 31.99
N LEU B 306 -24.96 -5.98 30.91
CA LEU B 306 -25.35 -7.34 30.55
C LEU B 306 -24.63 -8.39 31.40
N LEU B 307 -23.37 -8.14 31.75
CA LEU B 307 -22.66 -9.07 32.61
C LEU B 307 -23.29 -9.12 33.99
N ASP B 308 -23.77 -7.97 34.47
CA ASP B 308 -24.53 -7.93 35.71
C ASP B 308 -25.70 -8.92 35.64
N PHE B 309 -26.55 -8.76 34.61
CA PHE B 309 -27.77 -9.56 34.46
C PHE B 309 -27.47 -11.05 34.55
N TYR B 310 -26.43 -11.49 33.84
CA TYR B 310 -26.11 -12.90 33.75
C TYR B 310 -25.68 -13.47 35.10
N GLU B 311 -25.03 -12.66 35.93
CA GLU B 311 -24.62 -13.16 37.24
C GLU B 311 -25.84 -13.39 38.13
N LYS B 312 -26.75 -12.42 38.16
CA LYS B 312 -28.02 -12.63 38.85
C LYS B 312 -28.74 -13.81 38.23
N TYR B 313 -29.03 -13.74 36.93
CA TYR B 313 -29.93 -14.71 36.31
C TYR B 313 -29.38 -16.13 36.43
N PHE B 314 -28.08 -16.32 36.26
CA PHE B 314 -27.52 -17.66 36.39
C PHE B 314 -27.18 -18.00 37.84
N ASP B 315 -27.11 -17.00 38.72
CA ASP B 315 -26.73 -17.21 40.11
C ASP B 315 -25.30 -17.77 40.19
N ILE B 316 -24.42 -17.24 39.34
CA ILE B 316 -23.02 -17.66 39.34
C ILE B 316 -22.14 -16.46 38.98
N TYR B 317 -21.20 -16.12 39.86
CA TYR B 317 -20.32 -14.99 39.60
C TYR B 317 -19.34 -15.32 38.48
N TYR B 318 -18.95 -14.30 37.74
CA TYR B 318 -17.91 -14.44 36.73
C TYR B 318 -16.57 -14.73 37.39
N PRO B 319 -16.00 -15.93 37.26
CA PRO B 319 -14.85 -16.30 38.12
C PRO B 319 -13.59 -15.52 37.82
N LEU B 320 -13.46 -14.96 36.62
CA LEU B 320 -12.24 -14.26 36.23
C LEU B 320 -12.25 -12.84 36.80
N SER B 321 -11.09 -12.39 37.25
CA SER B 321 -10.94 -11.00 37.70
C SER B 321 -11.38 -10.00 36.64
N LYS B 322 -10.90 -10.16 35.40
CA LYS B 322 -11.14 -9.23 34.31
C LYS B 322 -11.79 -9.96 33.13
N LEU B 323 -12.39 -9.17 32.26
CA LEU B 323 -12.97 -9.62 31.01
C LEU B 323 -12.70 -8.54 29.99
N ASP B 324 -12.22 -8.93 28.83
CA ASP B 324 -11.79 -7.97 27.85
C ASP B 324 -12.41 -8.27 26.49
N LEU B 325 -12.88 -7.19 25.86
CA LEU B 325 -13.44 -7.22 24.52
C LEU B 325 -12.54 -6.37 23.64
N ILE B 326 -12.03 -6.95 22.56
CA ILE B 326 -11.17 -6.21 21.65
C ILE B 326 -11.71 -6.33 20.23
N ALA B 327 -11.53 -5.27 19.44
CA ALA B 327 -12.07 -5.17 18.09
C ALA B 327 -10.96 -5.49 17.11
N ILE B 328 -10.86 -6.76 16.75
CA ILE B 328 -9.83 -7.19 15.81
C ILE B 328 -10.21 -6.70 14.41
N PRO B 329 -9.29 -6.04 13.68
CA PRO B 329 -9.62 -5.53 12.33
C PRO B 329 -9.86 -6.60 11.28
N ASP B 330 -9.12 -7.69 11.33
CA ASP B 330 -9.37 -8.80 10.40
C ASP B 330 -9.90 -10.00 11.18
N PHE B 331 -11.20 -10.27 11.04
CA PHE B 331 -11.86 -11.31 11.83
C PHE B 331 -12.92 -12.05 11.03
N ALA B 332 -12.77 -13.38 10.92
CA ALA B 332 -13.72 -14.14 10.10
C ALA B 332 -15.07 -14.29 10.77
N PRO B 333 -15.17 -14.76 12.02
CA PRO B 333 -16.48 -14.90 12.65
C PRO B 333 -17.04 -13.57 13.10
N GLY B 334 -18.28 -13.58 13.56
CA GLY B 334 -18.83 -12.38 14.14
C GLY B 334 -18.11 -11.95 15.40
N ALA B 335 -17.67 -12.91 16.20
CA ALA B 335 -16.90 -12.68 17.41
C ALA B 335 -16.47 -14.05 17.88
N MET B 336 -15.68 -14.09 18.96
CA MET B 336 -15.30 -15.37 19.51
C MET B 336 -15.19 -15.23 21.02
N GLU B 337 -15.64 -16.27 21.75
CA GLU B 337 -15.93 -16.18 23.17
C GLU B 337 -14.76 -16.56 24.04
N ASN B 338 -13.52 -16.38 23.55
CA ASN B 338 -12.29 -16.75 24.28
C ASN B 338 -12.37 -16.22 25.70
N TRP B 339 -12.30 -17.15 26.68
CA TRP B 339 -12.57 -16.84 28.10
C TRP B 339 -11.76 -15.63 28.56
N GLY B 340 -12.47 -14.56 28.90
CA GLY B 340 -11.85 -13.35 29.39
C GLY B 340 -11.27 -12.43 28.35
N LEU B 341 -11.10 -12.92 27.11
CA LEU B 341 -10.59 -12.11 26.00
C LEU B 341 -11.45 -12.29 24.74
N ILE B 342 -12.53 -11.52 24.69
CA ILE B 342 -13.54 -11.66 23.64
C ILE B 342 -13.10 -10.82 22.44
N THR B 343 -12.82 -11.48 21.33
CA THR B 343 -12.51 -10.87 20.05
C THR B 343 -13.76 -10.62 19.22
N TYR B 344 -13.73 -9.50 18.49
CA TYR B 344 -14.86 -9.00 17.72
C TYR B 344 -14.41 -8.40 16.39
N ARG B 345 -15.25 -8.59 15.36
CA ARG B 345 -15.29 -7.69 14.20
C ARG B 345 -15.65 -6.27 14.64
N GLU B 346 -15.09 -5.30 13.93
CA GLU B 346 -15.38 -3.91 14.29
C GLU B 346 -16.83 -3.58 14.00
N THR B 347 -17.40 -4.21 12.97
CA THR B 347 -18.84 -4.15 12.79
C THR B 347 -19.60 -4.63 14.03
N SER B 348 -19.02 -5.54 14.81
CA SER B 348 -19.72 -6.21 15.90
C SER B 348 -19.63 -5.49 17.23
N LEU B 349 -18.70 -4.52 17.39
CA LEU B 349 -18.43 -3.96 18.72
C LEU B 349 -18.35 -2.44 18.81
N LEU B 350 -18.16 -1.71 17.72
CA LEU B 350 -17.84 -0.30 17.80
C LEU B 350 -18.97 0.56 17.27
N PHE B 351 -19.54 1.38 18.15
CA PHE B 351 -20.66 2.24 17.80
C PHE B 351 -20.20 3.69 17.72
N ASP B 352 -20.23 4.24 16.51
CA ASP B 352 -19.94 5.65 16.24
C ASP B 352 -21.24 6.36 15.95
N PRO B 353 -21.65 7.31 16.81
CA PRO B 353 -22.98 7.90 16.65
C PRO B 353 -23.19 8.64 15.33
N LYS B 354 -22.17 9.29 14.76
CA LYS B 354 -22.39 10.03 13.52
C LYS B 354 -22.84 9.11 12.38
N THR B 355 -22.32 7.87 12.35
CA THR B 355 -22.48 6.98 11.23
C THR B 355 -23.09 5.62 11.57
N SER B 356 -23.27 5.29 12.84
CA SER B 356 -23.87 4.01 13.21
C SER B 356 -25.38 4.15 13.41
N SER B 357 -26.13 3.22 12.84
CA SER B 357 -27.59 3.25 12.80
C SER B 357 -28.18 2.83 14.16
N ALA B 358 -29.47 3.09 14.32
CA ALA B 358 -30.22 2.52 15.45
C ALA B 358 -30.28 1.00 15.34
N SER B 359 -30.49 0.49 14.12
CA SER B 359 -30.40 -0.95 13.86
C SER B 359 -29.04 -1.49 14.22
N ASP B 360 -27.99 -0.77 13.87
CA ASP B 360 -26.66 -1.27 14.18
C ASP B 360 -26.47 -1.37 15.69
N LYS B 361 -27.10 -0.47 16.46
CA LYS B 361 -26.97 -0.54 17.91
C LYS B 361 -27.57 -1.83 18.45
N LEU B 362 -28.58 -2.36 17.75
CA LEU B 362 -29.14 -3.66 18.09
C LEU B 362 -28.20 -4.80 17.75
N TRP B 363 -27.59 -4.77 16.56
CA TRP B 363 -26.62 -5.79 16.19
C TRP B 363 -25.50 -5.88 17.23
N VAL B 364 -24.81 -4.75 17.51
CA VAL B 364 -23.73 -4.71 18.49
C VAL B 364 -24.20 -5.29 19.81
N THR B 365 -25.37 -4.85 20.23
CA THR B 365 -25.85 -5.20 21.54
C THR B 365 -26.20 -6.70 21.60
N ARG B 366 -26.65 -7.27 20.49
CA ARG B 366 -26.93 -8.71 20.44
C ARG B 366 -25.65 -9.53 20.58
N VAL B 367 -24.65 -9.22 19.75
CA VAL B 367 -23.41 -10.01 19.69
C VAL B 367 -22.69 -9.98 21.03
N ILE B 368 -22.79 -8.87 21.77
CA ILE B 368 -22.28 -8.84 23.13
C ILE B 368 -23.01 -9.86 24.00
N ALA B 369 -24.35 -9.82 23.96
CA ALA B 369 -25.16 -10.79 24.69
C ALA B 369 -24.74 -12.21 24.38
N HIS B 370 -24.59 -12.51 23.09
CA HIS B 370 -24.16 -13.84 22.68
C HIS B 370 -22.78 -14.16 23.25
N GLU B 371 -21.80 -13.25 23.07
CA GLU B 371 -20.44 -13.55 23.49
C GLU B 371 -20.32 -13.72 25.00
N LEU B 372 -20.94 -12.85 25.80
CA LEU B 372 -20.86 -13.01 27.25
C LEU B 372 -21.59 -14.28 27.70
N ALA B 373 -22.78 -14.56 27.14
CA ALA B 373 -23.52 -15.77 27.49
C ALA B 373 -22.69 -17.04 27.33
N HIS B 374 -21.67 -17.00 26.48
CA HIS B 374 -20.79 -18.14 26.25
C HIS B 374 -19.88 -18.40 27.44
N GLN B 375 -19.60 -17.35 28.22
CA GLN B 375 -18.85 -17.50 29.47
C GLN B 375 -19.44 -18.58 30.39
N TRP B 376 -20.74 -18.87 30.26
CA TRP B 376 -21.41 -19.97 30.97
C TRP B 376 -21.70 -21.19 30.09
N PHE B 377 -22.41 -21.02 28.98
CA PHE B 377 -22.69 -22.15 28.10
C PHE B 377 -21.51 -22.23 27.14
N GLY B 378 -20.68 -23.26 27.28
CA GLY B 378 -19.41 -23.15 26.57
C GLY B 378 -18.19 -23.14 27.46
N ASN B 379 -17.66 -21.96 27.74
CA ASN B 379 -16.48 -21.81 28.58
C ASN B 379 -16.61 -22.57 29.92
N LEU B 380 -17.58 -22.16 30.75
CA LEU B 380 -17.82 -22.82 32.03
C LEU B 380 -18.16 -24.30 31.87
N VAL B 381 -19.27 -24.58 31.19
CA VAL B 381 -19.67 -25.93 30.91
C VAL B 381 -19.75 -26.12 29.40
N THR B 382 -19.05 -27.12 28.90
CA THR B 382 -18.88 -27.33 27.46
C THR B 382 -19.21 -28.79 27.13
N MET B 383 -19.75 -29.01 25.93
CA MET B 383 -20.14 -30.33 25.45
C MET B 383 -18.99 -31.33 25.57
N GLU B 384 -19.32 -32.61 25.53
CA GLU B 384 -18.27 -33.61 25.56
C GLU B 384 -17.48 -33.61 24.24
N TRP B 385 -18.19 -33.34 23.16
CA TRP B 385 -17.74 -33.50 21.79
C TRP B 385 -18.59 -32.57 20.96
N TRP B 386 -18.22 -32.37 19.71
CA TRP B 386 -18.90 -31.41 18.87
C TRP B 386 -20.27 -31.90 18.43
N ASN B 387 -20.68 -33.10 18.83
CA ASN B 387 -21.96 -33.62 18.37
C ASN B 387 -23.12 -32.97 19.15
N ASP B 388 -22.90 -32.68 20.42
CA ASP B 388 -23.80 -31.80 21.16
C ASP B 388 -23.36 -30.34 21.08
N ILE B 389 -22.73 -29.93 19.97
CA ILE B 389 -22.23 -28.56 19.82
C ILE B 389 -23.34 -27.54 20.03
N TRP B 390 -24.60 -27.94 19.79
CA TRP B 390 -25.73 -27.05 20.02
C TRP B 390 -25.85 -26.67 21.49
N LEU B 391 -25.24 -27.44 22.38
CA LEU B 391 -25.28 -27.14 23.81
C LEU B 391 -24.74 -25.74 24.10
N ASN B 392 -23.55 -25.41 23.56
CA ASN B 392 -23.05 -24.03 23.62
C ASN B 392 -23.89 -23.10 22.75
N GLU B 393 -23.95 -23.40 21.46
CA GLU B 393 -24.40 -22.37 20.53
C GLU B 393 -25.90 -22.16 20.66
N GLY B 394 -26.67 -23.25 20.72
CA GLY B 394 -28.11 -23.14 20.84
C GLY B 394 -28.52 -22.39 22.09
N PHE B 395 -27.90 -22.71 23.22
CA PHE B 395 -28.20 -21.98 24.44
C PHE B 395 -27.70 -20.55 24.36
N ALA B 396 -26.54 -20.34 23.77
CA ALA B 396 -26.02 -19.00 23.66
C ALA B 396 -26.97 -18.10 22.86
N LYS B 397 -27.54 -18.61 21.76
CA LYS B 397 -28.37 -17.77 20.90
C LYS B 397 -29.73 -17.51 21.52
N TYR B 398 -30.26 -18.48 22.26
CA TYR B 398 -31.51 -18.26 22.95
C TYR B 398 -31.31 -17.32 24.14
N MET B 399 -30.17 -17.45 24.83
CA MET B 399 -29.87 -16.55 25.92
C MET B 399 -29.65 -15.12 25.45
N GLU B 400 -29.24 -14.91 24.21
CA GLU B 400 -29.15 -13.52 23.78
C GLU B 400 -30.52 -12.87 23.77
N LEU B 401 -31.56 -13.58 23.28
CA LEU B 401 -32.89 -13.00 23.16
C LEU B 401 -33.49 -12.68 24.53
N ILE B 402 -33.27 -13.56 25.52
CA ILE B 402 -33.65 -13.26 26.90
C ILE B 402 -32.87 -12.05 27.43
N ALA B 403 -31.54 -12.10 27.33
CA ALA B 403 -30.66 -11.12 28.00
C ALA B 403 -30.92 -9.70 27.54
N VAL B 404 -31.00 -9.47 26.23
CA VAL B 404 -31.21 -8.11 25.75
C VAL B 404 -32.57 -7.60 26.17
N ASN B 405 -33.59 -8.46 26.06
CA ASN B 405 -34.98 -8.07 26.31
C ASN B 405 -35.17 -7.54 27.72
N ALA B 406 -34.48 -8.15 28.68
CA ALA B 406 -34.50 -7.67 30.05
C ALA B 406 -33.65 -6.41 30.19
N THR B 407 -32.38 -6.50 29.81
CA THR B 407 -31.44 -5.43 30.08
C THR B 407 -31.68 -4.22 29.20
N TYR B 408 -32.00 -4.44 27.93
CA TYR B 408 -32.18 -3.37 26.96
C TYR B 408 -33.55 -3.50 26.34
N PRO B 409 -34.61 -3.33 27.13
CA PRO B 409 -35.96 -3.52 26.58
C PRO B 409 -36.31 -2.48 25.56
N GLU B 410 -35.69 -1.28 25.64
CA GLU B 410 -35.94 -0.20 24.71
C GLU B 410 -35.82 -0.67 23.26
N LEU B 411 -34.87 -1.56 22.99
CA LEU B 411 -34.53 -2.05 21.66
C LEU B 411 -35.51 -3.09 21.11
N GLN B 412 -36.57 -3.43 21.84
CA GLN B 412 -37.77 -4.08 21.30
C GLN B 412 -37.45 -5.33 20.49
N PHE B 413 -36.77 -6.28 21.14
CA PHE B 413 -36.19 -7.45 20.49
C PHE B 413 -37.12 -8.67 20.46
N ASP B 414 -38.11 -8.76 21.36
CA ASP B 414 -38.96 -9.95 21.43
C ASP B 414 -39.78 -10.13 20.16
N ASP B 415 -40.22 -9.03 19.56
CA ASP B 415 -40.97 -9.11 18.30
C ASP B 415 -40.07 -9.64 17.18
N TYR B 416 -38.81 -9.20 17.16
CA TYR B 416 -37.84 -9.63 16.17
C TYR B 416 -37.47 -11.11 16.33
N PHE B 417 -37.40 -11.58 17.58
CA PHE B 417 -36.89 -12.93 17.86
C PHE B 417 -37.59 -14.02 17.05
N LEU B 418 -38.83 -13.80 16.62
CA LEU B 418 -39.50 -14.82 15.83
C LEU B 418 -38.75 -15.13 14.54
N ASN B 419 -38.00 -14.16 14.02
CA ASN B 419 -37.30 -14.39 12.76
C ASN B 419 -36.22 -15.45 12.91
N VAL B 420 -35.74 -15.65 14.13
CA VAL B 420 -34.70 -16.63 14.41
C VAL B 420 -35.17 -18.03 14.01
N CYS B 421 -36.30 -18.45 14.58
CA CYS B 421 -36.87 -19.76 14.26
C CYS B 421 -37.38 -19.81 12.84
N PHE B 422 -37.81 -18.67 12.32
CA PHE B 422 -38.35 -18.63 10.97
C PHE B 422 -37.32 -19.09 9.95
N GLU B 423 -36.13 -18.50 10.00
CA GLU B 423 -35.14 -18.80 8.98
C GLU B 423 -34.63 -20.23 9.10
N VAL B 424 -34.67 -20.83 10.29
CA VAL B 424 -34.27 -22.24 10.37
C VAL B 424 -35.40 -23.15 9.91
N ILE B 425 -36.65 -22.70 10.01
CA ILE B 425 -37.76 -23.56 9.58
C ILE B 425 -37.68 -23.82 8.08
N THR B 426 -37.30 -22.80 7.31
CA THR B 426 -37.09 -22.98 5.88
C THR B 426 -36.04 -24.04 5.60
N LYS B 427 -34.90 -23.97 6.29
CA LYS B 427 -33.89 -25.01 6.16
C LYS B 427 -34.41 -26.35 6.66
N ASP B 428 -35.16 -26.35 7.76
CA ASP B 428 -35.60 -27.59 8.42
C ASP B 428 -36.71 -28.29 7.64
N SER B 429 -37.40 -27.55 6.76
CA SER B 429 -38.47 -28.14 5.97
C SER B 429 -37.92 -29.06 4.89
N LEU B 430 -36.69 -28.83 4.46
CA LEU B 430 -36.12 -29.60 3.37
C LEU B 430 -35.61 -30.94 3.87
N ASN B 431 -35.36 -31.85 2.94
CA ASN B 431 -34.91 -33.17 3.34
C ASN B 431 -33.43 -33.15 3.78
N SER B 432 -32.64 -32.14 3.34
CA SER B 432 -31.20 -32.06 3.63
C SER B 432 -30.89 -31.64 5.08
N SER B 433 -31.81 -30.96 5.76
CA SER B 433 -31.56 -30.56 7.13
C SER B 433 -31.38 -31.77 8.04
N ARG B 434 -30.63 -31.56 9.11
CA ARG B 434 -30.21 -32.65 10.00
C ARG B 434 -30.80 -32.56 11.40
N PRO B 435 -30.47 -33.50 12.27
CA PRO B 435 -30.82 -33.36 13.68
C PRO B 435 -29.85 -32.46 14.42
N ILE B 436 -30.38 -31.79 15.45
CA ILE B 436 -29.60 -30.84 16.23
C ILE B 436 -28.39 -31.51 16.91
N SER B 437 -28.50 -32.77 17.31
CA SER B 437 -27.33 -33.55 17.73
C SER B 437 -27.13 -34.66 16.70
N LYS B 438 -25.99 -34.60 16.01
CA LYS B 438 -25.56 -35.49 14.96
C LYS B 438 -24.06 -35.65 15.14
N PRO B 439 -23.49 -36.80 14.79
CA PRO B 439 -22.05 -37.00 15.00
C PRO B 439 -21.24 -36.29 13.91
N ALA B 440 -19.96 -36.05 14.23
CA ALA B 440 -19.03 -35.36 13.33
C ALA B 440 -17.59 -35.68 13.70
N GLU B 441 -16.77 -36.05 12.70
CA GLU B 441 -15.38 -36.41 12.93
C GLU B 441 -14.36 -35.58 12.17
N THR B 442 -14.48 -35.40 10.83
CA THR B 442 -13.44 -34.63 10.13
C THR B 442 -13.46 -33.20 10.63
N PRO B 443 -12.33 -32.51 10.58
CA PRO B 443 -12.30 -31.10 10.99
C PRO B 443 -13.34 -30.24 10.30
N THR B 444 -13.60 -30.57 9.04
CA THR B 444 -14.50 -29.80 8.20
C THR B 444 -15.96 -30.17 8.42
N GLN B 445 -16.22 -31.38 8.90
CA GLN B 445 -17.57 -31.76 9.34
C GLN B 445 -17.98 -30.98 10.58
N ILE B 446 -17.06 -30.90 11.56
CA ILE B 446 -17.30 -30.15 12.78
C ILE B 446 -17.64 -28.70 12.46
N GLN B 447 -17.01 -28.13 11.44
CA GLN B 447 -17.33 -26.75 11.14
C GLN B 447 -18.73 -26.61 10.56
N GLU B 448 -19.24 -27.68 9.92
CA GLU B 448 -20.61 -27.69 9.40
C GLU B 448 -21.66 -27.64 10.53
N MET B 449 -21.33 -28.17 11.70
CA MET B 449 -22.28 -28.19 12.81
C MET B 449 -22.66 -26.79 13.26
N PHE B 450 -21.82 -25.80 12.96
CA PHE B 450 -22.08 -24.41 13.32
C PHE B 450 -23.04 -23.80 12.30
N ASP B 451 -24.28 -24.28 12.35
CA ASP B 451 -25.28 -23.88 11.37
C ASP B 451 -26.55 -23.43 12.09
N GLU B 452 -27.56 -23.07 11.29
CA GLU B 452 -28.80 -22.52 11.82
C GLU B 452 -29.53 -23.54 12.69
N VAL B 453 -29.25 -24.82 12.48
CA VAL B 453 -29.87 -25.86 13.30
C VAL B 453 -29.34 -25.79 14.72
N SER B 454 -28.01 -25.74 14.87
CA SER B 454 -27.40 -25.66 16.20
C SER B 454 -27.81 -24.39 16.92
N TYR B 455 -27.91 -23.29 16.18
CA TYR B 455 -28.12 -21.97 16.79
C TYR B 455 -29.60 -21.64 16.85
N ASN B 456 -30.23 -21.55 15.67
CA ASN B 456 -31.60 -21.09 15.56
C ASN B 456 -32.57 -22.13 16.10
N LYS B 457 -32.55 -23.34 15.52
CA LYS B 457 -33.42 -24.43 15.98
C LYS B 457 -33.17 -24.72 17.45
N GLY B 458 -31.90 -24.80 17.85
CA GLY B 458 -31.58 -25.03 19.25
C GLY B 458 -32.17 -23.96 20.15
N ALA B 459 -32.26 -22.73 19.67
CA ALA B 459 -32.80 -21.67 20.49
C ALA B 459 -34.30 -21.82 20.65
N CYS B 460 -34.97 -22.31 19.63
CA CYS B 460 -36.43 -22.28 19.64
C CYS B 460 -37.04 -23.52 20.25
N ILE B 461 -36.38 -24.67 20.14
CA ILE B 461 -36.86 -25.81 20.93
C ILE B 461 -36.67 -25.54 22.41
N LEU B 462 -35.56 -24.89 22.80
CA LEU B 462 -35.44 -24.40 24.18
C LEU B 462 -36.55 -23.43 24.54
N ASN B 463 -36.93 -22.54 23.62
CA ASN B 463 -38.00 -21.60 23.94
C ASN B 463 -39.36 -22.29 24.03
N MET B 464 -39.59 -23.32 23.22
CA MET B 464 -40.79 -24.16 23.38
C MET B 464 -40.87 -24.74 24.78
N LEU B 465 -39.75 -25.28 25.31
CA LEU B 465 -39.75 -25.78 26.69
C LEU B 465 -40.00 -24.70 27.73
N LYS B 466 -39.66 -23.43 27.46
CA LYS B 466 -39.98 -22.38 28.43
C LYS B 466 -41.47 -22.03 28.43
N ASP B 467 -42.13 -22.07 27.27
CA ASP B 467 -43.59 -22.02 27.24
C ASP B 467 -44.17 -23.13 28.10
N PHE B 468 -43.54 -24.30 28.12
CA PHE B 468 -44.05 -25.49 28.80
C PHE B 468 -43.76 -25.45 30.31
N LEU B 469 -42.50 -25.47 30.69
CA LEU B 469 -42.11 -25.54 32.10
C LEU B 469 -42.23 -24.21 32.85
N GLY B 470 -42.33 -23.07 32.14
CA GLY B 470 -42.40 -21.75 32.77
C GLY B 470 -41.07 -21.20 33.27
N GLU B 471 -40.87 -19.87 33.26
CA GLU B 471 -39.54 -19.31 33.56
C GLU B 471 -39.07 -19.64 34.98
N GLU B 472 -40.00 -19.81 35.92
CA GLU B 472 -39.58 -20.17 37.27
C GLU B 472 -38.90 -21.53 37.28
N LYS B 473 -39.58 -22.56 36.75
CA LYS B 473 -38.99 -23.89 36.72
C LYS B 473 -37.78 -23.95 35.80
N PHE B 474 -37.85 -23.26 34.65
CA PHE B 474 -36.77 -23.28 33.65
C PHE B 474 -35.47 -22.69 34.19
N GLN B 475 -35.56 -21.48 34.78
CA GLN B 475 -34.38 -20.77 35.27
C GLN B 475 -33.66 -21.58 36.37
N LYS B 476 -34.43 -22.16 37.30
CA LYS B 476 -33.82 -23.00 38.34
C LYS B 476 -33.21 -24.26 37.74
N GLY B 477 -33.89 -24.90 36.79
CA GLY B 477 -33.32 -26.06 36.13
C GLY B 477 -32.06 -25.74 35.34
N ILE B 478 -31.95 -24.50 34.86
CA ILE B 478 -30.76 -24.06 34.16
C ILE B 478 -29.59 -23.88 35.13
N ILE B 479 -29.86 -23.28 36.29
CA ILE B 479 -28.81 -22.99 37.25
C ILE B 479 -28.23 -24.28 37.83
N GLN B 480 -29.07 -25.31 37.99
CA GLN B 480 -28.54 -26.60 38.38
C GLN B 480 -27.59 -27.15 37.32
N TYR B 481 -27.98 -27.02 36.05
CA TYR B 481 -27.15 -27.52 34.95
C TYR B 481 -25.75 -26.91 35.00
N LEU B 482 -25.68 -25.58 35.13
CA LEU B 482 -24.40 -24.87 35.18
C LEU B 482 -23.57 -25.33 36.36
N LYS B 483 -24.12 -25.19 37.58
CA LYS B 483 -23.37 -25.47 38.81
C LYS B 483 -22.97 -26.94 38.92
N LYS B 484 -23.89 -27.85 38.54
CA LYS B 484 -23.55 -29.27 38.57
C LYS B 484 -22.41 -29.57 37.61
N PHE B 485 -22.46 -29.01 36.42
CA PHE B 485 -21.52 -29.32 35.36
C PHE B 485 -20.44 -28.25 35.17
N SER B 486 -20.34 -27.27 36.07
CA SER B 486 -19.37 -26.21 35.85
C SER B 486 -17.95 -26.76 35.98
N TYR B 487 -17.07 -26.29 35.09
CA TYR B 487 -15.70 -26.74 34.93
C TYR B 487 -15.59 -28.14 34.36
N ARG B 488 -16.67 -28.62 33.74
CA ARG B 488 -16.73 -29.99 33.23
C ARG B 488 -17.35 -30.01 31.83
N ASN B 489 -17.74 -31.21 31.40
CA ASN B 489 -18.29 -31.49 30.08
C ASN B 489 -19.60 -32.26 30.19
N ALA B 490 -20.59 -31.84 29.42
CA ALA B 490 -21.96 -32.31 29.52
C ALA B 490 -22.39 -32.91 28.19
N LYS B 491 -22.72 -34.20 28.21
CA LYS B 491 -23.32 -34.86 27.07
C LYS B 491 -24.74 -34.30 26.86
N ASN B 492 -25.28 -34.55 25.66
CA ASN B 492 -26.60 -34.02 25.30
C ASN B 492 -27.68 -34.43 26.31
N ASP B 493 -27.67 -35.71 26.74
CA ASP B 493 -28.69 -36.20 27.66
C ASP B 493 -28.64 -35.47 29.01
N ASP B 494 -27.46 -35.04 29.46
CA ASP B 494 -27.34 -34.43 30.77
C ASP B 494 -28.17 -33.16 30.89
N LEU B 495 -28.23 -32.36 29.83
CA LEU B 495 -28.88 -31.06 29.92
C LEU B 495 -30.38 -31.19 30.12
N TRP B 496 -31.03 -32.02 29.30
CA TRP B 496 -32.44 -32.30 29.49
C TRP B 496 -32.67 -32.96 30.85
N SER B 497 -31.81 -33.91 31.22
CA SER B 497 -31.94 -34.60 32.51
C SER B 497 -31.91 -33.62 33.67
N SER B 498 -31.00 -32.64 33.64
CA SER B 498 -31.03 -31.60 34.65
C SER B 498 -32.33 -30.81 34.61
N LEU B 499 -32.88 -30.61 33.42
CA LEU B 499 -34.05 -29.76 33.29
C LEU B 499 -35.32 -30.42 33.87
N SER B 500 -35.33 -31.76 33.95
CA SER B 500 -36.51 -32.47 34.42
C SER B 500 -36.60 -32.50 35.94
N ASN B 501 -35.46 -32.36 36.62
CA ASN B 501 -35.40 -32.30 38.07
C ASN B 501 -35.36 -30.87 38.61
N SER B 502 -35.88 -29.89 37.86
CA SER B 502 -35.84 -28.50 38.28
C SER B 502 -36.62 -28.28 39.57
N CYS B 503 -37.92 -28.60 39.55
CA CYS B 503 -38.81 -28.34 40.70
C CYS B 503 -39.90 -29.41 40.85
N ASN B 531 -43.35 -37.27 35.07
CA ASN B 531 -42.39 -36.21 35.38
C ASN B 531 -41.02 -36.30 34.63
N ALA B 532 -40.59 -37.52 34.26
CA ALA B 532 -39.56 -37.76 33.26
C ALA B 532 -40.18 -38.01 31.89
N GLU B 533 -41.35 -37.42 31.66
CA GLU B 533 -41.92 -37.32 30.32
C GLU B 533 -41.11 -36.39 29.44
N VAL B 534 -40.40 -35.44 30.07
CA VAL B 534 -39.63 -34.45 29.32
C VAL B 534 -38.52 -35.10 28.51
N LYS B 535 -37.83 -36.09 29.10
CA LYS B 535 -36.75 -36.75 28.38
C LYS B 535 -37.25 -37.41 27.10
N GLU B 536 -38.36 -38.14 27.18
CA GLU B 536 -38.90 -38.78 25.97
C GLU B 536 -39.29 -37.72 24.93
N MET B 537 -39.95 -36.65 25.38
CA MET B 537 -40.44 -35.61 24.48
C MET B 537 -39.30 -34.97 23.72
N MET B 538 -38.19 -34.76 24.39
CA MET B 538 -37.09 -34.01 23.83
C MET B 538 -36.20 -34.87 22.94
N THR B 539 -36.26 -36.19 23.11
CA THR B 539 -35.60 -37.10 22.18
C THR B 539 -36.06 -36.87 20.76
N THR B 540 -37.37 -36.72 20.57
CA THR B 540 -37.93 -36.52 19.24
C THR B 540 -37.41 -35.25 18.59
N TRP B 541 -37.09 -34.24 19.38
CA TRP B 541 -36.75 -32.92 18.83
C TRP B 541 -35.29 -32.84 18.44
N THR B 542 -34.41 -33.49 19.22
CA THR B 542 -32.98 -33.38 18.96
C THR B 542 -32.45 -34.49 18.05
N LEU B 543 -32.79 -35.76 18.32
CA LEU B 543 -32.24 -36.90 17.59
C LEU B 543 -32.88 -37.17 16.22
N GLN B 544 -33.97 -36.52 15.87
CA GLN B 544 -34.55 -36.73 14.57
C GLN B 544 -34.61 -35.42 13.81
N LYS B 545 -34.50 -35.50 12.50
CA LYS B 545 -34.39 -34.28 11.72
C LYS B 545 -35.79 -33.70 11.48
N GLY B 546 -35.82 -32.47 10.98
CA GLY B 546 -37.04 -31.88 10.50
C GLY B 546 -37.90 -31.21 11.55
N ILE B 547 -39.05 -30.72 11.07
CA ILE B 547 -40.11 -30.06 11.83
C ILE B 547 -41.44 -30.71 11.48
N PRO B 548 -42.32 -30.98 12.44
CA PRO B 548 -43.66 -31.48 12.11
C PRO B 548 -44.68 -30.36 11.92
N LEU B 549 -45.69 -30.61 11.07
CA LEU B 549 -46.85 -29.73 10.98
C LEU B 549 -48.08 -30.43 11.55
N LEU B 550 -48.89 -29.68 12.31
CA LEU B 550 -50.05 -30.23 12.98
C LEU B 550 -51.30 -30.04 12.13
N VAL B 551 -52.00 -31.14 11.86
CA VAL B 551 -53.22 -31.17 11.04
C VAL B 551 -54.40 -31.49 11.95
N VAL B 552 -55.23 -30.47 12.23
CA VAL B 552 -56.44 -30.64 13.02
C VAL B 552 -57.64 -30.47 12.10
N LYS B 553 -58.50 -31.48 12.05
CA LYS B 553 -59.76 -31.42 11.32
C LYS B 553 -60.85 -31.07 12.32
N GLN B 554 -61.47 -29.91 12.12
CA GLN B 554 -62.52 -29.42 13.00
C GLN B 554 -63.73 -28.94 12.20
N CYS B 557 -67.08 -27.60 16.15
CA CYS B 557 -67.68 -28.90 15.81
C CYS B 557 -67.01 -30.03 16.59
N SER B 558 -65.72 -30.24 16.35
CA SER B 558 -64.97 -31.35 16.93
C SER B 558 -63.48 -31.09 16.70
N LEU B 559 -62.62 -31.89 17.34
CA LEU B 559 -61.18 -31.63 17.32
C LEU B 559 -60.37 -32.92 17.33
N ARG B 560 -60.05 -33.43 16.15
CA ARG B 560 -59.18 -34.60 15.99
C ARG B 560 -57.88 -34.17 15.33
N LEU B 561 -56.77 -34.59 15.92
CA LEU B 561 -55.45 -34.14 15.53
C LEU B 561 -54.70 -35.26 14.83
N GLN B 562 -53.82 -34.86 13.91
CA GLN B 562 -52.98 -35.76 13.15
C GLN B 562 -51.69 -35.05 12.77
N GLN B 563 -50.56 -35.65 13.09
CA GLN B 563 -49.26 -35.04 12.84
C GLN B 563 -48.57 -35.73 11.67
N GLU B 564 -47.80 -34.94 10.93
CA GLU B 564 -47.07 -35.40 9.77
C GLU B 564 -45.83 -34.53 9.59
N ARG B 565 -44.80 -35.10 8.97
CA ARG B 565 -43.52 -34.42 8.78
C ARG B 565 -43.64 -33.44 7.61
N PHE B 566 -43.61 -32.14 7.92
CA PHE B 566 -43.64 -31.07 6.94
C PHE B 566 -42.56 -31.21 5.87
N LEU B 567 -42.92 -30.95 4.61
CA LEU B 567 -41.99 -30.88 3.49
C LEU B 567 -42.31 -29.66 2.62
N GLN B 568 -41.42 -29.37 1.67
CA GLN B 568 -41.58 -28.24 0.77
C GLN B 568 -41.13 -28.63 -0.63
N GLY B 569 -42.05 -28.53 -1.59
CA GLY B 569 -41.83 -29.10 -2.90
C GLY B 569 -42.09 -30.58 -2.99
N VAL B 570 -42.73 -31.18 -1.98
CA VAL B 570 -43.03 -32.61 -1.94
C VAL B 570 -44.52 -32.80 -1.69
N PHE B 571 -45.16 -33.62 -2.52
CA PHE B 571 -46.62 -33.65 -2.65
C PHE B 571 -47.18 -34.98 -2.12
N GLN B 572 -48.25 -34.88 -1.30
CA GLN B 572 -48.99 -36.04 -0.85
C GLN B 572 -49.25 -37.05 -1.97
N GLU B 573 -49.74 -36.53 -3.11
CA GLU B 573 -49.91 -37.38 -4.30
C GLU B 573 -48.57 -37.86 -4.84
N ASP B 574 -47.58 -36.98 -4.91
CA ASP B 574 -46.28 -37.33 -5.49
C ASP B 574 -45.66 -38.49 -4.73
N PRO B 575 -44.90 -39.36 -5.41
CA PRO B 575 -44.51 -40.64 -4.79
C PRO B 575 -43.62 -40.48 -3.58
N GLU B 576 -42.72 -39.50 -3.64
CA GLU B 576 -41.71 -39.29 -2.62
C GLU B 576 -42.30 -39.08 -1.23
N TRP B 577 -43.39 -38.32 -1.13
CA TRP B 577 -43.99 -37.95 0.16
C TRP B 577 -44.35 -39.16 1.01
N ARG B 578 -44.75 -40.26 0.40
CA ARG B 578 -45.03 -41.47 1.17
C ARG B 578 -43.74 -42.04 1.77
N ALA B 579 -42.70 -42.15 0.93
CA ALA B 579 -41.47 -42.83 1.35
C ALA B 579 -40.70 -42.02 2.39
N LEU B 580 -40.70 -40.69 2.24
CA LEU B 580 -39.94 -39.81 3.14
C LEU B 580 -40.39 -39.95 4.59
N GLN B 581 -41.65 -40.29 4.80
CA GLN B 581 -42.29 -40.26 6.11
C GLN B 581 -42.29 -41.65 6.70
N GLU B 582 -41.23 -41.99 7.41
CA GLU B 582 -41.16 -43.28 8.10
C GLU B 582 -40.73 -43.04 9.53
N ARG B 583 -41.59 -43.42 10.46
CA ARG B 583 -41.30 -43.36 11.89
C ARG B 583 -41.00 -41.94 12.35
N TYR B 584 -41.76 -40.99 11.81
CA TYR B 584 -41.65 -39.59 12.20
C TYR B 584 -42.77 -39.24 13.17
N LEU B 585 -42.51 -39.46 14.45
CA LEU B 585 -43.42 -39.10 15.52
C LEU B 585 -42.77 -38.03 16.39
N TRP B 586 -43.54 -36.98 16.70
CA TRP B 586 -43.04 -35.90 17.54
C TRP B 586 -44.00 -35.68 18.70
N HIS B 587 -43.47 -35.78 19.92
CA HIS B 587 -44.25 -35.44 21.12
C HIS B 587 -44.33 -33.91 21.24
N ILE B 588 -45.02 -33.33 20.26
CA ILE B 588 -45.39 -31.93 20.22
C ILE B 588 -46.20 -31.55 21.46
N PRO B 589 -45.74 -30.60 22.26
CA PRO B 589 -46.65 -30.01 23.25
C PRO B 589 -47.38 -28.84 22.63
N LEU B 590 -48.70 -28.86 22.65
CA LEU B 590 -49.49 -27.91 21.88
C LEU B 590 -50.08 -26.82 22.77
N THR B 591 -50.80 -25.92 22.13
CA THR B 591 -51.45 -24.78 22.80
C THR B 591 -52.37 -24.11 21.80
N TYR B 592 -53.54 -23.71 22.28
CA TYR B 592 -54.53 -23.02 21.45
C TYR B 592 -55.40 -22.11 22.31
N SER B 593 -56.12 -21.23 21.63
CA SER B 593 -57.06 -20.34 22.29
C SER B 593 -58.24 -20.05 21.38
N ASN B 598 -58.84 -15.89 24.41
CA ASN B 598 -59.07 -15.21 25.68
C ASN B 598 -58.42 -16.02 26.78
N VAL B 599 -58.54 -17.32 26.62
CA VAL B 599 -57.99 -18.32 27.53
C VAL B 599 -57.20 -19.32 26.70
N ILE B 600 -56.07 -19.79 27.22
CA ILE B 600 -55.20 -20.72 26.52
C ILE B 600 -55.28 -22.09 27.18
N HIS B 601 -55.52 -23.12 26.36
CA HIS B 601 -55.63 -24.51 26.81
C HIS B 601 -54.40 -25.28 26.32
N ARG B 602 -53.87 -26.16 27.17
CA ARG B 602 -52.60 -26.85 26.93
C ARG B 602 -52.72 -28.35 27.14
N HIS B 603 -51.95 -29.12 26.36
CA HIS B 603 -51.83 -30.57 26.50
C HIS B 603 -50.66 -31.02 25.64
N ILE B 604 -50.40 -32.33 25.64
CA ILE B 604 -49.23 -32.91 25.00
C ILE B 604 -49.77 -33.61 23.75
N LEU B 605 -48.89 -34.16 22.91
CA LEU B 605 -49.36 -34.90 21.74
C LEU B 605 -48.53 -36.18 21.47
N LYS B 606 -48.35 -37.02 22.49
CA LYS B 606 -47.46 -38.16 22.35
C LYS B 606 -47.83 -39.21 21.29
N SER B 607 -48.96 -39.06 20.59
CA SER B 607 -49.37 -40.08 19.62
C SER B 607 -49.71 -39.47 18.25
N LYS B 608 -49.57 -40.31 17.21
CA LYS B 608 -49.72 -39.84 15.83
C LYS B 608 -51.11 -39.30 15.56
N THR B 609 -52.12 -39.84 16.25
CA THR B 609 -53.50 -39.43 16.09
C THR B 609 -54.14 -39.31 17.47
N ASP B 610 -54.91 -38.25 17.68
CA ASP B 610 -55.55 -37.96 18.95
C ASP B 610 -56.76 -37.08 18.70
N THR B 611 -57.59 -36.95 19.72
CA THR B 611 -58.89 -36.31 19.59
C THR B 611 -59.16 -35.42 20.79
N LEU B 612 -59.82 -34.29 20.54
CA LEU B 612 -60.25 -33.37 21.57
C LEU B 612 -61.59 -32.79 21.18
N ASP B 613 -62.17 -31.97 22.06
CA ASP B 613 -63.46 -31.36 21.77
C ASP B 613 -63.48 -29.93 22.29
N LEU B 614 -64.33 -29.12 21.65
CA LEU B 614 -64.54 -27.74 22.08
C LEU B 614 -65.44 -27.71 23.31
N PRO B 615 -64.90 -27.34 24.49
CA PRO B 615 -65.76 -27.20 25.67
C PRO B 615 -66.91 -26.24 25.45
N GLU B 616 -66.63 -25.10 24.83
CA GLU B 616 -67.65 -24.15 24.38
C GLU B 616 -67.51 -23.96 22.88
N LYS B 617 -68.61 -24.08 22.16
CA LYS B 617 -68.57 -23.87 20.72
C LYS B 617 -68.34 -22.40 20.40
N THR B 618 -67.28 -22.11 19.63
CA THR B 618 -66.88 -20.76 19.27
C THR B 618 -66.55 -20.73 17.78
N SER B 619 -66.43 -19.52 17.23
CA SER B 619 -66.45 -19.37 15.78
C SER B 619 -65.07 -19.50 15.12
N TRP B 620 -64.03 -18.82 15.63
CA TRP B 620 -62.66 -19.16 15.21
C TRP B 620 -61.81 -19.62 16.38
N VAL B 621 -60.72 -20.29 16.01
CA VAL B 621 -59.79 -20.91 16.94
C VAL B 621 -58.38 -20.78 16.37
N LYS B 622 -57.40 -20.55 17.24
CA LYS B 622 -56.00 -20.43 16.85
C LYS B 622 -55.13 -21.38 17.66
N PHE B 623 -54.37 -22.22 16.94
CA PHE B 623 -53.38 -23.14 17.50
C PHE B 623 -52.00 -22.48 17.46
N ASN B 624 -51.14 -22.87 18.42
CA ASN B 624 -49.80 -22.31 18.55
C ASN B 624 -49.86 -20.80 18.76
N VAL B 625 -50.40 -20.41 19.91
CA VAL B 625 -50.50 -18.99 20.21
C VAL B 625 -49.09 -18.41 20.35
N ASP B 626 -48.81 -17.35 19.59
CA ASP B 626 -47.52 -16.67 19.47
C ASP B 626 -46.51 -17.46 18.65
N SER B 627 -46.94 -18.57 18.03
CA SER B 627 -46.05 -19.50 17.33
C SER B 627 -44.86 -19.90 18.20
N ASN B 628 -45.09 -20.08 19.51
CA ASN B 628 -44.04 -20.49 20.46
C ASN B 628 -43.76 -21.99 20.40
N GLY B 629 -44.34 -22.71 19.45
CA GLY B 629 -44.07 -24.14 19.27
C GLY B 629 -43.48 -24.43 17.91
N TYR B 630 -42.54 -25.39 17.88
CA TYR B 630 -41.82 -25.74 16.66
C TYR B 630 -42.70 -26.67 15.81
N TYR B 631 -43.77 -26.10 15.27
CA TYR B 631 -44.66 -26.79 14.33
C TYR B 631 -45.42 -25.74 13.54
N ILE B 632 -45.91 -26.15 12.39
CA ILE B 632 -46.81 -25.33 11.59
C ILE B 632 -48.22 -25.87 11.71
N VAL B 633 -49.19 -24.96 11.80
CA VAL B 633 -50.57 -25.33 12.03
C VAL B 633 -51.29 -25.33 10.69
N HIS B 634 -52.07 -26.40 10.46
CA HIS B 634 -52.80 -26.64 9.22
C HIS B 634 -54.24 -26.98 9.55
N TYR B 635 -55.17 -26.12 9.15
CA TYR B 635 -56.58 -26.38 9.38
C TYR B 635 -57.19 -26.88 8.07
N GLU B 636 -57.70 -28.12 8.07
CA GLU B 636 -58.50 -28.64 6.97
C GLU B 636 -59.95 -28.24 7.11
N GLY B 637 -60.31 -27.59 8.21
CA GLY B 637 -61.69 -27.35 8.59
C GLY B 637 -62.31 -26.09 8.02
N HIS B 638 -61.76 -24.92 8.34
CA HIS B 638 -61.68 -23.75 7.44
C HIS B 638 -61.45 -22.53 8.33
N GLY B 639 -61.75 -21.35 7.78
CA GLY B 639 -62.28 -20.28 8.61
C GLY B 639 -61.28 -19.21 8.91
N TRP B 640 -60.10 -19.34 8.35
CA TRP B 640 -59.04 -18.35 8.39
C TRP B 640 -59.54 -16.96 7.97
N ASP B 641 -60.54 -16.93 7.09
CA ASP B 641 -61.19 -15.72 6.64
C ASP B 641 -62.27 -15.28 7.63
N LEU B 647 -60.58 -11.85 11.18
CA LEU B 647 -59.69 -11.78 10.00
C LEU B 647 -60.17 -10.71 9.02
N ASN B 648 -59.29 -9.75 8.73
CA ASN B 648 -59.48 -8.57 7.87
C ASN B 648 -60.39 -7.50 8.46
N GLN B 649 -61.15 -7.82 9.51
CA GLN B 649 -62.11 -6.85 9.98
C GLN B 649 -61.69 -6.19 11.29
N ASN B 650 -61.83 -6.96 12.38
CA ASN B 650 -61.30 -6.59 13.69
C ASN B 650 -60.16 -7.58 13.88
N HIS B 651 -59.02 -7.25 13.27
CA HIS B 651 -57.86 -8.10 13.42
C HIS B 651 -57.29 -8.07 14.84
N THR B 652 -57.66 -7.04 15.62
CA THR B 652 -57.13 -6.84 16.96
C THR B 652 -57.46 -8.00 17.89
N LEU B 653 -58.51 -8.76 17.57
CA LEU B 653 -58.82 -9.96 18.35
C LEU B 653 -57.62 -10.88 18.41
N LEU B 654 -57.02 -11.17 17.26
CA LEU B 654 -55.80 -11.97 17.23
C LEU B 654 -54.62 -11.20 17.79
N ARG B 655 -53.81 -11.88 18.60
CA ARG B 655 -52.63 -11.25 19.17
C ARG B 655 -51.66 -10.82 18.06
N PRO B 656 -50.80 -9.84 18.35
CA PRO B 656 -49.81 -9.44 17.33
C PRO B 656 -48.91 -10.58 16.87
N LYS B 657 -48.38 -11.38 17.81
CA LYS B 657 -47.52 -12.50 17.43
C LYS B 657 -48.24 -13.51 16.55
N ASP B 658 -49.54 -13.73 16.81
CA ASP B 658 -50.28 -14.68 15.97
C ASP B 658 -50.54 -14.13 14.59
N ARG B 659 -50.68 -12.82 14.46
CA ARG B 659 -50.76 -12.20 13.15
C ARG B 659 -49.54 -12.57 12.30
N VAL B 660 -48.35 -12.20 12.79
CA VAL B 660 -47.14 -12.58 12.07
C VAL B 660 -47.01 -14.10 12.03
N GLY B 661 -47.32 -14.78 13.14
CA GLY B 661 -47.23 -16.23 13.16
C GLY B 661 -48.11 -16.87 12.10
N LEU B 662 -49.35 -16.38 11.99
CA LEU B 662 -50.25 -16.87 10.96
C LEU B 662 -49.90 -16.28 9.59
N ILE B 663 -49.45 -15.03 9.53
CA ILE B 663 -49.01 -14.48 8.24
C ILE B 663 -47.88 -15.33 7.66
N HIS B 664 -47.01 -15.86 8.53
CA HIS B 664 -45.93 -16.75 8.10
C HIS B 664 -46.43 -18.15 7.81
N ASP B 665 -47.44 -18.62 8.54
CA ASP B 665 -47.83 -20.02 8.42
C ASP B 665 -48.58 -20.27 7.12
N VAL B 666 -49.33 -19.30 6.62
CA VAL B 666 -50.10 -19.52 5.39
C VAL B 666 -49.18 -19.67 4.19
N PHE B 667 -48.16 -18.81 4.08
CA PHE B 667 -47.29 -18.83 2.91
C PHE B 667 -46.44 -20.10 2.86
N GLN B 668 -45.95 -20.53 4.01
CA GLN B 668 -45.18 -21.77 4.08
C GLN B 668 -46.06 -22.96 3.70
N LEU B 669 -47.31 -22.97 4.18
CA LEU B 669 -48.27 -23.97 3.73
C LEU B 669 -48.53 -23.82 2.23
N VAL B 670 -48.57 -22.58 1.75
CA VAL B 670 -48.77 -22.33 0.32
C VAL B 670 -47.66 -22.96 -0.50
N GLY B 671 -46.43 -22.89 0.00
CA GLY B 671 -45.29 -23.54 -0.64
C GLY B 671 -45.51 -25.03 -0.83
N ALA B 672 -45.83 -25.74 0.26
CA ALA B 672 -46.15 -27.17 0.17
C ALA B 672 -47.47 -27.38 -0.56
N GLY B 673 -47.78 -28.65 -0.85
CA GLY B 673 -49.07 -28.98 -1.39
C GLY B 673 -50.10 -29.04 -0.28
N ARG B 674 -50.44 -27.88 0.29
CA ARG B 674 -51.55 -27.75 1.23
C ARG B 674 -52.59 -26.75 0.76
N LEU B 675 -52.17 -25.52 0.42
CA LEU B 675 -53.08 -24.49 -0.06
C LEU B 675 -52.48 -23.90 -1.32
N THR B 676 -53.10 -22.84 -1.84
CA THR B 676 -52.67 -22.21 -3.08
C THR B 676 -52.45 -20.72 -2.83
N LEU B 677 -51.73 -20.07 -3.75
CA LEU B 677 -51.42 -18.66 -3.58
C LEU B 677 -52.65 -17.77 -3.70
N ASP B 678 -53.79 -18.29 -4.18
CA ASP B 678 -54.99 -17.47 -4.27
C ASP B 678 -55.52 -17.02 -2.91
N LYS B 679 -54.97 -17.53 -1.81
CA LYS B 679 -55.20 -16.91 -0.52
C LYS B 679 -54.83 -15.42 -0.55
N ALA B 680 -53.55 -15.09 -0.81
CA ALA B 680 -53.11 -13.69 -0.80
C ALA B 680 -52.30 -13.27 -2.02
N MET B 683 -55.20 -12.12 0.62
CA MET B 683 -55.11 -12.23 2.08
C MET B 683 -54.06 -11.31 2.60
N THR B 684 -53.75 -10.27 1.82
CA THR B 684 -52.62 -9.39 2.08
C THR B 684 -53.01 -7.92 1.93
N TYR B 685 -54.22 -7.54 2.38
CA TYR B 685 -54.78 -6.21 2.13
C TYR B 685 -54.75 -5.28 3.33
N TYR B 686 -54.57 -5.80 4.55
CA TYR B 686 -54.93 -5.13 5.79
C TYR B 686 -53.74 -4.52 6.51
N LEU B 687 -52.63 -4.32 5.80
CA LEU B 687 -51.44 -3.80 6.47
C LEU B 687 -51.59 -2.31 6.80
N GLN B 688 -52.29 -1.54 5.95
CA GLN B 688 -52.66 -0.18 6.33
C GLN B 688 -53.46 -0.18 7.63
N HIS B 689 -54.32 -1.18 7.81
CA HIS B 689 -54.94 -1.40 9.10
C HIS B 689 -53.94 -1.96 10.11
N GLU B 690 -52.88 -2.66 9.65
CA GLU B 690 -51.94 -3.31 10.58
C GLU B 690 -51.10 -2.27 11.32
N THR B 691 -51.07 -2.38 12.65
CA THR B 691 -50.34 -1.49 13.54
C THR B 691 -48.97 -2.03 13.91
N SER B 692 -48.92 -3.32 14.25
CA SER B 692 -47.69 -4.00 14.59
C SER B 692 -46.75 -3.89 13.40
N SER B 693 -45.72 -3.04 13.53
CA SER B 693 -44.67 -2.94 12.52
C SER B 693 -44.06 -4.30 12.16
N PRO B 694 -43.74 -5.18 13.12
CA PRO B 694 -43.30 -6.55 12.74
C PRO B 694 -44.29 -7.30 11.85
N ALA B 695 -45.55 -7.39 12.27
CA ALA B 695 -46.60 -7.95 11.40
C ALA B 695 -46.59 -7.31 10.02
N LEU B 696 -46.44 -5.97 9.94
CA LEU B 696 -46.49 -5.26 8.66
C LEU B 696 -45.23 -5.51 7.81
N LEU B 697 -44.05 -5.38 8.41
CA LEU B 697 -42.83 -5.63 7.65
C LEU B 697 -42.76 -7.07 7.16
N GLU B 698 -43.23 -8.01 7.98
CA GLU B 698 -43.24 -9.42 7.60
C GLU B 698 -44.00 -9.62 6.29
N GLY B 699 -45.27 -9.22 6.28
CA GLY B 699 -46.06 -9.36 5.08
C GLY B 699 -45.49 -8.54 3.92
N LEU B 700 -45.00 -7.34 4.23
CA LEU B 700 -44.28 -6.59 3.21
C LEU B 700 -43.09 -7.38 2.70
N SER B 701 -42.36 -8.00 3.62
CA SER B 701 -41.15 -8.73 3.26
C SER B 701 -41.45 -9.84 2.26
N TYR B 702 -42.56 -10.56 2.44
CA TYR B 702 -42.92 -11.63 1.52
C TYR B 702 -43.11 -11.11 0.12
N LEU B 703 -43.76 -9.96 0.00
CA LEU B 703 -44.09 -9.37 -1.30
C LEU B 703 -42.83 -9.14 -2.13
N GLU B 704 -41.79 -8.58 -1.50
CA GLU B 704 -40.53 -8.35 -2.18
C GLU B 704 -39.95 -9.64 -2.75
N SER B 705 -40.11 -10.77 -2.04
CA SER B 705 -39.55 -12.02 -2.51
C SER B 705 -40.08 -12.36 -3.89
N PHE B 706 -41.35 -12.07 -4.15
CA PHE B 706 -41.95 -12.37 -5.44
C PHE B 706 -41.44 -11.43 -6.52
N TYR B 707 -41.47 -10.12 -6.26
CA TYR B 707 -40.86 -9.16 -7.19
C TYR B 707 -39.43 -9.57 -7.47
N HIS B 708 -38.64 -9.76 -6.43
CA HIS B 708 -37.23 -10.01 -6.63
C HIS B 708 -37.01 -11.39 -7.24
N MET B 709 -37.92 -12.33 -6.99
CA MET B 709 -37.99 -13.52 -7.83
C MET B 709 -38.28 -13.13 -9.27
N MET B 710 -39.28 -12.26 -9.47
CA MET B 710 -39.80 -11.98 -10.80
C MET B 710 -38.86 -11.08 -11.63
N ASP B 711 -38.47 -9.92 -11.09
CA ASP B 711 -37.54 -9.03 -11.80
C ASP B 711 -36.26 -9.76 -12.20
N ARG B 712 -35.82 -10.74 -11.39
CA ARG B 712 -34.67 -11.59 -11.70
C ARG B 712 -34.89 -12.45 -12.94
N ARG B 713 -36.14 -12.70 -13.31
CA ARG B 713 -36.44 -13.50 -14.48
C ARG B 713 -36.96 -12.65 -15.65
N ASN B 714 -36.62 -11.34 -15.68
CA ASN B 714 -37.07 -10.36 -16.70
C ASN B 714 -38.61 -10.28 -16.86
N ILE B 715 -39.38 -10.77 -15.89
CA ILE B 715 -40.84 -10.95 -16.03
C ILE B 715 -41.52 -9.69 -15.51
N SER B 716 -41.64 -8.67 -16.38
CA SER B 716 -42.36 -7.43 -16.03
C SER B 716 -43.88 -7.62 -15.97
N ASP B 717 -44.38 -8.78 -16.44
CA ASP B 717 -45.80 -9.08 -16.32
C ASP B 717 -46.23 -9.05 -14.86
N ILE B 718 -45.57 -9.84 -14.02
CA ILE B 718 -45.88 -9.82 -12.59
C ILE B 718 -45.06 -8.79 -11.83
N SER B 719 -43.90 -8.36 -12.36
CA SER B 719 -43.08 -7.40 -11.64
C SER B 719 -43.79 -6.05 -11.56
N GLU B 720 -44.05 -5.44 -12.71
CA GLU B 720 -44.72 -4.14 -12.68
C GLU B 720 -46.15 -4.25 -12.22
N ASN B 721 -46.72 -5.46 -12.23
CA ASN B 721 -48.02 -5.66 -11.61
C ASN B 721 -47.98 -5.22 -10.15
N LEU B 722 -46.87 -5.47 -9.44
CA LEU B 722 -46.97 -4.97 -8.08
C LEU B 722 -46.51 -3.52 -8.01
N LYS B 723 -45.24 -3.29 -7.67
CA LYS B 723 -44.41 -2.08 -7.81
C LYS B 723 -45.11 -0.74 -7.51
N ARG B 724 -46.39 -0.66 -7.91
CA ARG B 724 -47.26 0.51 -7.84
C ARG B 724 -48.52 0.17 -7.08
N TYR B 725 -48.91 -1.09 -7.10
CA TYR B 725 -49.75 -1.57 -6.03
C TYR B 725 -49.08 -1.24 -4.72
N LEU B 726 -47.78 -1.52 -4.64
CA LEU B 726 -47.09 -1.31 -3.39
C LEU B 726 -46.86 0.18 -3.14
N LEU B 727 -46.90 1.02 -4.18
CA LEU B 727 -46.74 2.45 -3.96
C LEU B 727 -48.04 3.12 -3.50
N GLN B 728 -49.13 3.05 -4.29
CA GLN B 728 -50.38 3.72 -3.88
C GLN B 728 -50.90 3.08 -2.61
N TYR B 729 -51.15 1.76 -2.62
CA TYR B 729 -51.39 1.12 -1.35
C TYR B 729 -50.10 1.11 -0.56
N PHE B 730 -50.14 1.66 0.66
CA PHE B 730 -49.01 1.97 1.54
C PHE B 730 -48.32 3.27 1.18
N LYS B 731 -48.83 4.06 0.23
CA LYS B 731 -48.32 5.42 0.08
C LYS B 731 -48.54 6.30 1.31
N PRO B 732 -49.58 6.09 2.17
CA PRO B 732 -49.65 6.93 3.38
C PRO B 732 -48.47 6.72 4.31
N VAL B 733 -48.21 5.46 4.69
CA VAL B 733 -47.07 5.15 5.54
C VAL B 733 -45.78 5.60 4.86
N ILE B 734 -45.65 5.35 3.56
CA ILE B 734 -44.45 5.80 2.83
C ILE B 734 -44.35 7.32 2.87
N ASP B 735 -45.49 8.01 2.68
CA ASP B 735 -45.46 9.47 2.73
C ASP B 735 -45.23 9.98 4.15
N ARG B 736 -45.69 9.23 5.17
CA ARG B 736 -45.53 9.67 6.55
C ARG B 736 -44.06 9.79 6.97
N GLN B 737 -43.19 8.95 6.40
CA GLN B 737 -41.86 8.75 6.95
C GLN B 737 -40.95 9.96 6.78
N SER B 738 -40.30 10.31 7.90
CA SER B 738 -39.42 11.47 8.00
C SER B 738 -37.99 11.04 7.79
N TRP B 739 -37.22 11.91 7.16
CA TRP B 739 -35.83 11.59 6.79
C TRP B 739 -34.88 12.16 7.84
N SER B 740 -34.89 11.48 8.97
CA SER B 740 -34.11 11.83 10.15
C SER B 740 -34.04 10.59 11.04
N ASP B 741 -33.16 10.65 12.02
CA ASP B 741 -33.09 9.59 13.03
C ASP B 741 -33.86 9.98 14.27
N LYS B 742 -34.99 10.69 14.07
CA LYS B 742 -35.66 11.36 15.17
C LYS B 742 -36.46 10.39 16.04
N GLY B 743 -37.19 9.47 15.43
CA GLY B 743 -38.24 8.75 16.11
C GLY B 743 -37.72 7.83 17.21
N SER B 744 -38.63 6.99 17.70
CA SER B 744 -38.32 5.91 18.61
C SER B 744 -37.76 4.70 17.84
N VAL B 745 -37.21 3.75 18.59
CA VAL B 745 -36.41 2.66 18.01
C VAL B 745 -37.22 1.82 17.04
N TRP B 746 -38.46 1.48 17.39
CA TRP B 746 -39.33 0.79 16.44
C TRP B 746 -39.52 1.63 15.19
N ASP B 747 -39.81 2.92 15.38
CA ASP B 747 -40.07 3.80 14.25
C ASP B 747 -38.80 4.04 13.44
N ARG B 748 -37.67 4.22 14.12
CA ARG B 748 -36.40 4.46 13.44
C ARG B 748 -36.11 3.34 12.45
N MET B 749 -36.30 2.08 12.87
CA MET B 749 -36.05 0.96 11.97
C MET B 749 -37.09 0.89 10.86
N LEU B 750 -38.36 1.15 11.17
CA LEU B 750 -39.40 1.06 10.15
C LEU B 750 -39.18 2.05 9.03
N ARG B 751 -38.79 3.29 9.36
CA ARG B 751 -38.61 4.33 8.34
C ARG B 751 -37.56 3.91 7.31
N SER B 752 -36.55 3.16 7.74
CA SER B 752 -35.57 2.65 6.80
C SER B 752 -36.16 1.52 5.96
N ALA B 753 -36.81 0.57 6.63
CA ALA B 753 -37.43 -0.57 5.94
C ALA B 753 -38.26 -0.11 4.76
N LEU B 754 -39.10 0.90 4.98
CA LEU B 754 -39.91 1.44 3.90
C LEU B 754 -39.03 2.05 2.82
N LEU B 755 -38.19 3.03 3.20
CA LEU B 755 -37.43 3.80 2.21
C LEU B 755 -36.49 2.91 1.42
N LYS B 756 -36.14 1.73 1.94
CA LYS B 756 -35.58 0.67 1.12
C LYS B 756 -36.50 0.38 -0.06
N LEU B 757 -37.78 0.14 0.22
CA LEU B 757 -38.72 -0.15 -0.86
C LEU B 757 -38.85 1.04 -1.81
N ALA B 758 -38.95 2.25 -1.26
CA ALA B 758 -39.17 3.43 -2.10
C ALA B 758 -38.02 3.63 -3.09
N CYS B 759 -36.79 3.65 -2.58
CA CYS B 759 -35.63 3.75 -3.47
C CYS B 759 -35.55 2.56 -4.41
N ASP B 760 -35.81 1.34 -3.91
CA ASP B 760 -35.62 0.13 -4.71
C ASP B 760 -36.66 0.02 -5.81
N LEU B 761 -37.79 0.69 -5.66
CA LEU B 761 -38.85 0.68 -6.64
C LEU B 761 -38.76 1.86 -7.59
N ASN B 762 -37.71 2.67 -7.50
CA ASN B 762 -37.54 3.85 -8.35
C ASN B 762 -38.64 4.88 -8.11
N HIS B 763 -39.14 4.94 -6.87
CA HIS B 763 -40.07 5.98 -6.49
C HIS B 763 -39.42 7.34 -6.71
N ALA B 764 -40.03 8.15 -7.56
CA ALA B 764 -39.51 9.49 -7.84
C ALA B 764 -39.22 10.31 -6.60
N PRO B 765 -40.10 10.39 -5.60
CA PRO B 765 -39.81 11.29 -4.46
C PRO B 765 -38.59 10.87 -3.65
N CYS B 766 -38.49 9.60 -3.23
CA CYS B 766 -37.32 9.15 -2.47
C CYS B 766 -36.02 9.40 -3.22
N ILE B 767 -35.99 8.97 -4.47
CA ILE B 767 -34.82 9.20 -5.29
C ILE B 767 -34.58 10.71 -5.45
N GLN B 768 -35.64 11.49 -5.67
CA GLN B 768 -35.48 12.92 -5.85
C GLN B 768 -34.99 13.61 -4.59
N LYS B 769 -35.46 13.16 -3.41
CA LYS B 769 -34.97 13.66 -2.12
C LYS B 769 -33.57 13.15 -1.82
N ALA B 770 -33.33 11.86 -2.07
CA ALA B 770 -32.02 11.27 -1.71
C ALA B 770 -30.90 11.84 -2.56
N ALA B 771 -31.12 12.00 -3.87
CA ALA B 771 -30.04 12.44 -4.76
C ALA B 771 -29.57 13.84 -4.41
N GLU B 772 -30.50 14.75 -4.11
CA GLU B 772 -30.11 16.06 -3.58
C GLU B 772 -29.48 15.94 -2.20
N LEU B 773 -29.96 15.01 -1.37
CA LEU B 773 -29.45 14.85 -0.02
C LEU B 773 -28.03 14.28 -0.02
N PHE B 774 -27.78 13.33 -0.94
CA PHE B 774 -26.42 12.85 -1.19
C PHE B 774 -25.56 13.97 -1.77
N SER B 775 -26.04 14.60 -2.85
CA SER B 775 -25.24 15.58 -3.57
C SER B 775 -24.95 16.81 -2.72
N GLN B 776 -25.85 17.19 -1.81
CA GLN B 776 -25.55 18.28 -0.88
C GLN B 776 -24.36 17.91 0.02
N TRP B 777 -24.43 16.75 0.67
CA TRP B 777 -23.34 16.29 1.53
C TRP B 777 -22.04 16.12 0.75
N MET B 778 -22.12 15.55 -0.47
CA MET B 778 -20.95 15.29 -1.30
C MET B 778 -20.13 16.57 -1.53
N GLU B 779 -20.82 17.66 -1.87
CA GLU B 779 -20.20 18.96 -2.06
C GLU B 779 -19.87 19.66 -0.74
N SER B 780 -20.58 19.35 0.33
CA SER B 780 -20.23 19.86 1.65
C SER B 780 -18.99 19.19 2.22
N SER B 781 -18.56 18.06 1.65
CA SER B 781 -17.32 17.37 2.01
C SER B 781 -17.33 16.93 3.48
N GLY B 782 -18.38 16.22 3.86
CA GLY B 782 -18.50 15.65 5.19
C GLY B 782 -19.06 16.58 6.24
N LYS B 783 -19.02 17.89 6.00
CA LYS B 783 -19.45 18.87 7.02
C LYS B 783 -20.95 18.77 7.29
N LEU B 784 -21.74 18.50 6.26
CA LEU B 784 -23.16 18.20 6.44
C LEU B 784 -23.34 16.75 6.90
N ASN B 785 -24.38 16.51 7.69
CA ASN B 785 -24.63 15.20 8.28
C ASN B 785 -25.89 14.57 7.71
N ILE B 786 -25.76 13.36 7.19
CA ILE B 786 -26.89 12.55 6.73
C ILE B 786 -27.36 11.66 7.89
N PRO B 787 -28.66 11.42 8.05
CA PRO B 787 -29.12 10.69 9.24
C PRO B 787 -28.72 9.22 9.18
N THR B 788 -28.40 8.67 10.36
CA THR B 788 -27.84 7.34 10.45
C THR B 788 -28.77 6.33 9.79
N ASP B 789 -30.06 6.41 10.09
CA ASP B 789 -31.03 5.44 9.61
C ASP B 789 -31.17 5.44 8.09
N VAL B 790 -30.73 6.50 7.42
CA VAL B 790 -30.99 6.63 6.00
C VAL B 790 -29.71 6.54 5.17
N LEU B 791 -28.58 6.23 5.83
CA LEU B 791 -27.28 6.33 5.19
C LEU B 791 -27.11 5.32 4.05
N LYS B 792 -27.67 4.12 4.19
CA LYS B 792 -27.59 3.14 3.12
C LYS B 792 -28.30 3.63 1.88
N ILE B 793 -29.50 4.20 2.05
CA ILE B 793 -30.31 4.63 0.91
C ILE B 793 -29.56 5.72 0.14
N VAL B 794 -28.94 6.64 0.86
CA VAL B 794 -28.24 7.74 0.21
C VAL B 794 -27.02 7.23 -0.53
N TYR B 795 -26.08 6.58 0.18
CA TYR B 795 -24.90 6.00 -0.47
C TYR B 795 -25.30 5.02 -1.56
N SER B 796 -26.48 4.40 -1.44
CA SER B 796 -26.94 3.50 -2.49
C SER B 796 -27.35 4.29 -3.74
N VAL B 797 -27.82 5.54 -3.57
CA VAL B 797 -28.19 6.36 -4.71
C VAL B 797 -26.94 6.92 -5.41
N GLY B 798 -26.04 7.56 -4.64
CA GLY B 798 -24.89 8.26 -5.21
C GLY B 798 -24.02 7.40 -6.12
N ALA B 799 -24.00 6.07 -5.90
CA ALA B 799 -23.23 5.12 -6.70
C ALA B 799 -23.87 4.82 -8.07
N GLN B 800 -25.06 5.35 -8.36
CA GLN B 800 -25.61 5.20 -9.71
C GLN B 800 -24.93 6.15 -10.70
N THR B 801 -24.45 7.29 -10.22
CA THR B 801 -23.63 8.17 -11.03
C THR B 801 -22.18 7.71 -10.91
N THR B 802 -21.51 7.49 -12.04
CA THR B 802 -20.14 7.01 -11.99
C THR B 802 -19.23 8.01 -11.26
N ALA B 803 -19.63 9.29 -11.22
CA ALA B 803 -18.83 10.28 -10.51
C ALA B 803 -18.92 10.12 -9.00
N GLY B 804 -20.13 9.93 -8.48
CA GLY B 804 -20.28 9.74 -7.04
C GLY B 804 -19.76 8.40 -6.56
N TRP B 805 -19.96 7.34 -7.36
CA TRP B 805 -19.44 6.00 -7.04
C TRP B 805 -17.97 6.05 -6.67
N ASN B 806 -17.13 6.63 -7.55
CA ASN B 806 -15.71 6.77 -7.24
C ASN B 806 -15.51 7.59 -5.96
N TYR B 807 -16.30 8.66 -5.76
CA TYR B 807 -16.15 9.44 -4.54
C TYR B 807 -16.52 8.62 -3.31
N LEU B 808 -17.35 7.58 -3.49
CA LEU B 808 -17.63 6.65 -2.39
C LEU B 808 -16.44 5.73 -2.12
N LEU B 809 -15.92 5.07 -3.16
CA LEU B 809 -14.73 4.22 -3.01
C LEU B 809 -13.53 4.98 -2.47
N GLU B 810 -13.35 6.23 -2.88
CA GLU B 810 -12.34 7.06 -2.25
C GLU B 810 -12.65 7.25 -0.76
N GLN B 811 -13.91 7.53 -0.43
CA GLN B 811 -14.25 7.79 0.97
C GLN B 811 -14.14 6.53 1.82
N TYR B 812 -14.51 5.37 1.25
CA TYR B 812 -14.35 4.07 1.93
C TYR B 812 -12.96 3.90 2.51
N GLU B 813 -11.94 4.11 1.68
CA GLU B 813 -10.56 3.98 2.13
C GLU B 813 -10.26 4.90 3.31
N LEU B 814 -10.82 6.11 3.29
CA LEU B 814 -10.44 7.10 4.29
C LEU B 814 -11.32 7.10 5.52
N SER B 815 -12.46 6.42 5.49
CA SER B 815 -13.38 6.42 6.63
C SER B 815 -12.78 5.66 7.80
N MET B 816 -12.96 6.21 8.99
CA MET B 816 -12.57 5.52 10.21
C MET B 816 -13.76 4.86 10.90
N SER B 817 -14.79 4.50 10.13
CA SER B 817 -15.97 3.84 10.69
C SER B 817 -16.21 2.54 9.96
N SER B 818 -15.94 1.43 10.64
CA SER B 818 -16.26 0.14 10.04
C SER B 818 -17.74 0.04 9.72
N ALA B 819 -18.59 0.60 10.58
CA ALA B 819 -20.03 0.59 10.31
C ALA B 819 -20.36 1.35 9.04
N GLU B 820 -19.79 2.55 8.88
CA GLU B 820 -19.98 3.30 7.65
C GLU B 820 -19.35 2.60 6.45
N GLN B 821 -18.15 2.05 6.62
CA GLN B 821 -17.50 1.28 5.56
C GLN B 821 -18.40 0.19 5.04
N ASN B 822 -19.14 -0.48 5.94
CA ASN B 822 -19.93 -1.62 5.52
C ASN B 822 -21.05 -1.19 4.59
N LYS B 823 -21.69 -0.06 4.91
CA LYS B 823 -22.78 0.43 4.06
C LYS B 823 -22.26 0.87 2.70
N ILE B 824 -21.12 1.58 2.68
CA ILE B 824 -20.52 2.03 1.43
C ILE B 824 -20.23 0.84 0.51
N LEU B 825 -19.53 -0.18 1.01
CA LEU B 825 -19.30 -1.34 0.16
C LEU B 825 -20.60 -2.03 -0.25
N TYR B 826 -21.63 -2.01 0.61
CA TYR B 826 -22.96 -2.34 0.10
C TYR B 826 -23.37 -1.37 -0.99
N ALA B 827 -23.21 -0.07 -0.71
CA ALA B 827 -23.65 0.97 -1.63
C ALA B 827 -23.03 0.79 -3.01
N LEU B 828 -21.75 0.41 -3.06
CA LEU B 828 -21.09 0.15 -4.32
C LEU B 828 -21.63 -1.12 -4.99
N SER B 829 -22.03 -2.12 -4.20
CA SER B 829 -22.62 -3.32 -4.78
C SER B 829 -23.94 -3.03 -5.50
N THR B 830 -24.61 -1.93 -5.13
CA THR B 830 -25.71 -1.37 -5.92
C THR B 830 -25.08 -0.56 -7.06
N SER B 831 -24.91 -1.21 -8.21
CA SER B 831 -24.36 -0.49 -9.35
C SER B 831 -24.74 -1.23 -10.63
N LYS B 832 -25.20 -0.46 -11.62
CA LYS B 832 -25.67 -1.02 -12.89
C LYS B 832 -24.50 -1.49 -13.75
N HIS B 833 -23.37 -0.77 -13.68
CA HIS B 833 -22.15 -1.08 -14.42
C HIS B 833 -21.58 -2.45 -14.04
N GLN B 834 -21.50 -3.36 -15.02
CA GLN B 834 -20.81 -4.64 -14.75
C GLN B 834 -19.35 -4.41 -14.42
N GLU B 835 -18.71 -3.49 -15.12
CA GLU B 835 -17.27 -3.31 -14.94
C GLU B 835 -16.94 -2.81 -13.53
N LYS B 836 -17.75 -1.93 -12.96
CA LYS B 836 -17.48 -1.46 -11.59
C LYS B 836 -17.69 -2.56 -10.56
N LEU B 837 -18.56 -3.53 -10.87
CA LEU B 837 -18.80 -4.67 -9.97
C LEU B 837 -17.58 -5.57 -9.88
N LEU B 838 -16.91 -5.77 -11.00
CA LEU B 838 -15.74 -6.65 -11.00
C LEU B 838 -14.64 -6.04 -10.15
N LYS B 839 -14.36 -4.74 -10.33
CA LYS B 839 -13.28 -4.06 -9.61
C LYS B 839 -13.45 -4.21 -8.09
N LEU B 840 -14.68 -4.12 -7.59
CA LEU B 840 -14.98 -4.47 -6.20
C LEU B 840 -14.42 -5.84 -5.87
N ILE B 841 -14.87 -6.86 -6.58
CA ILE B 841 -14.43 -8.23 -6.32
C ILE B 841 -12.92 -8.34 -6.52
N GLU B 842 -12.38 -7.64 -7.52
CA GLU B 842 -10.93 -7.67 -7.74
C GLU B 842 -10.18 -7.16 -6.51
N LEU B 843 -10.60 -6.01 -5.96
CA LEU B 843 -9.93 -5.48 -4.77
C LEU B 843 -10.13 -6.39 -3.55
N GLY B 844 -11.31 -6.99 -3.41
CA GLY B 844 -11.57 -7.87 -2.29
C GLY B 844 -10.74 -9.14 -2.34
N MET B 845 -10.63 -9.73 -3.54
CA MET B 845 -9.68 -10.81 -3.76
C MET B 845 -8.27 -10.43 -3.36
N GLU B 846 -7.83 -9.20 -3.66
CA GLU B 846 -6.51 -8.74 -3.24
C GLU B 846 -6.45 -8.57 -1.74
N GLY B 847 -7.55 -8.16 -1.13
CA GLY B 847 -7.56 -7.90 0.30
C GLY B 847 -6.86 -6.63 0.77
N LYS B 848 -6.21 -5.87 -0.09
CA LYS B 848 -5.51 -4.69 0.43
C LYS B 848 -6.47 -3.52 0.66
N VAL B 849 -7.27 -3.13 -0.34
CA VAL B 849 -8.12 -1.95 -0.17
C VAL B 849 -9.39 -2.32 0.59
N ILE B 850 -10.02 -3.43 0.21
CA ILE B 850 -11.22 -3.98 0.86
C ILE B 850 -10.82 -5.28 1.55
N LYS B 851 -11.11 -5.40 2.84
CA LYS B 851 -10.55 -6.54 3.55
C LYS B 851 -11.16 -7.84 3.06
N THR B 852 -10.33 -8.89 3.00
CA THR B 852 -10.83 -10.17 2.51
C THR B 852 -11.93 -10.76 3.39
N GLN B 853 -12.06 -10.33 4.65
CA GLN B 853 -13.21 -10.80 5.43
C GLN B 853 -14.53 -10.42 4.76
N ASN B 854 -14.58 -9.28 4.11
CA ASN B 854 -15.81 -8.79 3.51
C ASN B 854 -16.13 -9.45 2.19
N LEU B 855 -15.28 -10.34 1.67
CA LEU B 855 -15.47 -10.82 0.30
C LEU B 855 -16.73 -11.65 0.15
N ALA B 856 -17.04 -12.51 1.13
CA ALA B 856 -18.29 -13.24 1.05
C ALA B 856 -19.48 -12.29 1.11
N ALA B 857 -19.44 -11.31 2.01
CA ALA B 857 -20.56 -10.37 2.07
C ALA B 857 -20.64 -9.51 0.81
N LEU B 858 -19.50 -9.27 0.16
CA LEU B 858 -19.53 -8.52 -1.09
C LEU B 858 -20.10 -9.35 -2.23
N LEU B 859 -19.59 -10.57 -2.42
CA LEU B 859 -20.16 -11.48 -3.42
C LEU B 859 -21.65 -11.60 -3.21
N HIS B 860 -22.05 -11.87 -1.97
CA HIS B 860 -23.45 -12.10 -1.65
C HIS B 860 -24.33 -10.93 -2.03
N ALA B 861 -23.81 -9.71 -1.89
CA ALA B 861 -24.61 -8.55 -2.22
C ALA B 861 -24.71 -8.37 -3.74
N ILE B 862 -23.64 -8.70 -4.45
CA ILE B 862 -23.61 -8.60 -5.90
C ILE B 862 -24.50 -9.65 -6.53
N ALA B 863 -24.26 -10.92 -6.20
CA ALA B 863 -25.04 -12.04 -6.73
C ALA B 863 -26.53 -11.92 -6.40
N ARG B 864 -26.86 -11.21 -5.33
CA ARG B 864 -28.24 -10.91 -4.95
C ARG B 864 -28.62 -9.57 -5.59
N ARG B 865 -28.55 -9.55 -6.91
CA ARG B 865 -29.06 -8.41 -7.67
C ARG B 865 -29.07 -8.86 -9.12
N PRO B 866 -30.20 -8.76 -9.82
CA PRO B 866 -30.22 -9.19 -11.22
C PRO B 866 -29.52 -8.19 -12.12
N LYS B 867 -28.23 -7.99 -11.92
CA LYS B 867 -27.38 -7.55 -13.01
C LYS B 867 -26.10 -8.37 -13.04
N GLY B 868 -25.51 -8.57 -11.86
CA GLY B 868 -24.28 -9.31 -11.71
C GLY B 868 -24.60 -10.67 -11.16
N GLN B 869 -25.87 -11.06 -11.27
CA GLN B 869 -26.33 -12.38 -10.87
C GLN B 869 -25.49 -13.47 -11.51
N GLN B 870 -25.29 -13.37 -12.82
CA GLN B 870 -24.49 -14.34 -13.56
C GLN B 870 -23.01 -14.10 -13.33
N LEU B 871 -22.61 -12.84 -13.19
CA LEU B 871 -21.20 -12.49 -13.03
C LEU B 871 -20.63 -13.15 -11.78
N ALA B 872 -21.27 -12.91 -10.63
CA ALA B 872 -20.85 -13.54 -9.37
C ALA B 872 -20.80 -15.05 -9.51
N TRP B 873 -21.85 -15.64 -10.08
CA TRP B 873 -21.89 -17.08 -10.32
C TRP B 873 -20.77 -17.51 -11.27
N ASP B 874 -20.57 -16.77 -12.35
CA ASP B 874 -19.45 -17.04 -13.25
C ASP B 874 -18.14 -17.03 -12.46
N PHE B 875 -17.93 -15.95 -11.70
CA PHE B 875 -16.67 -15.71 -10.99
C PHE B 875 -16.29 -16.87 -10.09
N VAL B 876 -17.26 -17.42 -9.37
CA VAL B 876 -17.00 -18.45 -8.37
C VAL B 876 -16.38 -19.68 -9.03
N ARG B 877 -16.94 -20.14 -10.15
CA ARG B 877 -16.32 -21.30 -10.80
C ARG B 877 -15.01 -20.91 -11.48
N GLU B 878 -14.88 -19.64 -11.88
CA GLU B 878 -13.66 -19.19 -12.55
C GLU B 878 -12.46 -19.24 -11.62
N ASN B 879 -12.64 -18.90 -10.35
CA ASN B 879 -11.55 -18.75 -9.39
C ASN B 879 -11.74 -19.59 -8.15
N TRP B 880 -12.45 -20.72 -8.25
CA TRP B 880 -12.77 -21.48 -7.04
C TRP B 880 -11.53 -21.96 -6.30
N THR B 881 -10.52 -22.45 -7.03
CA THR B 881 -9.30 -22.88 -6.36
C THR B 881 -8.65 -21.71 -5.62
N HIS B 882 -8.72 -20.50 -6.20
CA HIS B 882 -8.11 -19.34 -5.57
C HIS B 882 -8.92 -18.85 -4.37
N LEU B 883 -10.21 -19.23 -4.30
CA LEU B 883 -11.04 -18.96 -3.12
C LEU B 883 -10.71 -19.92 -2.01
N LEU B 884 -10.54 -21.20 -2.34
CA LEU B 884 -10.26 -22.20 -1.33
C LEU B 884 -8.87 -22.05 -0.73
N LYS B 885 -7.99 -21.27 -1.37
CA LYS B 885 -6.71 -20.98 -0.75
C LYS B 885 -6.85 -19.91 0.33
N LYS B 886 -7.88 -19.07 0.21
CA LYS B 886 -8.12 -18.04 1.21
C LYS B 886 -9.00 -18.53 2.38
N PHE B 887 -9.90 -19.49 2.15
CA PHE B 887 -10.85 -19.97 3.16
C PHE B 887 -10.86 -21.50 3.24
N ASP B 888 -11.08 -22.04 4.44
CA ASP B 888 -11.31 -23.47 4.54
C ASP B 888 -12.68 -23.84 3.98
N LEU B 889 -12.75 -25.05 3.42
CA LEU B 889 -13.99 -25.56 2.86
C LEU B 889 -15.15 -25.43 3.84
N GLY B 890 -14.99 -26.01 5.04
CA GLY B 890 -16.04 -25.89 6.04
C GLY B 890 -16.29 -24.49 6.58
N SER B 891 -15.57 -23.46 6.11
CA SER B 891 -15.79 -22.18 6.75
C SER B 891 -17.15 -21.61 6.37
N TYR B 892 -17.59 -20.66 7.17
CA TYR B 892 -18.81 -19.95 6.82
C TYR B 892 -18.58 -19.03 5.63
N ASP B 893 -17.37 -18.51 5.44
CA ASP B 893 -17.10 -17.67 4.27
C ASP B 893 -17.27 -18.43 2.96
N ILE B 894 -16.85 -19.71 2.93
CA ILE B 894 -17.13 -20.54 1.75
C ILE B 894 -18.60 -20.88 1.68
N ARG B 895 -19.14 -21.43 2.77
CA ARG B 895 -20.56 -21.79 2.85
C ARG B 895 -21.45 -20.66 2.32
N MET B 896 -21.11 -19.41 2.58
CA MET B 896 -21.97 -18.31 2.18
C MET B 896 -21.76 -17.92 0.73
N ILE B 897 -20.58 -18.19 0.17
CA ILE B 897 -20.32 -17.85 -1.22
C ILE B 897 -21.06 -18.82 -2.15
N ILE B 898 -21.13 -20.09 -1.77
CA ILE B 898 -21.92 -21.05 -2.54
C ILE B 898 -23.39 -20.63 -2.53
N SER B 899 -24.01 -20.56 -1.33
CA SER B 899 -25.44 -20.33 -1.28
C SER B 899 -25.80 -18.90 -1.66
N GLY B 900 -24.88 -17.96 -1.41
CA GLY B 900 -25.10 -16.61 -1.88
C GLY B 900 -25.11 -16.53 -3.39
N THR B 901 -24.50 -17.52 -4.05
CA THR B 901 -24.29 -17.53 -5.49
C THR B 901 -25.49 -18.13 -6.25
N THR B 902 -26.16 -19.08 -5.62
CA THR B 902 -27.04 -19.99 -6.30
C THR B 902 -28.40 -20.19 -5.65
N ALA B 903 -28.58 -19.81 -4.40
CA ALA B 903 -29.76 -20.24 -3.65
C ALA B 903 -31.03 -19.48 -4.04
N HIS B 904 -30.97 -18.67 -5.11
CA HIS B 904 -32.14 -18.06 -5.72
C HIS B 904 -32.53 -18.68 -7.07
N PHE B 905 -31.70 -19.56 -7.60
CA PHE B 905 -31.92 -20.18 -8.90
C PHE B 905 -33.16 -21.08 -8.88
N SER B 906 -34.17 -20.73 -9.70
CA SER B 906 -35.41 -21.52 -9.93
C SER B 906 -35.50 -22.17 -11.31
N SER B 907 -34.76 -21.67 -12.30
CA SER B 907 -34.75 -22.29 -13.62
C SER B 907 -34.21 -23.72 -13.50
N LYS B 908 -34.94 -24.70 -14.04
CA LYS B 908 -34.40 -26.06 -14.07
C LYS B 908 -33.20 -26.14 -14.98
N ASP B 909 -33.06 -25.18 -15.90
CA ASP B 909 -31.84 -25.01 -16.67
C ASP B 909 -30.65 -24.77 -15.75
N LYS B 910 -30.71 -23.73 -14.91
CA LYS B 910 -29.59 -23.45 -14.00
C LYS B 910 -29.35 -24.60 -13.02
N LEU B 911 -30.42 -25.20 -12.45
CA LEU B 911 -30.24 -26.27 -11.47
C LEU B 911 -29.37 -27.40 -12.02
N GLN B 912 -29.34 -27.59 -13.32
CA GLN B 912 -28.42 -28.56 -13.89
C GLN B 912 -26.96 -28.16 -13.65
N GLU B 913 -26.63 -26.87 -13.86
CA GLU B 913 -25.25 -26.42 -13.67
C GLU B 913 -24.82 -26.62 -12.23
N VAL B 914 -25.61 -26.09 -11.29
CA VAL B 914 -25.37 -26.26 -9.87
C VAL B 914 -25.20 -27.74 -9.51
N LYS B 915 -26.04 -28.61 -10.07
CA LYS B 915 -25.79 -30.04 -9.90
C LYS B 915 -24.47 -30.43 -10.56
N LEU B 916 -24.15 -29.85 -11.71
CA LEU B 916 -22.91 -30.18 -12.39
C LEU B 916 -21.72 -29.66 -11.61
N PHE B 917 -21.79 -28.41 -11.17
CA PHE B 917 -20.72 -27.78 -10.42
C PHE B 917 -20.44 -28.51 -9.10
N PHE B 918 -21.50 -28.79 -8.33
CA PHE B 918 -21.36 -29.46 -7.04
C PHE B 918 -20.79 -30.87 -7.19
N GLU B 919 -21.23 -31.62 -8.20
CA GLU B 919 -20.61 -32.89 -8.55
C GLU B 919 -19.26 -32.71 -9.25
N SER B 920 -18.92 -31.50 -9.70
CA SER B 920 -17.59 -31.23 -10.27
C SER B 920 -16.52 -31.18 -9.19
N LEU B 921 -16.72 -30.32 -8.20
CA LEU B 921 -15.84 -30.28 -7.04
C LEU B 921 -15.82 -31.59 -6.29
N GLU B 922 -16.89 -32.38 -6.40
CA GLU B 922 -16.93 -33.67 -5.72
C GLU B 922 -15.85 -34.60 -6.27
N ALA B 923 -15.47 -34.40 -7.54
CA ALA B 923 -14.28 -35.04 -8.08
C ALA B 923 -13.10 -34.86 -7.15
N GLN B 924 -12.91 -33.63 -6.69
CA GLN B 924 -11.93 -33.27 -5.69
C GLN B 924 -12.50 -33.56 -4.29
N GLY B 925 -11.64 -33.45 -3.28
CA GLY B 925 -12.07 -33.79 -1.94
C GLY B 925 -12.91 -32.68 -1.33
N SER B 926 -14.17 -32.54 -1.77
CA SER B 926 -15.06 -31.51 -1.23
C SER B 926 -16.48 -32.05 -1.01
N HIS B 927 -16.76 -32.63 0.16
CA HIS B 927 -18.11 -33.15 0.35
C HIS B 927 -19.07 -32.07 0.84
N LEU B 928 -18.83 -31.52 2.02
CA LEU B 928 -19.36 -30.20 2.36
C LEU B 928 -20.87 -30.03 2.61
N ASP B 929 -21.73 -31.00 2.28
CA ASP B 929 -23.09 -31.04 2.81
C ASP B 929 -24.05 -29.91 2.42
N ILE B 930 -23.53 -28.78 1.93
CA ILE B 930 -24.34 -27.60 1.59
C ILE B 930 -24.66 -27.70 0.11
N PHE B 931 -23.98 -28.60 -0.60
CA PHE B 931 -24.40 -28.95 -1.94
C PHE B 931 -25.81 -29.51 -1.91
N GLN B 932 -26.05 -30.53 -1.07
CA GLN B 932 -27.36 -31.16 -1.00
C GLN B 932 -28.44 -30.16 -0.63
N THR B 933 -28.22 -29.36 0.41
CA THR B 933 -29.26 -28.41 0.80
C THR B 933 -29.46 -27.29 -0.21
N VAL B 934 -28.39 -26.84 -0.90
CA VAL B 934 -28.57 -25.82 -1.93
C VAL B 934 -29.31 -26.40 -3.13
N LEU B 935 -29.11 -27.68 -3.40
CA LEU B 935 -29.79 -28.32 -4.52
C LEU B 935 -31.30 -28.28 -4.31
N GLU B 936 -31.75 -28.86 -3.20
CA GLU B 936 -33.18 -28.95 -2.91
C GLU B 936 -33.81 -27.57 -2.86
N THR B 937 -33.07 -26.57 -2.41
CA THR B 937 -33.61 -25.22 -2.41
C THR B 937 -33.61 -24.59 -3.80
N ILE B 938 -32.91 -25.18 -4.78
CA ILE B 938 -33.12 -24.80 -6.16
C ILE B 938 -34.28 -25.59 -6.76
N THR B 939 -34.40 -26.88 -6.44
CA THR B 939 -35.58 -27.67 -6.82
C THR B 939 -36.85 -27.03 -6.29
N LYS B 940 -36.99 -26.94 -4.95
CA LYS B 940 -38.20 -26.36 -4.34
C LYS B 940 -38.47 -24.93 -4.83
N ASN B 941 -37.45 -24.24 -5.32
CA ASN B 941 -37.61 -22.89 -5.87
C ASN B 941 -38.31 -22.93 -7.22
N ILE B 942 -37.94 -23.91 -8.08
CA ILE B 942 -38.60 -24.12 -9.37
C ILE B 942 -40.02 -24.61 -9.20
N LYS B 943 -40.23 -25.56 -8.28
CA LYS B 943 -41.53 -26.16 -8.03
C LYS B 943 -42.59 -25.11 -7.71
N TRP B 944 -42.18 -24.02 -7.06
CA TRP B 944 -43.15 -23.02 -6.62
C TRP B 944 -43.85 -22.37 -7.80
N LEU B 945 -43.09 -22.00 -8.84
CA LEU B 945 -43.71 -21.49 -10.07
C LEU B 945 -44.63 -22.53 -10.71
N GLU B 946 -44.20 -23.80 -10.71
CA GLU B 946 -44.90 -24.91 -11.35
C GLU B 946 -45.98 -25.52 -10.43
N LYS B 947 -46.41 -24.76 -9.41
CA LYS B 947 -47.68 -24.97 -8.73
C LYS B 947 -48.36 -23.64 -8.39
N ASN B 948 -47.72 -22.50 -8.69
CA ASN B 948 -48.24 -21.21 -8.25
C ASN B 948 -48.03 -20.08 -9.24
N LEU B 949 -47.40 -20.33 -10.39
CA LEU B 949 -47.40 -19.34 -11.46
C LEU B 949 -48.74 -19.33 -12.18
N PRO B 950 -49.31 -20.51 -12.54
CA PRO B 950 -50.68 -20.51 -13.09
C PRO B 950 -51.69 -19.78 -12.21
N THR B 951 -51.64 -19.99 -10.89
CA THR B 951 -52.50 -19.28 -9.95
C THR B 951 -52.00 -17.87 -9.65
N LEU B 952 -50.90 -17.46 -10.28
CA LEU B 952 -50.27 -16.18 -10.01
C LEU B 952 -50.81 -15.09 -10.93
N ARG B 953 -50.38 -13.85 -10.68
CA ARG B 953 -50.59 -12.67 -11.53
C ARG B 953 -52.06 -12.41 -11.86
N THR B 954 -52.97 -13.07 -11.13
CA THR B 954 -54.37 -12.70 -11.23
C THR B 954 -54.56 -11.29 -10.69
N TRP B 955 -54.11 -11.06 -9.44
CA TRP B 955 -54.12 -9.79 -8.71
C TRP B 955 -53.36 -8.68 -9.42
N LEU B 956 -52.62 -9.01 -10.48
CA LEU B 956 -51.86 -8.02 -11.23
C LEU B 956 -52.74 -6.82 -11.59
N MET B 957 -53.88 -7.10 -12.21
CA MET B 957 -54.91 -6.10 -12.44
C MET B 957 -56.28 -6.55 -11.92
N VAL B 958 -56.36 -7.74 -11.31
CA VAL B 958 -57.51 -8.08 -10.45
C VAL B 958 -57.51 -7.22 -9.19
N ASN B 959 -56.34 -6.61 -8.84
CA ASN B 959 -56.40 -5.54 -7.86
C ASN B 959 -55.78 -4.27 -8.46
N THR B 960 -56.10 -3.94 -9.73
CA THR B 960 -55.65 -2.74 -10.42
C THR B 960 -56.69 -2.24 -11.41
N ARG B 961 -56.83 -0.92 -11.49
CA ARG B 961 -57.80 -0.26 -12.36
C ARG B 961 -59.21 -0.77 -12.06
#